data_5ANS
# 
_entry.id   5ANS 
# 
_audit_conform.dict_name       mmcif_pdbx.dic 
_audit_conform.dict_version    5.391 
_audit_conform.dict_location   http://mmcif.pdb.org/dictionaries/ascii/mmcif_pdbx.dic 
# 
loop_
_database_2.database_id 
_database_2.database_code 
_database_2.pdbx_database_accession 
_database_2.pdbx_DOI 
PDB   5ANS         pdb_00005ans 10.2210/pdb5ans/pdb 
PDBE  EBI-64943    ?            ?                   
WWPDB D_1290064943 ?            ?                   
# 
loop_
_pdbx_audit_revision_history.ordinal 
_pdbx_audit_revision_history.data_content_type 
_pdbx_audit_revision_history.major_revision 
_pdbx_audit_revision_history.minor_revision 
_pdbx_audit_revision_history.revision_date 
1 'Structure model' 1 0 2016-03-02 
2 'Structure model' 1 1 2016-04-06 
3 'Structure model' 1 2 2024-05-08 
# 
_pdbx_audit_revision_details.ordinal             1 
_pdbx_audit_revision_details.revision_ordinal    1 
_pdbx_audit_revision_details.data_content_type   'Structure model' 
_pdbx_audit_revision_details.provider            repository 
_pdbx_audit_revision_details.type                'Initial release' 
_pdbx_audit_revision_details.description         ? 
_pdbx_audit_revision_details.details             ? 
# 
loop_
_pdbx_audit_revision_group.ordinal 
_pdbx_audit_revision_group.revision_ordinal 
_pdbx_audit_revision_group.data_content_type 
_pdbx_audit_revision_group.group 
1 2 'Structure model' 'Database references'  
2 3 'Structure model' 'Data collection'      
3 3 'Structure model' 'Database references'  
4 3 'Structure model' 'Derived calculations' 
5 3 'Structure model' Other                  
6 3 'Structure model' 'Structure summary'    
# 
loop_
_pdbx_audit_revision_category.ordinal 
_pdbx_audit_revision_category.revision_ordinal 
_pdbx_audit_revision_category.data_content_type 
_pdbx_audit_revision_category.category 
1 3 'Structure model' chem_comp            
2 3 'Structure model' chem_comp_atom       
3 3 'Structure model' chem_comp_bond       
4 3 'Structure model' database_2           
5 3 'Structure model' pdbx_database_status 
6 3 'Structure model' struct_site          
# 
loop_
_pdbx_audit_revision_item.ordinal 
_pdbx_audit_revision_item.revision_ordinal 
_pdbx_audit_revision_item.data_content_type 
_pdbx_audit_revision_item.item 
1 3 'Structure model' '_chem_comp.pdbx_synonyms'             
2 3 'Structure model' '_database_2.pdbx_DOI'                 
3 3 'Structure model' '_database_2.pdbx_database_accession'  
4 3 'Structure model' '_pdbx_database_status.status_code_sf' 
5 3 'Structure model' '_struct_site.pdbx_auth_asym_id'       
6 3 'Structure model' '_struct_site.pdbx_auth_comp_id'       
7 3 'Structure model' '_struct_site.pdbx_auth_seq_id'        
# 
_pdbx_database_status.status_code                     REL 
_pdbx_database_status.entry_id                        5ANS 
_pdbx_database_status.deposit_site                    PDBE 
_pdbx_database_status.process_site                    PDBE 
_pdbx_database_status.SG_entry                        . 
_pdbx_database_status.recvd_initial_deposition_date   2015-09-08 
_pdbx_database_status.pdb_format_compatible           Y 
_pdbx_database_status.status_code_sf                  REL 
_pdbx_database_status.status_code_mr                  ? 
_pdbx_database_status.status_code_cs                  ? 
_pdbx_database_status.methods_development_category    ? 
_pdbx_database_status.status_code_nmr_data            ? 
# 
loop_
_pdbx_database_related.db_name 
_pdbx_database_related.db_id 
_pdbx_database_related.content_type 
_pdbx_database_related.details 
PDB 5ANM unspecified 'CRYSTAL STRUCTURE OF IGE FC IN COMPLEX WITH A NEUTRALIZING ANTIBODY'            
PDB 5ANT unspecified 'POTENT AND SELECTIVE INHIBITORS OF MTH1 PROBE ITS ROLE IN CANCER CELL SURVIVAL' 
# 
loop_
_audit_author.name 
_audit_author.pdbx_ordinal 
'Kettle, J.G.'    1  
'Alwan, H.'       2  
'Bista, M.'       3  
'Breed, J.'       4  
'Kack, H.'        5  
'Eckersley, K.'   6  
'Foote, K.M.'     7  
'Fillery, S.'     8  
'Goodwin, L.'     9  
'Jones, D.'       10 
'Lau, A.'         11 
'Nissink, J.W.M.' 12 
'Read, J.'        13 
'Scott, J.'       14 
'Taylor, B.'      15 
'Walker, G.'      16 
'Wissler, L.'     17 
# 
_citation.id                        primary 
_citation.title                     'Potent and Selective Inhibitors of Mth1 Probe its Role in Cancer Cell Survival.' 
_citation.journal_abbrev            J.Med.Chem. 
_citation.journal_volume            59 
_citation.page_first                2346 
_citation.page_last                 ? 
_citation.year                      2016 
_citation.journal_id_ASTM           JMCMAR 
_citation.country                   US 
_citation.journal_id_ISSN           0022-2623 
_citation.journal_id_CSD            0151 
_citation.book_publisher            ? 
_citation.pdbx_database_id_PubMed   26878898 
_citation.pdbx_database_id_DOI      10.1021/ACS.JMEDCHEM.5B01760 
# 
loop_
_citation_author.citation_id 
_citation_author.name 
_citation_author.ordinal 
_citation_author.identifier_ORCID 
primary 'Kettle, J.G.'  1  ? 
primary 'Alwan, H.'     2  ? 
primary 'Bista, M.'     3  ? 
primary 'Breed, J.'     4  ? 
primary 'Davies, N.L.'  5  ? 
primary 'Eckersley, K.' 6  ? 
primary 'Fillery, S.'   7  ? 
primary 'Foote, K.M.'   8  ? 
primary 'Goodwin, L.'   9  ? 
primary 'Jones, D.R.'   10 ? 
primary 'Kack, H.'      11 ? 
primary 'Lau, A.'       12 ? 
primary 'Nissink, J.W.' 13 ? 
primary 'Read, J.'      14 ? 
primary 'Scott, J.S.'   15 ? 
primary 'Taylor, B.'    16 ? 
primary 'Walker, G.'    17 ? 
primary 'Wissler, L.'   18 ? 
primary 'Wylot, M.'     19 ? 
# 
loop_
_entity.id 
_entity.type 
_entity.src_method 
_entity.pdbx_description 
_entity.formula_weight 
_entity.pdbx_number_of_molecules 
_entity.pdbx_ec 
_entity.pdbx_mutation 
_entity.pdbx_fragment 
_entity.details 
1 polymer     man '7,8-DIHYDRO-8-OXOGUANINE TRIPHOSPHATASE'                                         20011.639 1   3.6.1.55 ? 
'RESIDUES 42-197' ? 
2 non-polymer syn '1-[4-amino-2-(ethoxymethyl)-1H-imidazo[4,5-c]quinolin-1-yl]-2-methylpropan-2-ol' 314.382   1   ?        ? ? ? 
3 water       nat water                                                                             18.015    128 ?        ? ? ? 
# 
_entity_name_com.entity_id   1 
_entity_name_com.name        
'2-HYDROXY-DATP DIPHOSPHATASE, 8-OXO-DGTPASE, NUCLEOSIDE DIPHOSPHATE-LINKED MOIETY X MOTIF 1, NUDIX MOTIF 1' 
# 
_entity_poly.entity_id                      1 
_entity_poly.type                           'polypeptide(L)' 
_entity_poly.nstd_linkage                   no 
_entity_poly.nstd_monomer                   no 
_entity_poly.pdbx_seq_one_letter_code       
;GSSHHHHHHSSGLVPRGSHMGASRLYTLVLVLQPQRVLLGMKKRGFGAGRWNGFGGKVQEGETIEDGARRELQEESGLTV
DALHKVGQIVFEFVGEPELMDVHVFCTDSIQGTPVESDEMRPCWFQLDQIPFKDMWPDDSYWFPLLLQKKKFHGYFKFQG
QDTILDYTLREVDTV
;
_entity_poly.pdbx_seq_one_letter_code_can   
;GSSHHHHHHSSGLVPRGSHMGASRLYTLVLVLQPQRVLLGMKKRGFGAGRWNGFGGKVQEGETIEDGARRELQEESGLTV
DALHKVGQIVFEFVGEPELMDVHVFCTDSIQGTPVESDEMRPCWFQLDQIPFKDMWPDDSYWFPLLLQKKKFHGYFKFQG
QDTILDYTLREVDTV
;
_entity_poly.pdbx_strand_id                 A 
_entity_poly.pdbx_target_identifier         ? 
# 
loop_
_pdbx_entity_nonpoly.entity_id 
_pdbx_entity_nonpoly.name 
_pdbx_entity_nonpoly.comp_id 
2 '1-[4-amino-2-(ethoxymethyl)-1H-imidazo[4,5-c]quinolin-1-yl]-2-methylpropan-2-ol' RX8 
3 water                                                                             HOH 
# 
loop_
_entity_poly_seq.entity_id 
_entity_poly_seq.num 
_entity_poly_seq.mon_id 
_entity_poly_seq.hetero 
1 1   GLY n 
1 2   SER n 
1 3   SER n 
1 4   HIS n 
1 5   HIS n 
1 6   HIS n 
1 7   HIS n 
1 8   HIS n 
1 9   HIS n 
1 10  SER n 
1 11  SER n 
1 12  GLY n 
1 13  LEU n 
1 14  VAL n 
1 15  PRO n 
1 16  ARG n 
1 17  GLY n 
1 18  SER n 
1 19  HIS n 
1 20  MET n 
1 21  GLY n 
1 22  ALA n 
1 23  SER n 
1 24  ARG n 
1 25  LEU n 
1 26  TYR n 
1 27  THR n 
1 28  LEU n 
1 29  VAL n 
1 30  LEU n 
1 31  VAL n 
1 32  LEU n 
1 33  GLN n 
1 34  PRO n 
1 35  GLN n 
1 36  ARG n 
1 37  VAL n 
1 38  LEU n 
1 39  LEU n 
1 40  GLY n 
1 41  MET n 
1 42  LYS n 
1 43  LYS n 
1 44  ARG n 
1 45  GLY n 
1 46  PHE n 
1 47  GLY n 
1 48  ALA n 
1 49  GLY n 
1 50  ARG n 
1 51  TRP n 
1 52  ASN n 
1 53  GLY n 
1 54  PHE n 
1 55  GLY n 
1 56  GLY n 
1 57  LYS n 
1 58  VAL n 
1 59  GLN n 
1 60  GLU n 
1 61  GLY n 
1 62  GLU n 
1 63  THR n 
1 64  ILE n 
1 65  GLU n 
1 66  ASP n 
1 67  GLY n 
1 68  ALA n 
1 69  ARG n 
1 70  ARG n 
1 71  GLU n 
1 72  LEU n 
1 73  GLN n 
1 74  GLU n 
1 75  GLU n 
1 76  SER n 
1 77  GLY n 
1 78  LEU n 
1 79  THR n 
1 80  VAL n 
1 81  ASP n 
1 82  ALA n 
1 83  LEU n 
1 84  HIS n 
1 85  LYS n 
1 86  VAL n 
1 87  GLY n 
1 88  GLN n 
1 89  ILE n 
1 90  VAL n 
1 91  PHE n 
1 92  GLU n 
1 93  PHE n 
1 94  VAL n 
1 95  GLY n 
1 96  GLU n 
1 97  PRO n 
1 98  GLU n 
1 99  LEU n 
1 100 MET n 
1 101 ASP n 
1 102 VAL n 
1 103 HIS n 
1 104 VAL n 
1 105 PHE n 
1 106 CYS n 
1 107 THR n 
1 108 ASP n 
1 109 SER n 
1 110 ILE n 
1 111 GLN n 
1 112 GLY n 
1 113 THR n 
1 114 PRO n 
1 115 VAL n 
1 116 GLU n 
1 117 SER n 
1 118 ASP n 
1 119 GLU n 
1 120 MET n 
1 121 ARG n 
1 122 PRO n 
1 123 CYS n 
1 124 TRP n 
1 125 PHE n 
1 126 GLN n 
1 127 LEU n 
1 128 ASP n 
1 129 GLN n 
1 130 ILE n 
1 131 PRO n 
1 132 PHE n 
1 133 LYS n 
1 134 ASP n 
1 135 MET n 
1 136 TRP n 
1 137 PRO n 
1 138 ASP n 
1 139 ASP n 
1 140 SER n 
1 141 TYR n 
1 142 TRP n 
1 143 PHE n 
1 144 PRO n 
1 145 LEU n 
1 146 LEU n 
1 147 LEU n 
1 148 GLN n 
1 149 LYS n 
1 150 LYS n 
1 151 LYS n 
1 152 PHE n 
1 153 HIS n 
1 154 GLY n 
1 155 TYR n 
1 156 PHE n 
1 157 LYS n 
1 158 PHE n 
1 159 GLN n 
1 160 GLY n 
1 161 GLN n 
1 162 ASP n 
1 163 THR n 
1 164 ILE n 
1 165 LEU n 
1 166 ASP n 
1 167 TYR n 
1 168 THR n 
1 169 LEU n 
1 170 ARG n 
1 171 GLU n 
1 172 VAL n 
1 173 ASP n 
1 174 THR n 
1 175 VAL n 
# 
_entity_src_gen.entity_id                          1 
_entity_src_gen.pdbx_src_id                        1 
_entity_src_gen.pdbx_alt_source_flag               sample 
_entity_src_gen.pdbx_seq_type                      ? 
_entity_src_gen.pdbx_beg_seq_num                   ? 
_entity_src_gen.pdbx_end_seq_num                   ? 
_entity_src_gen.gene_src_common_name               HUMAN 
_entity_src_gen.gene_src_genus                     ? 
_entity_src_gen.pdbx_gene_src_gene                 ? 
_entity_src_gen.gene_src_species                   ? 
_entity_src_gen.gene_src_strain                    ? 
_entity_src_gen.gene_src_tissue                    ? 
_entity_src_gen.gene_src_tissue_fraction           ? 
_entity_src_gen.gene_src_details                   ? 
_entity_src_gen.pdbx_gene_src_fragment             ? 
_entity_src_gen.pdbx_gene_src_scientific_name      'HOMO SAPIENS' 
_entity_src_gen.pdbx_gene_src_ncbi_taxonomy_id     9606 
_entity_src_gen.pdbx_gene_src_variant              ? 
_entity_src_gen.pdbx_gene_src_cell_line            ? 
_entity_src_gen.pdbx_gene_src_atcc                 ? 
_entity_src_gen.pdbx_gene_src_organ                ? 
_entity_src_gen.pdbx_gene_src_organelle            ? 
_entity_src_gen.pdbx_gene_src_cell                 ? 
_entity_src_gen.pdbx_gene_src_cellular_location    ? 
_entity_src_gen.host_org_common_name               ? 
_entity_src_gen.pdbx_host_org_scientific_name      'ESCHERICHIA COLI' 
_entity_src_gen.pdbx_host_org_ncbi_taxonomy_id     469008 
_entity_src_gen.host_org_genus                     ? 
_entity_src_gen.pdbx_host_org_gene                 ? 
_entity_src_gen.pdbx_host_org_organ                ? 
_entity_src_gen.host_org_species                   ? 
_entity_src_gen.pdbx_host_org_tissue               ? 
_entity_src_gen.pdbx_host_org_tissue_fraction      ? 
_entity_src_gen.pdbx_host_org_strain               'BL21(DE3)' 
_entity_src_gen.pdbx_host_org_variant              GOLD 
_entity_src_gen.pdbx_host_org_cell_line            ? 
_entity_src_gen.pdbx_host_org_atcc                 ? 
_entity_src_gen.pdbx_host_org_culture_collection   ? 
_entity_src_gen.pdbx_host_org_cell                 ? 
_entity_src_gen.pdbx_host_org_organelle            ? 
_entity_src_gen.pdbx_host_org_cellular_location    ? 
_entity_src_gen.pdbx_host_org_vector_type          ? 
_entity_src_gen.pdbx_host_org_vector               ? 
_entity_src_gen.host_org_details                   ? 
_entity_src_gen.expression_system_id               ? 
_entity_src_gen.plasmid_name                       ? 
_entity_src_gen.plasmid_details                    ? 
_entity_src_gen.pdbx_description                   ? 
# 
loop_
_chem_comp.id 
_chem_comp.type 
_chem_comp.mon_nstd_flag 
_chem_comp.name 
_chem_comp.pdbx_synonyms 
_chem_comp.formula 
_chem_comp.formula_weight 
ALA 'L-peptide linking' y ALANINE                                                                           ?                  
'C3 H7 N O2'     89.093  
ARG 'L-peptide linking' y ARGININE                                                                          ?                  
'C6 H15 N4 O2 1' 175.209 
ASN 'L-peptide linking' y ASPARAGINE                                                                        ?                  
'C4 H8 N2 O3'    132.118 
ASP 'L-peptide linking' y 'ASPARTIC ACID'                                                                   ?                  
'C4 H7 N O4'     133.103 
CYS 'L-peptide linking' y CYSTEINE                                                                          ?                  
'C3 H7 N O2 S'   121.158 
GLN 'L-peptide linking' y GLUTAMINE                                                                         ?                  
'C5 H10 N2 O3'   146.144 
GLU 'L-peptide linking' y 'GLUTAMIC ACID'                                                                   ?                  
'C5 H9 N O4'     147.129 
GLY 'peptide linking'   y GLYCINE                                                                           ?                  
'C2 H5 N O2'     75.067  
HIS 'L-peptide linking' y HISTIDINE                                                                         ?                  
'C6 H10 N3 O2 1' 156.162 
HOH non-polymer         . WATER                                                                             ?                  
'H2 O'           18.015  
ILE 'L-peptide linking' y ISOLEUCINE                                                                        ?                  
'C6 H13 N O2'    131.173 
LEU 'L-peptide linking' y LEUCINE                                                                           ?                  
'C6 H13 N O2'    131.173 
LYS 'L-peptide linking' y LYSINE                                                                            ?                  
'C6 H15 N2 O2 1' 147.195 
MET 'L-peptide linking' y METHIONINE                                                                        ?                  
'C5 H11 N O2 S'  149.211 
PHE 'L-peptide linking' y PHENYLALANINE                                                                     ?                  
'C9 H11 N O2'    165.189 
PRO 'L-peptide linking' y PROLINE                                                                           ?                  
'C5 H9 N O2'     115.130 
RX8 non-polymer         . '1-[4-amino-2-(ethoxymethyl)-1H-imidazo[4,5-c]quinolin-1-yl]-2-methylpropan-2-ol' 'R848; Resiquimod' 
'C17 H22 N4 O2'  314.382 
SER 'L-peptide linking' y SERINE                                                                            ?                  
'C3 H7 N O3'     105.093 
THR 'L-peptide linking' y THREONINE                                                                         ?                  
'C4 H9 N O3'     119.119 
TRP 'L-peptide linking' y TRYPTOPHAN                                                                        ?                  
'C11 H12 N2 O2'  204.225 
TYR 'L-peptide linking' y TYROSINE                                                                          ?                  
'C9 H11 N O3'    181.189 
VAL 'L-peptide linking' y VALINE                                                                            ?                  
'C5 H11 N O2'    117.146 
# 
loop_
_pdbx_poly_seq_scheme.asym_id 
_pdbx_poly_seq_scheme.entity_id 
_pdbx_poly_seq_scheme.seq_id 
_pdbx_poly_seq_scheme.mon_id 
_pdbx_poly_seq_scheme.ndb_seq_num 
_pdbx_poly_seq_scheme.pdb_seq_num 
_pdbx_poly_seq_scheme.auth_seq_num 
_pdbx_poly_seq_scheme.pdb_mon_id 
_pdbx_poly_seq_scheme.auth_mon_id 
_pdbx_poly_seq_scheme.pdb_strand_id 
_pdbx_poly_seq_scheme.pdb_ins_code 
_pdbx_poly_seq_scheme.hetero 
A 1 1   GLY 1   -18 ?   ?   ?   A . n 
A 1 2   SER 2   -17 ?   ?   ?   A . n 
A 1 3   SER 3   -16 ?   ?   ?   A . n 
A 1 4   HIS 4   -15 ?   ?   ?   A . n 
A 1 5   HIS 5   -14 ?   ?   ?   A . n 
A 1 6   HIS 6   -13 ?   ?   ?   A . n 
A 1 7   HIS 7   -12 ?   ?   ?   A . n 
A 1 8   HIS 8   -11 ?   ?   ?   A . n 
A 1 9   HIS 9   -10 ?   ?   ?   A . n 
A 1 10  SER 10  -9  ?   ?   ?   A . n 
A 1 11  SER 11  -8  ?   ?   ?   A . n 
A 1 12  GLY 12  -7  ?   ?   ?   A . n 
A 1 13  LEU 13  -6  ?   ?   ?   A . n 
A 1 14  VAL 14  -5  ?   ?   ?   A . n 
A 1 15  PRO 15  -4  ?   ?   ?   A . n 
A 1 16  ARG 16  -3  ?   ?   ?   A . n 
A 1 17  GLY 17  -2  ?   ?   ?   A . n 
A 1 18  SER 18  -1  ?   ?   ?   A . n 
A 1 19  HIS 19  0   ?   ?   ?   A . n 
A 1 20  MET 20  1   ?   ?   ?   A . n 
A 1 21  GLY 21  2   2   GLY GLY A . n 
A 1 22  ALA 22  3   3   ALA ALA A . n 
A 1 23  SER 23  4   4   SER SER A . n 
A 1 24  ARG 24  5   5   ARG ARG A . n 
A 1 25  LEU 25  6   6   LEU LEU A . n 
A 1 26  TYR 26  7   7   TYR TYR A . n 
A 1 27  THR 27  8   8   THR THR A . n 
A 1 28  LEU 28  9   9   LEU LEU A . n 
A 1 29  VAL 29  10  10  VAL VAL A . n 
A 1 30  LEU 30  11  11  LEU LEU A . n 
A 1 31  VAL 31  12  12  VAL VAL A . n 
A 1 32  LEU 32  13  13  LEU LEU A . n 
A 1 33  GLN 33  14  14  GLN GLN A . n 
A 1 34  PRO 34  15  15  PRO PRO A . n 
A 1 35  GLN 35  16  16  GLN GLN A . n 
A 1 36  ARG 36  17  17  ARG ARG A . n 
A 1 37  VAL 37  18  18  VAL VAL A . n 
A 1 38  LEU 38  19  19  LEU LEU A . n 
A 1 39  LEU 39  20  20  LEU LEU A . n 
A 1 40  GLY 40  21  21  GLY GLY A . n 
A 1 41  MET 41  22  22  MET MET A . n 
A 1 42  LYS 42  23  23  LYS LYS A . n 
A 1 43  LYS 43  24  24  LYS LYS A . n 
A 1 44  ARG 44  25  25  ARG ARG A . n 
A 1 45  GLY 45  26  26  GLY GLY A . n 
A 1 46  PHE 46  27  27  PHE PHE A . n 
A 1 47  GLY 47  28  28  GLY GLY A . n 
A 1 48  ALA 48  29  29  ALA ALA A . n 
A 1 49  GLY 49  30  30  GLY GLY A . n 
A 1 50  ARG 50  31  31  ARG ARG A . n 
A 1 51  TRP 51  32  32  TRP TRP A . n 
A 1 52  ASN 52  33  33  ASN ASN A . n 
A 1 53  GLY 53  34  34  GLY GLY A . n 
A 1 54  PHE 54  35  35  PHE PHE A . n 
A 1 55  GLY 55  36  36  GLY GLY A . n 
A 1 56  GLY 56  37  37  GLY GLY A . n 
A 1 57  LYS 57  38  38  LYS LYS A . n 
A 1 58  VAL 58  39  39  VAL VAL A . n 
A 1 59  GLN 59  40  40  GLN GLN A . n 
A 1 60  GLU 60  41  41  GLU GLU A . n 
A 1 61  GLY 61  42  42  GLY GLY A . n 
A 1 62  GLU 62  43  43  GLU GLU A . n 
A 1 63  THR 63  44  44  THR THR A . n 
A 1 64  ILE 64  45  45  ILE ILE A . n 
A 1 65  GLU 65  46  46  GLU GLU A . n 
A 1 66  ASP 66  47  47  ASP ASP A . n 
A 1 67  GLY 67  48  48  GLY GLY A . n 
A 1 68  ALA 68  49  49  ALA ALA A . n 
A 1 69  ARG 69  50  50  ARG ARG A . n 
A 1 70  ARG 70  51  51  ARG ARG A . n 
A 1 71  GLU 71  52  52  GLU GLU A . n 
A 1 72  LEU 72  53  53  LEU LEU A . n 
A 1 73  GLN 73  54  54  GLN GLN A . n 
A 1 74  GLU 74  55  55  GLU GLU A . n 
A 1 75  GLU 75  56  56  GLU GLU A . n 
A 1 76  SER 76  57  57  SER SER A . n 
A 1 77  GLY 77  58  58  GLY GLY A . n 
A 1 78  LEU 78  59  59  LEU LEU A . n 
A 1 79  THR 79  60  60  THR THR A . n 
A 1 80  VAL 80  61  61  VAL VAL A . n 
A 1 81  ASP 81  62  62  ASP ASP A . n 
A 1 82  ALA 82  63  63  ALA ALA A . n 
A 1 83  LEU 83  64  64  LEU LEU A . n 
A 1 84  HIS 84  65  65  HIS HIS A . n 
A 1 85  LYS 85  66  66  LYS LYS A . n 
A 1 86  VAL 86  67  67  VAL VAL A . n 
A 1 87  GLY 87  68  68  GLY GLY A . n 
A 1 88  GLN 88  69  69  GLN GLN A . n 
A 1 89  ILE 89  70  70  ILE ILE A . n 
A 1 90  VAL 90  71  71  VAL VAL A . n 
A 1 91  PHE 91  72  72  PHE PHE A . n 
A 1 92  GLU 92  73  73  GLU GLU A . n 
A 1 93  PHE 93  74  74  PHE PHE A . n 
A 1 94  VAL 94  75  75  VAL VAL A . n 
A 1 95  GLY 95  76  76  GLY GLY A . n 
A 1 96  GLU 96  77  77  GLU GLU A . n 
A 1 97  PRO 97  78  78  PRO PRO A . n 
A 1 98  GLU 98  79  79  GLU GLU A . n 
A 1 99  LEU 99  80  80  LEU LEU A . n 
A 1 100 MET 100 81  81  MET MET A . n 
A 1 101 ASP 101 82  82  ASP ASP A . n 
A 1 102 VAL 102 83  83  VAL VAL A . n 
A 1 103 HIS 103 84  84  HIS HIS A . n 
A 1 104 VAL 104 85  85  VAL VAL A . n 
A 1 105 PHE 105 86  86  PHE PHE A . n 
A 1 106 CYS 106 87  87  CYS CYS A . n 
A 1 107 THR 107 88  88  THR THR A . n 
A 1 108 ASP 108 89  89  ASP ASP A . n 
A 1 109 SER 109 90  90  SER SER A . n 
A 1 110 ILE 110 91  91  ILE ILE A . n 
A 1 111 GLN 111 92  92  GLN GLN A . n 
A 1 112 GLY 112 93  93  GLY GLY A . n 
A 1 113 THR 113 94  94  THR THR A . n 
A 1 114 PRO 114 95  95  PRO PRO A . n 
A 1 115 VAL 115 96  96  VAL VAL A . n 
A 1 116 GLU 116 97  97  GLU GLU A . n 
A 1 117 SER 117 98  98  SER SER A . n 
A 1 118 ASP 118 99  99  ASP ASP A . n 
A 1 119 GLU 119 100 100 GLU GLU A . n 
A 1 120 MET 120 101 101 MET MET A . n 
A 1 121 ARG 121 102 102 ARG ARG A . n 
A 1 122 PRO 122 103 103 PRO PRO A . n 
A 1 123 CYS 123 104 104 CYS CYS A . n 
A 1 124 TRP 124 105 105 TRP TRP A . n 
A 1 125 PHE 125 106 106 PHE PHE A . n 
A 1 126 GLN 126 107 107 GLN GLN A . n 
A 1 127 LEU 127 108 108 LEU LEU A . n 
A 1 128 ASP 128 109 109 ASP ASP A . n 
A 1 129 GLN 129 110 110 GLN GLN A . n 
A 1 130 ILE 130 111 111 ILE ILE A . n 
A 1 131 PRO 131 112 112 PRO PRO A . n 
A 1 132 PHE 132 113 113 PHE PHE A . n 
A 1 133 LYS 133 114 114 LYS LYS A . n 
A 1 134 ASP 134 115 115 ASP ASP A . n 
A 1 135 MET 135 116 116 MET MET A . n 
A 1 136 TRP 136 117 117 TRP TRP A . n 
A 1 137 PRO 137 118 118 PRO PRO A . n 
A 1 138 ASP 138 119 119 ASP ASP A . n 
A 1 139 ASP 139 120 120 ASP ASP A . n 
A 1 140 SER 140 121 121 SER SER A . n 
A 1 141 TYR 141 122 122 TYR TYR A . n 
A 1 142 TRP 142 123 123 TRP TRP A . n 
A 1 143 PHE 143 124 124 PHE PHE A . n 
A 1 144 PRO 144 125 125 PRO PRO A . n 
A 1 145 LEU 145 126 126 LEU LEU A . n 
A 1 146 LEU 146 127 127 LEU LEU A . n 
A 1 147 LEU 147 128 128 LEU LEU A . n 
A 1 148 GLN 148 129 129 GLN GLN A . n 
A 1 149 LYS 149 130 130 LYS LYS A . n 
A 1 150 LYS 150 131 131 LYS LYS A . n 
A 1 151 LYS 151 132 132 LYS LYS A . n 
A 1 152 PHE 152 133 133 PHE PHE A . n 
A 1 153 HIS 153 134 134 HIS HIS A . n 
A 1 154 GLY 154 135 135 GLY GLY A . n 
A 1 155 TYR 155 136 136 TYR TYR A . n 
A 1 156 PHE 156 137 137 PHE PHE A . n 
A 1 157 LYS 157 138 138 LYS LYS A . n 
A 1 158 PHE 158 139 139 PHE PHE A . n 
A 1 159 GLN 159 140 140 GLN GLN A . n 
A 1 160 GLY 160 141 141 GLY GLY A . n 
A 1 161 GLN 161 142 142 GLN GLN A . n 
A 1 162 ASP 162 143 143 ASP ASP A . n 
A 1 163 THR 163 144 144 THR THR A . n 
A 1 164 ILE 164 145 145 ILE ILE A . n 
A 1 165 LEU 165 146 146 LEU LEU A . n 
A 1 166 ASP 166 147 147 ASP ASP A . n 
A 1 167 TYR 167 148 148 TYR TYR A . n 
A 1 168 THR 168 149 149 THR THR A . n 
A 1 169 LEU 169 150 150 LEU LEU A . n 
A 1 170 ARG 170 151 151 ARG ARG A . n 
A 1 171 GLU 171 152 152 GLU GLU A . n 
A 1 172 VAL 172 153 153 VAL VAL A . n 
A 1 173 ASP 173 154 154 ASP ASP A . n 
A 1 174 THR 174 155 155 THR THR A . n 
A 1 175 VAL 175 156 156 VAL VAL A . n 
# 
loop_
_pdbx_nonpoly_scheme.asym_id 
_pdbx_nonpoly_scheme.entity_id 
_pdbx_nonpoly_scheme.mon_id 
_pdbx_nonpoly_scheme.ndb_seq_num 
_pdbx_nonpoly_scheme.pdb_seq_num 
_pdbx_nonpoly_scheme.auth_seq_num 
_pdbx_nonpoly_scheme.pdb_mon_id 
_pdbx_nonpoly_scheme.auth_mon_id 
_pdbx_nonpoly_scheme.pdb_strand_id 
_pdbx_nonpoly_scheme.pdb_ins_code 
B 2 RX8 1   1157 1157 RX8 RX8 A . 
C 3 HOH 1   2001 2001 HOH HOH A . 
C 3 HOH 2   2002 2002 HOH HOH A . 
C 3 HOH 3   2003 2003 HOH HOH A . 
C 3 HOH 4   2004 2004 HOH HOH A . 
C 3 HOH 5   2005 2005 HOH HOH A . 
C 3 HOH 6   2006 2006 HOH HOH A . 
C 3 HOH 7   2007 2007 HOH HOH A . 
C 3 HOH 8   2008 2008 HOH HOH A . 
C 3 HOH 9   2009 2009 HOH HOH A . 
C 3 HOH 10  2010 2010 HOH HOH A . 
C 3 HOH 11  2011 2011 HOH HOH A . 
C 3 HOH 12  2012 2012 HOH HOH A . 
C 3 HOH 13  2013 2013 HOH HOH A . 
C 3 HOH 14  2014 2014 HOH HOH A . 
C 3 HOH 15  2015 2015 HOH HOH A . 
C 3 HOH 16  2016 2016 HOH HOH A . 
C 3 HOH 17  2017 2017 HOH HOH A . 
C 3 HOH 18  2018 2018 HOH HOH A . 
C 3 HOH 19  2019 2019 HOH HOH A . 
C 3 HOH 20  2020 2020 HOH HOH A . 
C 3 HOH 21  2021 2021 HOH HOH A . 
C 3 HOH 22  2022 2022 HOH HOH A . 
C 3 HOH 23  2023 2023 HOH HOH A . 
C 3 HOH 24  2024 2024 HOH HOH A . 
C 3 HOH 25  2025 2025 HOH HOH A . 
C 3 HOH 26  2026 2026 HOH HOH A . 
C 3 HOH 27  2027 2027 HOH HOH A . 
C 3 HOH 28  2028 2028 HOH HOH A . 
C 3 HOH 29  2029 2029 HOH HOH A . 
C 3 HOH 30  2030 2030 HOH HOH A . 
C 3 HOH 31  2031 2031 HOH HOH A . 
C 3 HOH 32  2032 2032 HOH HOH A . 
C 3 HOH 33  2033 2033 HOH HOH A . 
C 3 HOH 34  2034 2034 HOH HOH A . 
C 3 HOH 35  2035 2035 HOH HOH A . 
C 3 HOH 36  2036 2036 HOH HOH A . 
C 3 HOH 37  2037 2037 HOH HOH A . 
C 3 HOH 38  2038 2038 HOH HOH A . 
C 3 HOH 39  2039 2039 HOH HOH A . 
C 3 HOH 40  2040 2040 HOH HOH A . 
C 3 HOH 41  2041 2041 HOH HOH A . 
C 3 HOH 42  2042 2042 HOH HOH A . 
C 3 HOH 43  2043 2043 HOH HOH A . 
C 3 HOH 44  2044 2044 HOH HOH A . 
C 3 HOH 45  2045 2045 HOH HOH A . 
C 3 HOH 46  2046 2046 HOH HOH A . 
C 3 HOH 47  2047 2047 HOH HOH A . 
C 3 HOH 48  2048 2048 HOH HOH A . 
C 3 HOH 49  2049 2049 HOH HOH A . 
C 3 HOH 50  2050 2050 HOH HOH A . 
C 3 HOH 51  2051 2051 HOH HOH A . 
C 3 HOH 52  2052 2052 HOH HOH A . 
C 3 HOH 53  2053 2053 HOH HOH A . 
C 3 HOH 54  2054 2054 HOH HOH A . 
C 3 HOH 55  2055 2055 HOH HOH A . 
C 3 HOH 56  2056 2056 HOH HOH A . 
C 3 HOH 57  2057 2057 HOH HOH A . 
C 3 HOH 58  2058 2058 HOH HOH A . 
C 3 HOH 59  2059 2059 HOH HOH A . 
C 3 HOH 60  2060 2060 HOH HOH A . 
C 3 HOH 61  2061 2061 HOH HOH A . 
C 3 HOH 62  2062 2062 HOH HOH A . 
C 3 HOH 63  2063 2063 HOH HOH A . 
C 3 HOH 64  2064 2064 HOH HOH A . 
C 3 HOH 65  2065 2065 HOH HOH A . 
C 3 HOH 66  2066 2066 HOH HOH A . 
C 3 HOH 67  2067 2067 HOH HOH A . 
C 3 HOH 68  2068 2068 HOH HOH A . 
C 3 HOH 69  2069 2069 HOH HOH A . 
C 3 HOH 70  2070 2070 HOH HOH A . 
C 3 HOH 71  2071 2071 HOH HOH A . 
C 3 HOH 72  2072 2072 HOH HOH A . 
C 3 HOH 73  2073 2073 HOH HOH A . 
C 3 HOH 74  2074 2074 HOH HOH A . 
C 3 HOH 75  2075 2075 HOH HOH A . 
C 3 HOH 76  2076 2076 HOH HOH A . 
C 3 HOH 77  2077 2077 HOH HOH A . 
C 3 HOH 78  2078 2078 HOH HOH A . 
C 3 HOH 79  2079 2079 HOH HOH A . 
C 3 HOH 80  2080 2080 HOH HOH A . 
C 3 HOH 81  2081 2081 HOH HOH A . 
C 3 HOH 82  2082 2082 HOH HOH A . 
C 3 HOH 83  2083 2083 HOH HOH A . 
C 3 HOH 84  2084 2084 HOH HOH A . 
C 3 HOH 85  2085 2085 HOH HOH A . 
C 3 HOH 86  2086 2086 HOH HOH A . 
C 3 HOH 87  2087 2087 HOH HOH A . 
C 3 HOH 88  2088 2088 HOH HOH A . 
C 3 HOH 89  2089 2089 HOH HOH A . 
C 3 HOH 90  2090 2090 HOH HOH A . 
C 3 HOH 91  2091 2091 HOH HOH A . 
C 3 HOH 92  2092 2092 HOH HOH A . 
C 3 HOH 93  2093 2093 HOH HOH A . 
C 3 HOH 94  2094 2094 HOH HOH A . 
C 3 HOH 95  2095 2095 HOH HOH A . 
C 3 HOH 96  2096 2096 HOH HOH A . 
C 3 HOH 97  2097 2097 HOH HOH A . 
C 3 HOH 98  2098 2098 HOH HOH A . 
C 3 HOH 99  2099 2099 HOH HOH A . 
C 3 HOH 100 2100 2100 HOH HOH A . 
C 3 HOH 101 2101 2101 HOH HOH A . 
C 3 HOH 102 2102 2102 HOH HOH A . 
C 3 HOH 103 2103 2103 HOH HOH A . 
C 3 HOH 104 2104 2104 HOH HOH A . 
C 3 HOH 105 2105 2105 HOH HOH A . 
C 3 HOH 106 2106 2106 HOH HOH A . 
C 3 HOH 107 2107 2107 HOH HOH A . 
C 3 HOH 108 2108 2108 HOH HOH A . 
C 3 HOH 109 2109 2109 HOH HOH A . 
C 3 HOH 110 2110 2110 HOH HOH A . 
C 3 HOH 111 2111 2111 HOH HOH A . 
C 3 HOH 112 2112 2112 HOH HOH A . 
C 3 HOH 113 2113 2113 HOH HOH A . 
C 3 HOH 114 2114 2114 HOH HOH A . 
C 3 HOH 115 2115 2115 HOH HOH A . 
C 3 HOH 116 2116 2116 HOH HOH A . 
C 3 HOH 117 2117 2117 HOH HOH A . 
C 3 HOH 118 2118 2118 HOH HOH A . 
C 3 HOH 119 2119 2119 HOH HOH A . 
C 3 HOH 120 2120 2120 HOH HOH A . 
C 3 HOH 121 2121 2121 HOH HOH A . 
C 3 HOH 122 2122 2122 HOH HOH A . 
C 3 HOH 123 2123 2123 HOH HOH A . 
C 3 HOH 124 2124 2124 HOH HOH A . 
C 3 HOH 125 2125 2125 HOH HOH A . 
C 3 HOH 126 2126 2126 HOH HOH A . 
C 3 HOH 127 2127 2127 HOH HOH A . 
C 3 HOH 128 2128 2128 HOH HOH A . 
# 
_pdbx_unobs_or_zero_occ_atoms.id               1 
_pdbx_unobs_or_zero_occ_atoms.PDB_model_num    1 
_pdbx_unobs_or_zero_occ_atoms.polymer_flag     Y 
_pdbx_unobs_or_zero_occ_atoms.occupancy_flag   1 
_pdbx_unobs_or_zero_occ_atoms.auth_asym_id     A 
_pdbx_unobs_or_zero_occ_atoms.auth_comp_id     VAL 
_pdbx_unobs_or_zero_occ_atoms.auth_seq_id      156 
_pdbx_unobs_or_zero_occ_atoms.PDB_ins_code     ? 
_pdbx_unobs_or_zero_occ_atoms.auth_atom_id     O 
_pdbx_unobs_or_zero_occ_atoms.label_alt_id     ? 
_pdbx_unobs_or_zero_occ_atoms.label_asym_id    A 
_pdbx_unobs_or_zero_occ_atoms.label_comp_id    VAL 
_pdbx_unobs_or_zero_occ_atoms.label_seq_id     175 
_pdbx_unobs_or_zero_occ_atoms.label_atom_id    O 
# 
loop_
_software.name 
_software.classification 
_software.version 
_software.citation_id 
_software.pdbx_ordinal 
REFMAC refinement       5.2.0005 ? 1 
MOSFLM 'data reduction' .        ? 2 
SCALA  'data scaling'   .        ? 3 
MOLREP phasing          .        ? 4 
# 
_cell.entry_id           5ANS 
_cell.length_a           45.327 
_cell.length_b           45.327 
_cell.length_c           151.730 
_cell.angle_alpha        90.00 
_cell.angle_beta         90.00 
_cell.angle_gamma        90.00 
_cell.Z_PDB              8 
_cell.pdbx_unique_axis   ? 
# 
_symmetry.entry_id                         5ANS 
_symmetry.space_group_name_H-M             'P 41 21 2' 
_symmetry.pdbx_full_space_group_name_H-M   ? 
_symmetry.cell_setting                     ? 
_symmetry.Int_Tables_number                92 
# 
_exptl.entry_id          5ANS 
_exptl.method            'X-RAY DIFFRACTION' 
_exptl.crystals_number   1 
# 
_exptl_crystal.id                    1 
_exptl_crystal.density_meas          ? 
_exptl_crystal.density_Matthews      2.2 
_exptl_crystal.density_percent_sol   44 
_exptl_crystal.description           'IN IN-HOUSE APO STRUCTURE DETERMINED BY MAD PHASING WAS USED AS SEARCH MODEL.' 
# 
_diffrn.id                     1 
_diffrn.ambient_temp           100 
_diffrn.ambient_temp_details   ? 
_diffrn.crystal_id             1 
# 
_diffrn_detector.diffrn_id              1 
_diffrn_detector.detector               CCD 
_diffrn_detector.type                   'ADSC CCD' 
_diffrn_detector.pdbx_collection_date   2005-02-10 
_diffrn_detector.details                'TOROIDAL MIRROR' 
# 
_diffrn_radiation.diffrn_id                        1 
_diffrn_radiation.wavelength_id                    1 
_diffrn_radiation.pdbx_monochromatic_or_laue_m_l   M 
_diffrn_radiation.monochromator                    'SI (111)' 
_diffrn_radiation.pdbx_diffrn_protocol             'SINGLE WAVELENGTH' 
_diffrn_radiation.pdbx_scattering_type             x-ray 
# 
_diffrn_radiation_wavelength.id           1 
_diffrn_radiation_wavelength.wavelength   0.9756 
_diffrn_radiation_wavelength.wt           1.0 
# 
_diffrn_source.diffrn_id                   1 
_diffrn_source.source                      SYNCHROTRON 
_diffrn_source.type                        'ESRF BEAMLINE ID29' 
_diffrn_source.pdbx_synchrotron_site       ESRF 
_diffrn_source.pdbx_synchrotron_beamline   ID29 
_diffrn_source.pdbx_wavelength             0.9756 
_diffrn_source.pdbx_wavelength_list        ? 
# 
_reflns.pdbx_diffrn_id               1 
_reflns.pdbx_ordinal                 1 
_reflns.entry_id                     5ANS 
_reflns.observed_criterion_sigma_I   . 
_reflns.observed_criterion_sigma_F   ? 
_reflns.d_resolution_low             33.70 
_reflns.d_resolution_high            1.60 
_reflns.number_obs                   21613 
_reflns.number_all                   ? 
_reflns.percent_possible_obs         99.3 
_reflns.pdbx_Rmerge_I_obs            0.07 
_reflns.pdbx_Rsym_value              ? 
_reflns.pdbx_netI_over_sigmaI        17.00 
_reflns.B_iso_Wilson_estimate        ? 
_reflns.pdbx_redundancy              6.9 
# 
_reflns_shell.pdbx_diffrn_id         1 
_reflns_shell.pdbx_ordinal           1 
_reflns_shell.d_res_high             1.60 
_reflns_shell.d_res_low              1.69 
_reflns_shell.percent_possible_all   99.5 
_reflns_shell.Rmerge_I_obs           0.30 
_reflns_shell.pdbx_Rsym_value        ? 
_reflns_shell.meanI_over_sigI_obs    5.60 
_reflns_shell.pdbx_redundancy        7.0 
# 
_refine.pdbx_refine_id                           'X-RAY DIFFRACTION' 
_refine.entry_id                                 5ANS 
_refine.pdbx_diffrn_id                           1 
_refine.pdbx_TLS_residual_ADP_flag               ? 
_refine.ls_number_reflns_obs                     20400 
_refine.ls_number_reflns_all                     ? 
_refine.pdbx_ls_sigma_I                          ? 
_refine.pdbx_ls_sigma_F                          . 
_refine.pdbx_data_cutoff_high_absF               ? 
_refine.pdbx_data_cutoff_low_absF                ? 
_refine.pdbx_data_cutoff_high_rms_absF           ? 
_refine.ls_d_res_low                             152.50 
_refine.ls_d_res_high                            1.60 
_refine.ls_percent_reflns_obs                    98.00 
_refine.ls_R_factor_obs                          0.20698 
_refine.ls_R_factor_all                          ? 
_refine.ls_R_factor_R_work                       0.20521 
_refine.ls_R_factor_R_free                       0.24194 
_refine.ls_R_factor_R_free_error                 ? 
_refine.ls_R_factor_R_free_error_details         ? 
_refine.ls_percent_reflns_R_free                 5.1 
_refine.ls_number_reflns_R_free                  1097 
_refine.ls_number_parameters                     ? 
_refine.ls_number_restraints                     ? 
_refine.occupancy_min                            ? 
_refine.occupancy_max                            ? 
_refine.correlation_coeff_Fo_to_Fc               0.942 
_refine.correlation_coeff_Fo_to_Fc_free          0.922 
_refine.B_iso_mean                               15.785 
_refine.aniso_B[1][1]                            0.27 
_refine.aniso_B[2][2]                            0.27 
_refine.aniso_B[3][3]                            -0.54 
_refine.aniso_B[1][2]                            0.00 
_refine.aniso_B[1][3]                            0.00 
_refine.aniso_B[2][3]                            0.00 
_refine.solvent_model_details                    MASK 
_refine.solvent_model_param_ksol                 ? 
_refine.solvent_model_param_bsol                 ? 
_refine.pdbx_solvent_vdw_probe_radii             1.20 
_refine.pdbx_solvent_ion_probe_radii             0.80 
_refine.pdbx_solvent_shrinkage_radii             0.80 
_refine.pdbx_ls_cross_valid_method               THROUGHOUT 
_refine.details                                  'HYDROGENS HAVE BEEN ADDED IN THE RIDING POSITIONS.' 
_refine.pdbx_starting_model                      ? 
_refine.pdbx_method_to_determine_struct          'MOLECULAR REPLACEMENT' 
_refine.pdbx_isotropic_thermal_model             ? 
_refine.pdbx_stereochemistry_target_values       'MAXIMUM LIKELIHOOD' 
_refine.pdbx_stereochem_target_val_spec_case     ? 
_refine.pdbx_R_Free_selection_details            RANDOM 
_refine.pdbx_overall_ESU_R                       0.104 
_refine.pdbx_overall_ESU_R_Free                  0.104 
_refine.overall_SU_ML                            0.062 
_refine.pdbx_overall_phase_error                 ? 
_refine.overall_SU_B                             1.701 
_refine.overall_SU_R_Cruickshank_DPI             ? 
_refine.pdbx_overall_SU_R_free_Cruickshank_DPI   ? 
_refine.pdbx_overall_SU_R_Blow_DPI               ? 
_refine.pdbx_overall_SU_R_free_Blow_DPI          ? 
# 
_refine_hist.pdbx_refine_id                   'X-RAY DIFFRACTION' 
_refine_hist.cycle_id                         LAST 
_refine_hist.pdbx_number_atoms_protein        1256 
_refine_hist.pdbx_number_atoms_nucleic_acid   0 
_refine_hist.pdbx_number_atoms_ligand         23 
_refine_hist.number_atoms_solvent             128 
_refine_hist.number_atoms_total               1407 
_refine_hist.d_res_high                       1.60 
_refine_hist.d_res_low                        152.50 
# 
loop_
_refine_ls_restr.type 
_refine_ls_restr.dev_ideal 
_refine_ls_restr.dev_ideal_target 
_refine_ls_restr.weight 
_refine_ls_restr.number 
_refine_ls_restr.pdbx_refine_id 
_refine_ls_restr.pdbx_restraint_function 
r_bond_refined_d             0.006  0.022  ? 1321 'X-RAY DIFFRACTION' ? 
r_bond_other_d               ?      ?      ? ?    'X-RAY DIFFRACTION' ? 
r_angle_refined_deg          1.058  1.975  ? 1791 'X-RAY DIFFRACTION' ? 
r_angle_other_deg            ?      ?      ? ?    'X-RAY DIFFRACTION' ? 
r_dihedral_angle_1_deg       6.282  5.000  ? 158  'X-RAY DIFFRACTION' ? 
r_dihedral_angle_2_deg       ?      ?      ? ?    'X-RAY DIFFRACTION' ? 
r_dihedral_angle_3_deg       13.334 15.000 ? 225  'X-RAY DIFFRACTION' ? 
r_dihedral_angle_4_deg       ?      ?      ? ?    'X-RAY DIFFRACTION' ? 
r_chiral_restr               0.067  0.200  ? 183  'X-RAY DIFFRACTION' ? 
r_gen_planes_refined         0.004  0.020  ? 1031 'X-RAY DIFFRACTION' ? 
r_gen_planes_other           ?      ?      ? ?    'X-RAY DIFFRACTION' ? 
r_nbd_refined                0.186  0.200  ? 547  'X-RAY DIFFRACTION' ? 
r_nbd_other                  ?      ?      ? ?    'X-RAY DIFFRACTION' ? 
r_nbtor_refined              0.303  0.200  ? 881  'X-RAY DIFFRACTION' ? 
r_nbtor_other                ?      ?      ? ?    'X-RAY DIFFRACTION' ? 
r_xyhbond_nbd_refined        0.106  0.200  ? 109  'X-RAY DIFFRACTION' ? 
r_xyhbond_nbd_other          ?      ?      ? ?    'X-RAY DIFFRACTION' ? 
r_metal_ion_refined          ?      ?      ? ?    'X-RAY DIFFRACTION' ? 
r_metal_ion_other            ?      ?      ? ?    'X-RAY DIFFRACTION' ? 
r_symmetry_vdw_refined       0.158  0.200  ? 53   'X-RAY DIFFRACTION' ? 
r_symmetry_vdw_other         ?      ?      ? ?    'X-RAY DIFFRACTION' ? 
r_symmetry_hbond_refined     0.192  0.200  ? 22   'X-RAY DIFFRACTION' ? 
r_symmetry_hbond_other       ?      ?      ? ?    'X-RAY DIFFRACTION' ? 
r_symmetry_metal_ion_refined ?      ?      ? ?    'X-RAY DIFFRACTION' ? 
r_symmetry_metal_ion_other   ?      ?      ? ?    'X-RAY DIFFRACTION' ? 
r_mcbond_it                  0.650  1.500  ? 802  'X-RAY DIFFRACTION' ? 
r_mcbond_other               ?      ?      ? ?    'X-RAY DIFFRACTION' ? 
r_mcangle_it                 1.051  2.000  ? 1243 'X-RAY DIFFRACTION' ? 
r_mcangle_other              ?      ?      ? ?    'X-RAY DIFFRACTION' ? 
r_scbond_it                  1.461  3.000  ? 618  'X-RAY DIFFRACTION' ? 
r_scbond_other               ?      ?      ? ?    'X-RAY DIFFRACTION' ? 
r_scangle_it                 2.323  4.500  ? 546  'X-RAY DIFFRACTION' ? 
r_scangle_other              ?      ?      ? ?    'X-RAY DIFFRACTION' ? 
r_long_range_B_refined       ?      ?      ? ?    'X-RAY DIFFRACTION' ? 
r_long_range_B_other         ?      ?      ? ?    'X-RAY DIFFRACTION' ? 
r_rigid_bond_restr           ?      ?      ? ?    'X-RAY DIFFRACTION' ? 
r_sphericity_free            ?      ?      ? ?    'X-RAY DIFFRACTION' ? 
r_sphericity_bonded          ?      ?      ? ?    'X-RAY DIFFRACTION' ? 
# 
_refine_ls_shell.pdbx_refine_id                   'X-RAY DIFFRACTION' 
_refine_ls_shell.pdbx_total_number_of_bins_used   20 
_refine_ls_shell.d_res_high                       1.600 
_refine_ls_shell.d_res_low                        1.642 
_refine_ls_shell.number_reflns_R_work             1461 
_refine_ls_shell.R_factor_R_work                  0.203 
_refine_ls_shell.percent_reflns_obs               97.34 
_refine_ls_shell.R_factor_R_free                  0.238 
_refine_ls_shell.R_factor_R_free_error            ? 
_refine_ls_shell.percent_reflns_R_free            ? 
_refine_ls_shell.number_reflns_R_free             75 
_refine_ls_shell.number_reflns_all                ? 
_refine_ls_shell.R_factor_all                     ? 
# 
_struct.entry_id                  5ANS 
_struct.title                     'Potent and selective inhibitors of MTH1 probe its role in cancer cell survival' 
_struct.pdbx_model_details        ? 
_struct.pdbx_CASP_flag            ? 
_struct.pdbx_model_type_details   ? 
# 
_struct_keywords.entry_id        5ANS 
_struct_keywords.pdbx_keywords   HYDROLASE 
_struct_keywords.text            'MTH1, ONCOLOGY, HYDROLASE, NUCLEOTIDE HYDROLYSIS, INHIBITION' 
# 
loop_
_struct_asym.id 
_struct_asym.pdbx_blank_PDB_chainid_flag 
_struct_asym.pdbx_modified 
_struct_asym.entity_id 
_struct_asym.details 
A N N 1 ? 
B N N 2 ? 
C N N 3 ? 
# 
_struct_ref.id                         1 
_struct_ref.db_name                    UNP 
_struct_ref.db_code                    8ODP_HUMAN 
_struct_ref.entity_id                  1 
_struct_ref.pdbx_seq_one_letter_code   ? 
_struct_ref.pdbx_align_begin           ? 
_struct_ref.pdbx_db_accession          P36639 
_struct_ref.pdbx_db_isoform            ? 
# 
_struct_ref_seq.align_id                      1 
_struct_ref_seq.ref_id                        1 
_struct_ref_seq.pdbx_PDB_id_code              5ANS 
_struct_ref_seq.pdbx_strand_id                A 
_struct_ref_seq.seq_align_beg                 20 
_struct_ref_seq.pdbx_seq_align_beg_ins_code   ? 
_struct_ref_seq.seq_align_end                 175 
_struct_ref_seq.pdbx_seq_align_end_ins_code   ? 
_struct_ref_seq.pdbx_db_accession             P36639 
_struct_ref_seq.db_align_beg                  42 
_struct_ref_seq.pdbx_db_align_beg_ins_code    ? 
_struct_ref_seq.db_align_end                  197 
_struct_ref_seq.pdbx_db_align_end_ins_code    ? 
_struct_ref_seq.pdbx_auth_seq_align_beg       1 
_struct_ref_seq.pdbx_auth_seq_align_end       156 
# 
loop_
_struct_ref_seq_dif.align_id 
_struct_ref_seq_dif.pdbx_pdb_id_code 
_struct_ref_seq_dif.mon_id 
_struct_ref_seq_dif.pdbx_pdb_strand_id 
_struct_ref_seq_dif.seq_num 
_struct_ref_seq_dif.pdbx_pdb_ins_code 
_struct_ref_seq_dif.pdbx_seq_db_name 
_struct_ref_seq_dif.pdbx_seq_db_accession_code 
_struct_ref_seq_dif.db_mon_id 
_struct_ref_seq_dif.pdbx_seq_db_seq_num 
_struct_ref_seq_dif.details 
_struct_ref_seq_dif.pdbx_auth_seq_num 
_struct_ref_seq_dif.pdbx_ordinal 
1 5ANS GLY A 1  ? UNP P36639 ? ? 'expression tag' -18 1  
1 5ANS SER A 2  ? UNP P36639 ? ? 'expression tag' -17 2  
1 5ANS SER A 3  ? UNP P36639 ? ? 'expression tag' -16 3  
1 5ANS HIS A 4  ? UNP P36639 ? ? 'expression tag' -15 4  
1 5ANS HIS A 5  ? UNP P36639 ? ? 'expression tag' -14 5  
1 5ANS HIS A 6  ? UNP P36639 ? ? 'expression tag' -13 6  
1 5ANS HIS A 7  ? UNP P36639 ? ? 'expression tag' -12 7  
1 5ANS HIS A 8  ? UNP P36639 ? ? 'expression tag' -11 8  
1 5ANS HIS A 9  ? UNP P36639 ? ? 'expression tag' -10 9  
1 5ANS SER A 10 ? UNP P36639 ? ? 'expression tag' -9  10 
1 5ANS SER A 11 ? UNP P36639 ? ? 'expression tag' -8  11 
1 5ANS GLY A 12 ? UNP P36639 ? ? 'expression tag' -7  12 
1 5ANS LEU A 13 ? UNP P36639 ? ? 'expression tag' -6  13 
1 5ANS VAL A 14 ? UNP P36639 ? ? 'expression tag' -5  14 
1 5ANS PRO A 15 ? UNP P36639 ? ? 'expression tag' -4  15 
1 5ANS ARG A 16 ? UNP P36639 ? ? 'expression tag' -3  16 
1 5ANS GLY A 17 ? UNP P36639 ? ? 'expression tag' -2  17 
1 5ANS SER A 18 ? UNP P36639 ? ? 'expression tag' -1  18 
1 5ANS HIS A 19 ? UNP P36639 ? ? 'expression tag' 0   19 
# 
_pdbx_struct_assembly.id                   1 
_pdbx_struct_assembly.details              author_and_software_defined_assembly 
_pdbx_struct_assembly.method_details       PISA 
_pdbx_struct_assembly.oligomeric_details   monomeric 
_pdbx_struct_assembly.oligomeric_count     1 
# 
_pdbx_struct_assembly_gen.assembly_id       1 
_pdbx_struct_assembly_gen.oper_expression   1 
_pdbx_struct_assembly_gen.asym_id_list      A,B,C 
# 
_pdbx_struct_oper_list.id                   1 
_pdbx_struct_oper_list.type                 'identity operation' 
_pdbx_struct_oper_list.name                 1_555 
_pdbx_struct_oper_list.symmetry_operation   x,y,z 
_pdbx_struct_oper_list.matrix[1][1]         1.0000000000 
_pdbx_struct_oper_list.matrix[1][2]         0.0000000000 
_pdbx_struct_oper_list.matrix[1][3]         0.0000000000 
_pdbx_struct_oper_list.vector[1]            0.0000000000 
_pdbx_struct_oper_list.matrix[2][1]         0.0000000000 
_pdbx_struct_oper_list.matrix[2][2]         1.0000000000 
_pdbx_struct_oper_list.matrix[2][3]         0.0000000000 
_pdbx_struct_oper_list.vector[2]            0.0000000000 
_pdbx_struct_oper_list.matrix[3][1]         0.0000000000 
_pdbx_struct_oper_list.matrix[3][2]         0.0000000000 
_pdbx_struct_oper_list.matrix[3][3]         1.0000000000 
_pdbx_struct_oper_list.vector[3]            0.0000000000 
# 
_struct_biol.id   1 
# 
loop_
_struct_conf.conf_type_id 
_struct_conf.id 
_struct_conf.pdbx_PDB_helix_id 
_struct_conf.beg_label_comp_id 
_struct_conf.beg_label_asym_id 
_struct_conf.beg_label_seq_id 
_struct_conf.pdbx_beg_PDB_ins_code 
_struct_conf.end_label_comp_id 
_struct_conf.end_label_asym_id 
_struct_conf.end_label_seq_id 
_struct_conf.pdbx_end_PDB_ins_code 
_struct_conf.beg_auth_comp_id 
_struct_conf.beg_auth_asym_id 
_struct_conf.beg_auth_seq_id 
_struct_conf.end_auth_comp_id 
_struct_conf.end_auth_asym_id 
_struct_conf.end_auth_seq_id 
_struct_conf.pdbx_PDB_helix_class 
_struct_conf.details 
_struct_conf.pdbx_PDB_helix_length 
HELX_P HELX_P1 1 THR A 63  ? GLY A 77  ? THR A 44  GLY A 58  1 ? 15 
HELX_P HELX_P2 2 PRO A 131 ? ASP A 134 ? PRO A 112 ASP A 115 5 ? 4  
HELX_P HELX_P3 3 ASP A 138 ? GLN A 148 ? ASP A 119 GLN A 129 1 ? 11 
# 
_struct_conf_type.id          HELX_P 
_struct_conf_type.criteria    ? 
_struct_conf_type.reference   ? 
# 
loop_
_struct_sheet.id 
_struct_sheet.type 
_struct_sheet.number_strands 
_struct_sheet.details 
AA ? 2 ? 
AB ? 2 ? 
AC ? 7 ? 
AD ? 7 ? 
# 
loop_
_struct_sheet_order.sheet_id 
_struct_sheet_order.range_id_1 
_struct_sheet_order.range_id_2 
_struct_sheet_order.offset 
_struct_sheet_order.sense 
AA 1 2 ? parallel      
AB 1 2 ? anti-parallel 
AC 1 2 ? anti-parallel 
AC 2 3 ? parallel      
AC 3 4 ? anti-parallel 
AC 4 5 ? parallel      
AC 5 6 ? anti-parallel 
AC 6 7 ? parallel      
AD 1 2 ? anti-parallel 
AD 2 3 ? parallel      
AD 3 4 ? anti-parallel 
AD 4 5 ? parallel      
AD 5 6 ? anti-parallel 
AD 6 7 ? anti-parallel 
# 
loop_
_struct_sheet_range.sheet_id 
_struct_sheet_range.id 
_struct_sheet_range.beg_label_comp_id 
_struct_sheet_range.beg_label_asym_id 
_struct_sheet_range.beg_label_seq_id 
_struct_sheet_range.pdbx_beg_PDB_ins_code 
_struct_sheet_range.end_label_comp_id 
_struct_sheet_range.end_label_asym_id 
_struct_sheet_range.end_label_seq_id 
_struct_sheet_range.pdbx_end_PDB_ins_code 
_struct_sheet_range.beg_auth_comp_id 
_struct_sheet_range.beg_auth_asym_id 
_struct_sheet_range.beg_auth_seq_id 
_struct_sheet_range.end_auth_comp_id 
_struct_sheet_range.end_auth_asym_id 
_struct_sheet_range.end_auth_seq_id 
AA 1 TRP A 51  ? ASN A 52  ? TRP A 32  ASN A 33  
AA 2 ARG A 36  ? LYS A 42  ? ARG A 17  LYS A 23  
AB 1 MET A 120 ? GLN A 126 ? MET A 101 GLN A 107 
AB 2 ARG A 36  ? LYS A 42  ? ARG A 17  LYS A 23  
AC 1 THR A 163 ? VAL A 172 ? THR A 144 VAL A 153 
AC 2 LYS A 151 ? GLN A 159 ? LYS A 132 GLN A 140 
AC 3 HIS A 84  ? PHE A 93  ? HIS A 65  PHE A 74  
AC 4 LEU A 99  ? THR A 107 ? LEU A 80  THR A 88  
AC 5 SER A 23  ? LEU A 32  ? SER A 4   LEU A 13  
AC 6 ARG A 36  ? LYS A 42  ? ARG A 17  LYS A 23  
AC 7 TRP A 51  ? ASN A 52  ? TRP A 32  ASN A 33  
AD 1 THR A 163 ? VAL A 172 ? THR A 144 VAL A 153 
AD 2 LYS A 151 ? GLN A 159 ? LYS A 132 GLN A 140 
AD 3 HIS A 84  ? PHE A 93  ? HIS A 65  PHE A 74  
AD 4 LEU A 99  ? THR A 107 ? LEU A 80  THR A 88  
AD 5 SER A 23  ? LEU A 32  ? SER A 4   LEU A 13  
AD 6 ARG A 36  ? LYS A 42  ? ARG A 17  LYS A 23  
AD 7 MET A 120 ? GLN A 126 ? MET A 101 GLN A 107 
# 
loop_
_pdbx_struct_sheet_hbond.sheet_id 
_pdbx_struct_sheet_hbond.range_id_1 
_pdbx_struct_sheet_hbond.range_id_2 
_pdbx_struct_sheet_hbond.range_1_label_atom_id 
_pdbx_struct_sheet_hbond.range_1_label_comp_id 
_pdbx_struct_sheet_hbond.range_1_label_asym_id 
_pdbx_struct_sheet_hbond.range_1_label_seq_id 
_pdbx_struct_sheet_hbond.range_1_PDB_ins_code 
_pdbx_struct_sheet_hbond.range_1_auth_atom_id 
_pdbx_struct_sheet_hbond.range_1_auth_comp_id 
_pdbx_struct_sheet_hbond.range_1_auth_asym_id 
_pdbx_struct_sheet_hbond.range_1_auth_seq_id 
_pdbx_struct_sheet_hbond.range_2_label_atom_id 
_pdbx_struct_sheet_hbond.range_2_label_comp_id 
_pdbx_struct_sheet_hbond.range_2_label_asym_id 
_pdbx_struct_sheet_hbond.range_2_label_seq_id 
_pdbx_struct_sheet_hbond.range_2_PDB_ins_code 
_pdbx_struct_sheet_hbond.range_2_auth_atom_id 
_pdbx_struct_sheet_hbond.range_2_auth_comp_id 
_pdbx_struct_sheet_hbond.range_2_auth_asym_id 
_pdbx_struct_sheet_hbond.range_2_auth_seq_id 
AA 1 2 N ASN A 52  ? N ASN A 33  O GLY A 40  ? O GLY A 21  
AB 1 2 N PHE A 125 ? N PHE A 106 O VAL A 37  ? O VAL A 18  
AC 1 2 N VAL A 172 ? N VAL A 153 O LYS A 151 ? O LYS A 132 
AC 2 3 N PHE A 152 ? N PHE A 133 O VAL A 86  ? O VAL A 67  
AC 3 4 N PHE A 91  ? N PHE A 72  O MET A 100 ? O MET A 81  
AC 4 5 N ASP A 101 ? N ASP A 82  O ARG A 24  ? O ARG A 5   
AC 5 6 N VAL A 31  ? N VAL A 12  O LEU A 38  ? O LEU A 19  
AC 6 7 N GLY A 40  ? N GLY A 21  O ASN A 52  ? O ASN A 33  
AD 1 2 N VAL A 172 ? N VAL A 153 O LYS A 151 ? O LYS A 132 
AD 2 3 N PHE A 152 ? N PHE A 133 O VAL A 86  ? O VAL A 67  
AD 3 4 N PHE A 91  ? N PHE A 72  O MET A 100 ? O MET A 81  
AD 4 5 N ASP A 101 ? N ASP A 82  O ARG A 24  ? O ARG A 5   
AD 5 6 N VAL A 31  ? N VAL A 12  O LEU A 38  ? O LEU A 19  
AD 6 7 N MET A 41  ? N MET A 22  O ARG A 121 ? O ARG A 102 
# 
_struct_site.id                   AC1 
_struct_site.pdbx_evidence_code   Software 
_struct_site.pdbx_auth_asym_id    A 
_struct_site.pdbx_auth_comp_id    RX8 
_struct_site.pdbx_auth_seq_id     1157 
_struct_site.pdbx_auth_ins_code   ? 
_struct_site.pdbx_num_residues    12 
_struct_site.details              'BINDING SITE FOR RESIDUE RX8 A 1157' 
# 
loop_
_struct_site_gen.id 
_struct_site_gen.site_id 
_struct_site_gen.pdbx_num_res 
_struct_site_gen.label_comp_id 
_struct_site_gen.label_asym_id 
_struct_site_gen.label_seq_id 
_struct_site_gen.pdbx_auth_ins_code 
_struct_site_gen.auth_comp_id 
_struct_site_gen.auth_asym_id 
_struct_site_gen.auth_seq_id 
_struct_site_gen.label_atom_id 
_struct_site_gen.label_alt_id 
_struct_site_gen.symmetry 
_struct_site_gen.details 
1  AC1 12 THR A 27  ? THR A 8    . ? 1_555 ? 
2  AC1 12 LEU A 28  ? LEU A 9    . ? 1_555 ? 
3  AC1 12 LYS A 42  ? LYS A 23   . ? 1_555 ? 
4  AC1 12 ASN A 52  ? ASN A 33   . ? 1_555 ? 
5  AC1 12 GLY A 53  ? GLY A 34   . ? 1_555 ? 
6  AC1 12 GLY A 55  ? GLY A 36   . ? 1_555 ? 
7  AC1 12 GLY A 56  ? GLY A 37   . ? 1_555 ? 
8  AC1 12 PHE A 91  ? PHE A 72   . ? 1_555 ? 
9  AC1 12 TRP A 136 ? TRP A 117  . ? 1_555 ? 
10 AC1 12 ASP A 138 ? ASP A 119  . ? 1_555 ? 
11 AC1 12 ASP A 139 ? ASP A 120  . ? 1_555 ? 
12 AC1 12 HOH C .   ? HOH A 2101 . ? 1_555 ? 
# 
_pdbx_validate_symm_contact.id                1 
_pdbx_validate_symm_contact.PDB_model_num     1 
_pdbx_validate_symm_contact.auth_atom_id_1    O 
_pdbx_validate_symm_contact.auth_asym_id_1    A 
_pdbx_validate_symm_contact.auth_comp_id_1    HOH 
_pdbx_validate_symm_contact.auth_seq_id_1     2089 
_pdbx_validate_symm_contact.PDB_ins_code_1    ? 
_pdbx_validate_symm_contact.label_alt_id_1    ? 
_pdbx_validate_symm_contact.site_symmetry_1   1_555 
_pdbx_validate_symm_contact.auth_atom_id_2    O 
_pdbx_validate_symm_contact.auth_asym_id_2    A 
_pdbx_validate_symm_contact.auth_comp_id_2    HOH 
_pdbx_validate_symm_contact.auth_seq_id_2     2089 
_pdbx_validate_symm_contact.PDB_ins_code_2    ? 
_pdbx_validate_symm_contact.label_alt_id_2    ? 
_pdbx_validate_symm_contact.site_symmetry_2   7_555 
_pdbx_validate_symm_contact.dist              1.94 
# 
_pdbx_struct_special_symmetry.id              1 
_pdbx_struct_special_symmetry.PDB_model_num   1 
_pdbx_struct_special_symmetry.auth_asym_id    A 
_pdbx_struct_special_symmetry.auth_comp_id    HOH 
_pdbx_struct_special_symmetry.auth_seq_id     2022 
_pdbx_struct_special_symmetry.PDB_ins_code    ? 
_pdbx_struct_special_symmetry.label_asym_id   C 
_pdbx_struct_special_symmetry.label_comp_id   HOH 
_pdbx_struct_special_symmetry.label_seq_id    . 
# 
loop_
_pdbx_unobs_or_zero_occ_residues.id 
_pdbx_unobs_or_zero_occ_residues.PDB_model_num 
_pdbx_unobs_or_zero_occ_residues.polymer_flag 
_pdbx_unobs_or_zero_occ_residues.occupancy_flag 
_pdbx_unobs_or_zero_occ_residues.auth_asym_id 
_pdbx_unobs_or_zero_occ_residues.auth_comp_id 
_pdbx_unobs_or_zero_occ_residues.auth_seq_id 
_pdbx_unobs_or_zero_occ_residues.PDB_ins_code 
_pdbx_unobs_or_zero_occ_residues.label_asym_id 
_pdbx_unobs_or_zero_occ_residues.label_comp_id 
_pdbx_unobs_or_zero_occ_residues.label_seq_id 
1  1 Y 1 A GLY -18 ? A GLY 1  
2  1 Y 1 A SER -17 ? A SER 2  
3  1 Y 1 A SER -16 ? A SER 3  
4  1 Y 1 A HIS -15 ? A HIS 4  
5  1 Y 1 A HIS -14 ? A HIS 5  
6  1 Y 1 A HIS -13 ? A HIS 6  
7  1 Y 1 A HIS -12 ? A HIS 7  
8  1 Y 1 A HIS -11 ? A HIS 8  
9  1 Y 1 A HIS -10 ? A HIS 9  
10 1 Y 1 A SER -9  ? A SER 10 
11 1 Y 1 A SER -8  ? A SER 11 
12 1 Y 1 A GLY -7  ? A GLY 12 
13 1 Y 1 A LEU -6  ? A LEU 13 
14 1 Y 1 A VAL -5  ? A VAL 14 
15 1 Y 1 A PRO -4  ? A PRO 15 
16 1 Y 1 A ARG -3  ? A ARG 16 
17 1 Y 1 A GLY -2  ? A GLY 17 
18 1 Y 1 A SER -1  ? A SER 18 
19 1 Y 1 A HIS 0   ? A HIS 19 
20 1 Y 1 A MET 1   ? A MET 20 
# 
loop_
_chem_comp_atom.comp_id 
_chem_comp_atom.atom_id 
_chem_comp_atom.type_symbol 
_chem_comp_atom.pdbx_aromatic_flag 
_chem_comp_atom.pdbx_stereo_config 
_chem_comp_atom.pdbx_ordinal 
ALA N    N N N 1   
ALA CA   C N S 2   
ALA C    C N N 3   
ALA O    O N N 4   
ALA CB   C N N 5   
ALA OXT  O N N 6   
ALA H    H N N 7   
ALA H2   H N N 8   
ALA HA   H N N 9   
ALA HB1  H N N 10  
ALA HB2  H N N 11  
ALA HB3  H N N 12  
ALA HXT  H N N 13  
ARG N    N N N 14  
ARG CA   C N S 15  
ARG C    C N N 16  
ARG O    O N N 17  
ARG CB   C N N 18  
ARG CG   C N N 19  
ARG CD   C N N 20  
ARG NE   N N N 21  
ARG CZ   C N N 22  
ARG NH1  N N N 23  
ARG NH2  N N N 24  
ARG OXT  O N N 25  
ARG H    H N N 26  
ARG H2   H N N 27  
ARG HA   H N N 28  
ARG HB2  H N N 29  
ARG HB3  H N N 30  
ARG HG2  H N N 31  
ARG HG3  H N N 32  
ARG HD2  H N N 33  
ARG HD3  H N N 34  
ARG HE   H N N 35  
ARG HH11 H N N 36  
ARG HH12 H N N 37  
ARG HH21 H N N 38  
ARG HH22 H N N 39  
ARG HXT  H N N 40  
ASN N    N N N 41  
ASN CA   C N S 42  
ASN C    C N N 43  
ASN O    O N N 44  
ASN CB   C N N 45  
ASN CG   C N N 46  
ASN OD1  O N N 47  
ASN ND2  N N N 48  
ASN OXT  O N N 49  
ASN H    H N N 50  
ASN H2   H N N 51  
ASN HA   H N N 52  
ASN HB2  H N N 53  
ASN HB3  H N N 54  
ASN HD21 H N N 55  
ASN HD22 H N N 56  
ASN HXT  H N N 57  
ASP N    N N N 58  
ASP CA   C N S 59  
ASP C    C N N 60  
ASP O    O N N 61  
ASP CB   C N N 62  
ASP CG   C N N 63  
ASP OD1  O N N 64  
ASP OD2  O N N 65  
ASP OXT  O N N 66  
ASP H    H N N 67  
ASP H2   H N N 68  
ASP HA   H N N 69  
ASP HB2  H N N 70  
ASP HB3  H N N 71  
ASP HD2  H N N 72  
ASP HXT  H N N 73  
CYS N    N N N 74  
CYS CA   C N R 75  
CYS C    C N N 76  
CYS O    O N N 77  
CYS CB   C N N 78  
CYS SG   S N N 79  
CYS OXT  O N N 80  
CYS H    H N N 81  
CYS H2   H N N 82  
CYS HA   H N N 83  
CYS HB2  H N N 84  
CYS HB3  H N N 85  
CYS HG   H N N 86  
CYS HXT  H N N 87  
GLN N    N N N 88  
GLN CA   C N S 89  
GLN C    C N N 90  
GLN O    O N N 91  
GLN CB   C N N 92  
GLN CG   C N N 93  
GLN CD   C N N 94  
GLN OE1  O N N 95  
GLN NE2  N N N 96  
GLN OXT  O N N 97  
GLN H    H N N 98  
GLN H2   H N N 99  
GLN HA   H N N 100 
GLN HB2  H N N 101 
GLN HB3  H N N 102 
GLN HG2  H N N 103 
GLN HG3  H N N 104 
GLN HE21 H N N 105 
GLN HE22 H N N 106 
GLN HXT  H N N 107 
GLU N    N N N 108 
GLU CA   C N S 109 
GLU C    C N N 110 
GLU O    O N N 111 
GLU CB   C N N 112 
GLU CG   C N N 113 
GLU CD   C N N 114 
GLU OE1  O N N 115 
GLU OE2  O N N 116 
GLU OXT  O N N 117 
GLU H    H N N 118 
GLU H2   H N N 119 
GLU HA   H N N 120 
GLU HB2  H N N 121 
GLU HB3  H N N 122 
GLU HG2  H N N 123 
GLU HG3  H N N 124 
GLU HE2  H N N 125 
GLU HXT  H N N 126 
GLY N    N N N 127 
GLY CA   C N N 128 
GLY C    C N N 129 
GLY O    O N N 130 
GLY OXT  O N N 131 
GLY H    H N N 132 
GLY H2   H N N 133 
GLY HA2  H N N 134 
GLY HA3  H N N 135 
GLY HXT  H N N 136 
HIS N    N N N 137 
HIS CA   C N S 138 
HIS C    C N N 139 
HIS O    O N N 140 
HIS CB   C N N 141 
HIS CG   C Y N 142 
HIS ND1  N Y N 143 
HIS CD2  C Y N 144 
HIS CE1  C Y N 145 
HIS NE2  N Y N 146 
HIS OXT  O N N 147 
HIS H    H N N 148 
HIS H2   H N N 149 
HIS HA   H N N 150 
HIS HB2  H N N 151 
HIS HB3  H N N 152 
HIS HD1  H N N 153 
HIS HD2  H N N 154 
HIS HE1  H N N 155 
HIS HE2  H N N 156 
HIS HXT  H N N 157 
HOH O    O N N 158 
HOH H1   H N N 159 
HOH H2   H N N 160 
ILE N    N N N 161 
ILE CA   C N S 162 
ILE C    C N N 163 
ILE O    O N N 164 
ILE CB   C N S 165 
ILE CG1  C N N 166 
ILE CG2  C N N 167 
ILE CD1  C N N 168 
ILE OXT  O N N 169 
ILE H    H N N 170 
ILE H2   H N N 171 
ILE HA   H N N 172 
ILE HB   H N N 173 
ILE HG12 H N N 174 
ILE HG13 H N N 175 
ILE HG21 H N N 176 
ILE HG22 H N N 177 
ILE HG23 H N N 178 
ILE HD11 H N N 179 
ILE HD12 H N N 180 
ILE HD13 H N N 181 
ILE HXT  H N N 182 
LEU N    N N N 183 
LEU CA   C N S 184 
LEU C    C N N 185 
LEU O    O N N 186 
LEU CB   C N N 187 
LEU CG   C N N 188 
LEU CD1  C N N 189 
LEU CD2  C N N 190 
LEU OXT  O N N 191 
LEU H    H N N 192 
LEU H2   H N N 193 
LEU HA   H N N 194 
LEU HB2  H N N 195 
LEU HB3  H N N 196 
LEU HG   H N N 197 
LEU HD11 H N N 198 
LEU HD12 H N N 199 
LEU HD13 H N N 200 
LEU HD21 H N N 201 
LEU HD22 H N N 202 
LEU HD23 H N N 203 
LEU HXT  H N N 204 
LYS N    N N N 205 
LYS CA   C N S 206 
LYS C    C N N 207 
LYS O    O N N 208 
LYS CB   C N N 209 
LYS CG   C N N 210 
LYS CD   C N N 211 
LYS CE   C N N 212 
LYS NZ   N N N 213 
LYS OXT  O N N 214 
LYS H    H N N 215 
LYS H2   H N N 216 
LYS HA   H N N 217 
LYS HB2  H N N 218 
LYS HB3  H N N 219 
LYS HG2  H N N 220 
LYS HG3  H N N 221 
LYS HD2  H N N 222 
LYS HD3  H N N 223 
LYS HE2  H N N 224 
LYS HE3  H N N 225 
LYS HZ1  H N N 226 
LYS HZ2  H N N 227 
LYS HZ3  H N N 228 
LYS HXT  H N N 229 
MET N    N N N 230 
MET CA   C N S 231 
MET C    C N N 232 
MET O    O N N 233 
MET CB   C N N 234 
MET CG   C N N 235 
MET SD   S N N 236 
MET CE   C N N 237 
MET OXT  O N N 238 
MET H    H N N 239 
MET H2   H N N 240 
MET HA   H N N 241 
MET HB2  H N N 242 
MET HB3  H N N 243 
MET HG2  H N N 244 
MET HG3  H N N 245 
MET HE1  H N N 246 
MET HE2  H N N 247 
MET HE3  H N N 248 
MET HXT  H N N 249 
PHE N    N N N 250 
PHE CA   C N S 251 
PHE C    C N N 252 
PHE O    O N N 253 
PHE CB   C N N 254 
PHE CG   C Y N 255 
PHE CD1  C Y N 256 
PHE CD2  C Y N 257 
PHE CE1  C Y N 258 
PHE CE2  C Y N 259 
PHE CZ   C Y N 260 
PHE OXT  O N N 261 
PHE H    H N N 262 
PHE H2   H N N 263 
PHE HA   H N N 264 
PHE HB2  H N N 265 
PHE HB3  H N N 266 
PHE HD1  H N N 267 
PHE HD2  H N N 268 
PHE HE1  H N N 269 
PHE HE2  H N N 270 
PHE HZ   H N N 271 
PHE HXT  H N N 272 
PRO N    N N N 273 
PRO CA   C N S 274 
PRO C    C N N 275 
PRO O    O N N 276 
PRO CB   C N N 277 
PRO CG   C N N 278 
PRO CD   C N N 279 
PRO OXT  O N N 280 
PRO H    H N N 281 
PRO HA   H N N 282 
PRO HB2  H N N 283 
PRO HB3  H N N 284 
PRO HG2  H N N 285 
PRO HG3  H N N 286 
PRO HD2  H N N 287 
PRO HD3  H N N 288 
PRO HXT  H N N 289 
RX8 O1   O N N 290 
RX8 C10  C N N 291 
RX8 C11  C N N 292 
RX8 C12  C N N 293 
RX8 C9   C N N 294 
RX8 N3   N Y N 295 
RX8 C5   C Y N 296 
RX8 C6   C N N 297 
RX8 O    O N N 298 
RX8 C7   C N N 299 
RX8 C8   C N N 300 
RX8 N2   N Y N 301 
RX8 C4   C Y N 302 
RX8 C    C Y N 303 
RX8 N    N N N 304 
RX8 C3   C Y N 305 
RX8 C2   C Y N 306 
RX8 C13  C Y N 307 
RX8 C14  C Y N 308 
RX8 C15  C Y N 309 
RX8 C16  C Y N 310 
RX8 C1   C Y N 311 
RX8 N1   N Y N 312 
RX8 H1   H N N 313 
RX8 H2   H N N 314 
RX8 H3   H N N 315 
RX8 H4   H N N 316 
RX8 H5   H N N 317 
RX8 H6   H N N 318 
RX8 H7   H N N 319 
RX8 H8   H N N 320 
RX8 H9   H N N 321 
RX8 H10  H N N 322 
RX8 H11  H N N 323 
RX8 H12  H N N 324 
RX8 H13  H N N 325 
RX8 H14  H N N 326 
RX8 H15  H N N 327 
RX8 H16  H N N 328 
RX8 H17  H N N 329 
RX8 H18  H N N 330 
RX8 H19  H N N 331 
RX8 H20  H N N 332 
RX8 H21  H N N 333 
RX8 H22  H N N 334 
SER N    N N N 335 
SER CA   C N S 336 
SER C    C N N 337 
SER O    O N N 338 
SER CB   C N N 339 
SER OG   O N N 340 
SER OXT  O N N 341 
SER H    H N N 342 
SER H2   H N N 343 
SER HA   H N N 344 
SER HB2  H N N 345 
SER HB3  H N N 346 
SER HG   H N N 347 
SER HXT  H N N 348 
THR N    N N N 349 
THR CA   C N S 350 
THR C    C N N 351 
THR O    O N N 352 
THR CB   C N R 353 
THR OG1  O N N 354 
THR CG2  C N N 355 
THR OXT  O N N 356 
THR H    H N N 357 
THR H2   H N N 358 
THR HA   H N N 359 
THR HB   H N N 360 
THR HG1  H N N 361 
THR HG21 H N N 362 
THR HG22 H N N 363 
THR HG23 H N N 364 
THR HXT  H N N 365 
TRP N    N N N 366 
TRP CA   C N S 367 
TRP C    C N N 368 
TRP O    O N N 369 
TRP CB   C N N 370 
TRP CG   C Y N 371 
TRP CD1  C Y N 372 
TRP CD2  C Y N 373 
TRP NE1  N Y N 374 
TRP CE2  C Y N 375 
TRP CE3  C Y N 376 
TRP CZ2  C Y N 377 
TRP CZ3  C Y N 378 
TRP CH2  C Y N 379 
TRP OXT  O N N 380 
TRP H    H N N 381 
TRP H2   H N N 382 
TRP HA   H N N 383 
TRP HB2  H N N 384 
TRP HB3  H N N 385 
TRP HD1  H N N 386 
TRP HE1  H N N 387 
TRP HE3  H N N 388 
TRP HZ2  H N N 389 
TRP HZ3  H N N 390 
TRP HH2  H N N 391 
TRP HXT  H N N 392 
TYR N    N N N 393 
TYR CA   C N S 394 
TYR C    C N N 395 
TYR O    O N N 396 
TYR CB   C N N 397 
TYR CG   C Y N 398 
TYR CD1  C Y N 399 
TYR CD2  C Y N 400 
TYR CE1  C Y N 401 
TYR CE2  C Y N 402 
TYR CZ   C Y N 403 
TYR OH   O N N 404 
TYR OXT  O N N 405 
TYR H    H N N 406 
TYR H2   H N N 407 
TYR HA   H N N 408 
TYR HB2  H N N 409 
TYR HB3  H N N 410 
TYR HD1  H N N 411 
TYR HD2  H N N 412 
TYR HE1  H N N 413 
TYR HE2  H N N 414 
TYR HH   H N N 415 
TYR HXT  H N N 416 
VAL N    N N N 417 
VAL CA   C N S 418 
VAL C    C N N 419 
VAL O    O N N 420 
VAL CB   C N N 421 
VAL CG1  C N N 422 
VAL CG2  C N N 423 
VAL OXT  O N N 424 
VAL H    H N N 425 
VAL H2   H N N 426 
VAL HA   H N N 427 
VAL HB   H N N 428 
VAL HG11 H N N 429 
VAL HG12 H N N 430 
VAL HG13 H N N 431 
VAL HG21 H N N 432 
VAL HG22 H N N 433 
VAL HG23 H N N 434 
VAL HXT  H N N 435 
# 
loop_
_chem_comp_bond.comp_id 
_chem_comp_bond.atom_id_1 
_chem_comp_bond.atom_id_2 
_chem_comp_bond.value_order 
_chem_comp_bond.pdbx_aromatic_flag 
_chem_comp_bond.pdbx_stereo_config 
_chem_comp_bond.pdbx_ordinal 
ALA N   CA   sing N N 1   
ALA N   H    sing N N 2   
ALA N   H2   sing N N 3   
ALA CA  C    sing N N 4   
ALA CA  CB   sing N N 5   
ALA CA  HA   sing N N 6   
ALA C   O    doub N N 7   
ALA C   OXT  sing N N 8   
ALA CB  HB1  sing N N 9   
ALA CB  HB2  sing N N 10  
ALA CB  HB3  sing N N 11  
ALA OXT HXT  sing N N 12  
ARG N   CA   sing N N 13  
ARG N   H    sing N N 14  
ARG N   H2   sing N N 15  
ARG CA  C    sing N N 16  
ARG CA  CB   sing N N 17  
ARG CA  HA   sing N N 18  
ARG C   O    doub N N 19  
ARG C   OXT  sing N N 20  
ARG CB  CG   sing N N 21  
ARG CB  HB2  sing N N 22  
ARG CB  HB3  sing N N 23  
ARG CG  CD   sing N N 24  
ARG CG  HG2  sing N N 25  
ARG CG  HG3  sing N N 26  
ARG CD  NE   sing N N 27  
ARG CD  HD2  sing N N 28  
ARG CD  HD3  sing N N 29  
ARG NE  CZ   sing N N 30  
ARG NE  HE   sing N N 31  
ARG CZ  NH1  sing N N 32  
ARG CZ  NH2  doub N N 33  
ARG NH1 HH11 sing N N 34  
ARG NH1 HH12 sing N N 35  
ARG NH2 HH21 sing N N 36  
ARG NH2 HH22 sing N N 37  
ARG OXT HXT  sing N N 38  
ASN N   CA   sing N N 39  
ASN N   H    sing N N 40  
ASN N   H2   sing N N 41  
ASN CA  C    sing N N 42  
ASN CA  CB   sing N N 43  
ASN CA  HA   sing N N 44  
ASN C   O    doub N N 45  
ASN C   OXT  sing N N 46  
ASN CB  CG   sing N N 47  
ASN CB  HB2  sing N N 48  
ASN CB  HB3  sing N N 49  
ASN CG  OD1  doub N N 50  
ASN CG  ND2  sing N N 51  
ASN ND2 HD21 sing N N 52  
ASN ND2 HD22 sing N N 53  
ASN OXT HXT  sing N N 54  
ASP N   CA   sing N N 55  
ASP N   H    sing N N 56  
ASP N   H2   sing N N 57  
ASP CA  C    sing N N 58  
ASP CA  CB   sing N N 59  
ASP CA  HA   sing N N 60  
ASP C   O    doub N N 61  
ASP C   OXT  sing N N 62  
ASP CB  CG   sing N N 63  
ASP CB  HB2  sing N N 64  
ASP CB  HB3  sing N N 65  
ASP CG  OD1  doub N N 66  
ASP CG  OD2  sing N N 67  
ASP OD2 HD2  sing N N 68  
ASP OXT HXT  sing N N 69  
CYS N   CA   sing N N 70  
CYS N   H    sing N N 71  
CYS N   H2   sing N N 72  
CYS CA  C    sing N N 73  
CYS CA  CB   sing N N 74  
CYS CA  HA   sing N N 75  
CYS C   O    doub N N 76  
CYS C   OXT  sing N N 77  
CYS CB  SG   sing N N 78  
CYS CB  HB2  sing N N 79  
CYS CB  HB3  sing N N 80  
CYS SG  HG   sing N N 81  
CYS OXT HXT  sing N N 82  
GLN N   CA   sing N N 83  
GLN N   H    sing N N 84  
GLN N   H2   sing N N 85  
GLN CA  C    sing N N 86  
GLN CA  CB   sing N N 87  
GLN CA  HA   sing N N 88  
GLN C   O    doub N N 89  
GLN C   OXT  sing N N 90  
GLN CB  CG   sing N N 91  
GLN CB  HB2  sing N N 92  
GLN CB  HB3  sing N N 93  
GLN CG  CD   sing N N 94  
GLN CG  HG2  sing N N 95  
GLN CG  HG3  sing N N 96  
GLN CD  OE1  doub N N 97  
GLN CD  NE2  sing N N 98  
GLN NE2 HE21 sing N N 99  
GLN NE2 HE22 sing N N 100 
GLN OXT HXT  sing N N 101 
GLU N   CA   sing N N 102 
GLU N   H    sing N N 103 
GLU N   H2   sing N N 104 
GLU CA  C    sing N N 105 
GLU CA  CB   sing N N 106 
GLU CA  HA   sing N N 107 
GLU C   O    doub N N 108 
GLU C   OXT  sing N N 109 
GLU CB  CG   sing N N 110 
GLU CB  HB2  sing N N 111 
GLU CB  HB3  sing N N 112 
GLU CG  CD   sing N N 113 
GLU CG  HG2  sing N N 114 
GLU CG  HG3  sing N N 115 
GLU CD  OE1  doub N N 116 
GLU CD  OE2  sing N N 117 
GLU OE2 HE2  sing N N 118 
GLU OXT HXT  sing N N 119 
GLY N   CA   sing N N 120 
GLY N   H    sing N N 121 
GLY N   H2   sing N N 122 
GLY CA  C    sing N N 123 
GLY CA  HA2  sing N N 124 
GLY CA  HA3  sing N N 125 
GLY C   O    doub N N 126 
GLY C   OXT  sing N N 127 
GLY OXT HXT  sing N N 128 
HIS N   CA   sing N N 129 
HIS N   H    sing N N 130 
HIS N   H2   sing N N 131 
HIS CA  C    sing N N 132 
HIS CA  CB   sing N N 133 
HIS CA  HA   sing N N 134 
HIS C   O    doub N N 135 
HIS C   OXT  sing N N 136 
HIS CB  CG   sing N N 137 
HIS CB  HB2  sing N N 138 
HIS CB  HB3  sing N N 139 
HIS CG  ND1  sing Y N 140 
HIS CG  CD2  doub Y N 141 
HIS ND1 CE1  doub Y N 142 
HIS ND1 HD1  sing N N 143 
HIS CD2 NE2  sing Y N 144 
HIS CD2 HD2  sing N N 145 
HIS CE1 NE2  sing Y N 146 
HIS CE1 HE1  sing N N 147 
HIS NE2 HE2  sing N N 148 
HIS OXT HXT  sing N N 149 
HOH O   H1   sing N N 150 
HOH O   H2   sing N N 151 
ILE N   CA   sing N N 152 
ILE N   H    sing N N 153 
ILE N   H2   sing N N 154 
ILE CA  C    sing N N 155 
ILE CA  CB   sing N N 156 
ILE CA  HA   sing N N 157 
ILE C   O    doub N N 158 
ILE C   OXT  sing N N 159 
ILE CB  CG1  sing N N 160 
ILE CB  CG2  sing N N 161 
ILE CB  HB   sing N N 162 
ILE CG1 CD1  sing N N 163 
ILE CG1 HG12 sing N N 164 
ILE CG1 HG13 sing N N 165 
ILE CG2 HG21 sing N N 166 
ILE CG2 HG22 sing N N 167 
ILE CG2 HG23 sing N N 168 
ILE CD1 HD11 sing N N 169 
ILE CD1 HD12 sing N N 170 
ILE CD1 HD13 sing N N 171 
ILE OXT HXT  sing N N 172 
LEU N   CA   sing N N 173 
LEU N   H    sing N N 174 
LEU N   H2   sing N N 175 
LEU CA  C    sing N N 176 
LEU CA  CB   sing N N 177 
LEU CA  HA   sing N N 178 
LEU C   O    doub N N 179 
LEU C   OXT  sing N N 180 
LEU CB  CG   sing N N 181 
LEU CB  HB2  sing N N 182 
LEU CB  HB3  sing N N 183 
LEU CG  CD1  sing N N 184 
LEU CG  CD2  sing N N 185 
LEU CG  HG   sing N N 186 
LEU CD1 HD11 sing N N 187 
LEU CD1 HD12 sing N N 188 
LEU CD1 HD13 sing N N 189 
LEU CD2 HD21 sing N N 190 
LEU CD2 HD22 sing N N 191 
LEU CD2 HD23 sing N N 192 
LEU OXT HXT  sing N N 193 
LYS N   CA   sing N N 194 
LYS N   H    sing N N 195 
LYS N   H2   sing N N 196 
LYS CA  C    sing N N 197 
LYS CA  CB   sing N N 198 
LYS CA  HA   sing N N 199 
LYS C   O    doub N N 200 
LYS C   OXT  sing N N 201 
LYS CB  CG   sing N N 202 
LYS CB  HB2  sing N N 203 
LYS CB  HB3  sing N N 204 
LYS CG  CD   sing N N 205 
LYS CG  HG2  sing N N 206 
LYS CG  HG3  sing N N 207 
LYS CD  CE   sing N N 208 
LYS CD  HD2  sing N N 209 
LYS CD  HD3  sing N N 210 
LYS CE  NZ   sing N N 211 
LYS CE  HE2  sing N N 212 
LYS CE  HE3  sing N N 213 
LYS NZ  HZ1  sing N N 214 
LYS NZ  HZ2  sing N N 215 
LYS NZ  HZ3  sing N N 216 
LYS OXT HXT  sing N N 217 
MET N   CA   sing N N 218 
MET N   H    sing N N 219 
MET N   H2   sing N N 220 
MET CA  C    sing N N 221 
MET CA  CB   sing N N 222 
MET CA  HA   sing N N 223 
MET C   O    doub N N 224 
MET C   OXT  sing N N 225 
MET CB  CG   sing N N 226 
MET CB  HB2  sing N N 227 
MET CB  HB3  sing N N 228 
MET CG  SD   sing N N 229 
MET CG  HG2  sing N N 230 
MET CG  HG3  sing N N 231 
MET SD  CE   sing N N 232 
MET CE  HE1  sing N N 233 
MET CE  HE2  sing N N 234 
MET CE  HE3  sing N N 235 
MET OXT HXT  sing N N 236 
PHE N   CA   sing N N 237 
PHE N   H    sing N N 238 
PHE N   H2   sing N N 239 
PHE CA  C    sing N N 240 
PHE CA  CB   sing N N 241 
PHE CA  HA   sing N N 242 
PHE C   O    doub N N 243 
PHE C   OXT  sing N N 244 
PHE CB  CG   sing N N 245 
PHE CB  HB2  sing N N 246 
PHE CB  HB3  sing N N 247 
PHE CG  CD1  doub Y N 248 
PHE CG  CD2  sing Y N 249 
PHE CD1 CE1  sing Y N 250 
PHE CD1 HD1  sing N N 251 
PHE CD2 CE2  doub Y N 252 
PHE CD2 HD2  sing N N 253 
PHE CE1 CZ   doub Y N 254 
PHE CE1 HE1  sing N N 255 
PHE CE2 CZ   sing Y N 256 
PHE CE2 HE2  sing N N 257 
PHE CZ  HZ   sing N N 258 
PHE OXT HXT  sing N N 259 
PRO N   CA   sing N N 260 
PRO N   CD   sing N N 261 
PRO N   H    sing N N 262 
PRO CA  C    sing N N 263 
PRO CA  CB   sing N N 264 
PRO CA  HA   sing N N 265 
PRO C   O    doub N N 266 
PRO C   OXT  sing N N 267 
PRO CB  CG   sing N N 268 
PRO CB  HB2  sing N N 269 
PRO CB  HB3  sing N N 270 
PRO CG  CD   sing N N 271 
PRO CG  HG2  sing N N 272 
PRO CG  HG3  sing N N 273 
PRO CD  HD2  sing N N 274 
PRO CD  HD3  sing N N 275 
PRO OXT HXT  sing N N 276 
RX8 N   C    sing N N 277 
RX8 C   N1   doub Y N 278 
RX8 C   C4   sing Y N 279 
RX8 N1  C1   sing Y N 280 
RX8 C4  N2   sing Y N 281 
RX8 C4  C3   doub Y N 282 
RX8 N2  C5   doub Y N 283 
RX8 C1  C16  doub Y N 284 
RX8 C1  C2   sing Y N 285 
RX8 C16 C15  sing Y N 286 
RX8 C7  C8   sing N N 287 
RX8 C7  O    sing N N 288 
RX8 C3  C2   sing Y N 289 
RX8 C3  N3   sing Y N 290 
RX8 C5  C6   sing N N 291 
RX8 C5  N3   sing Y N 292 
RX8 C2  C13  doub Y N 293 
RX8 C6  O    sing N N 294 
RX8 C15 C14  doub Y N 295 
RX8 N3  C9   sing N N 296 
RX8 C13 C14  sing Y N 297 
RX8 C9  C10  sing N N 298 
RX8 O1  C10  sing N N 299 
RX8 C10 C12  sing N N 300 
RX8 C10 C11  sing N N 301 
RX8 O1  H1   sing N N 302 
RX8 C11 H2   sing N N 303 
RX8 C11 H3   sing N N 304 
RX8 C11 H4   sing N N 305 
RX8 C12 H5   sing N N 306 
RX8 C12 H6   sing N N 307 
RX8 C12 H7   sing N N 308 
RX8 C9  H8   sing N N 309 
RX8 C9  H9   sing N N 310 
RX8 C6  H10  sing N N 311 
RX8 C6  H11  sing N N 312 
RX8 C7  H12  sing N N 313 
RX8 C7  H13  sing N N 314 
RX8 C8  H14  sing N N 315 
RX8 C8  H15  sing N N 316 
RX8 C8  H16  sing N N 317 
RX8 N   H17  sing N N 318 
RX8 N   H18  sing N N 319 
RX8 C13 H19  sing N N 320 
RX8 C14 H20  sing N N 321 
RX8 C15 H21  sing N N 322 
RX8 C16 H22  sing N N 323 
SER N   CA   sing N N 324 
SER N   H    sing N N 325 
SER N   H2   sing N N 326 
SER CA  C    sing N N 327 
SER CA  CB   sing N N 328 
SER CA  HA   sing N N 329 
SER C   O    doub N N 330 
SER C   OXT  sing N N 331 
SER CB  OG   sing N N 332 
SER CB  HB2  sing N N 333 
SER CB  HB3  sing N N 334 
SER OG  HG   sing N N 335 
SER OXT HXT  sing N N 336 
THR N   CA   sing N N 337 
THR N   H    sing N N 338 
THR N   H2   sing N N 339 
THR CA  C    sing N N 340 
THR CA  CB   sing N N 341 
THR CA  HA   sing N N 342 
THR C   O    doub N N 343 
THR C   OXT  sing N N 344 
THR CB  OG1  sing N N 345 
THR CB  CG2  sing N N 346 
THR CB  HB   sing N N 347 
THR OG1 HG1  sing N N 348 
THR CG2 HG21 sing N N 349 
THR CG2 HG22 sing N N 350 
THR CG2 HG23 sing N N 351 
THR OXT HXT  sing N N 352 
TRP N   CA   sing N N 353 
TRP N   H    sing N N 354 
TRP N   H2   sing N N 355 
TRP CA  C    sing N N 356 
TRP CA  CB   sing N N 357 
TRP CA  HA   sing N N 358 
TRP C   O    doub N N 359 
TRP C   OXT  sing N N 360 
TRP CB  CG   sing N N 361 
TRP CB  HB2  sing N N 362 
TRP CB  HB3  sing N N 363 
TRP CG  CD1  doub Y N 364 
TRP CG  CD2  sing Y N 365 
TRP CD1 NE1  sing Y N 366 
TRP CD1 HD1  sing N N 367 
TRP CD2 CE2  doub Y N 368 
TRP CD2 CE3  sing Y N 369 
TRP NE1 CE2  sing Y N 370 
TRP NE1 HE1  sing N N 371 
TRP CE2 CZ2  sing Y N 372 
TRP CE3 CZ3  doub Y N 373 
TRP CE3 HE3  sing N N 374 
TRP CZ2 CH2  doub Y N 375 
TRP CZ2 HZ2  sing N N 376 
TRP CZ3 CH2  sing Y N 377 
TRP CZ3 HZ3  sing N N 378 
TRP CH2 HH2  sing N N 379 
TRP OXT HXT  sing N N 380 
TYR N   CA   sing N N 381 
TYR N   H    sing N N 382 
TYR N   H2   sing N N 383 
TYR CA  C    sing N N 384 
TYR CA  CB   sing N N 385 
TYR CA  HA   sing N N 386 
TYR C   O    doub N N 387 
TYR C   OXT  sing N N 388 
TYR CB  CG   sing N N 389 
TYR CB  HB2  sing N N 390 
TYR CB  HB3  sing N N 391 
TYR CG  CD1  doub Y N 392 
TYR CG  CD2  sing Y N 393 
TYR CD1 CE1  sing Y N 394 
TYR CD1 HD1  sing N N 395 
TYR CD2 CE2  doub Y N 396 
TYR CD2 HD2  sing N N 397 
TYR CE1 CZ   doub Y N 398 
TYR CE1 HE1  sing N N 399 
TYR CE2 CZ   sing Y N 400 
TYR CE2 HE2  sing N N 401 
TYR CZ  OH   sing N N 402 
TYR OH  HH   sing N N 403 
TYR OXT HXT  sing N N 404 
VAL N   CA   sing N N 405 
VAL N   H    sing N N 406 
VAL N   H2   sing N N 407 
VAL CA  C    sing N N 408 
VAL CA  CB   sing N N 409 
VAL CA  HA   sing N N 410 
VAL C   O    doub N N 411 
VAL C   OXT  sing N N 412 
VAL CB  CG1  sing N N 413 
VAL CB  CG2  sing N N 414 
VAL CB  HB   sing N N 415 
VAL CG1 HG11 sing N N 416 
VAL CG1 HG12 sing N N 417 
VAL CG1 HG13 sing N N 418 
VAL CG2 HG21 sing N N 419 
VAL CG2 HG22 sing N N 420 
VAL CG2 HG23 sing N N 421 
VAL OXT HXT  sing N N 422 
# 
_atom_sites.entry_id                    5ANS 
_atom_sites.fract_transf_matrix[1][1]   0.00328464 
_atom_sites.fract_transf_matrix[1][2]   0.02169177 
_atom_sites.fract_transf_matrix[1][3]   -0.00232599 
_atom_sites.fract_transf_matrix[2][1]   0.02171575 
_atom_sites.fract_transf_matrix[2][2]   -0.00302552 
_atom_sites.fract_transf_matrix[2][3]   0.00245033 
_atom_sites.fract_transf_matrix[3][1]   0.00062445 
_atom_sites.fract_transf_matrix[3][2]   -0.00079297 
_atom_sites.fract_transf_matrix[3][3]   -0.00651326 
_atom_sites.fract_transf_vector[1]      -0.496492 
_atom_sites.fract_transf_vector[2]      -0.034765 
_atom_sites.fract_transf_vector[3]      -0.053723 
# 
loop_
_atom_type.symbol 
C 
N 
O 
S 
# 
loop_
_atom_site.group_PDB 
_atom_site.id 
_atom_site.type_symbol 
_atom_site.label_atom_id 
_atom_site.label_alt_id 
_atom_site.label_comp_id 
_atom_site.label_asym_id 
_atom_site.label_entity_id 
_atom_site.label_seq_id 
_atom_site.pdbx_PDB_ins_code 
_atom_site.Cartn_x 
_atom_site.Cartn_y 
_atom_site.Cartn_z 
_atom_site.occupancy 
_atom_site.B_iso_or_equiv 
_atom_site.pdbx_formal_charge 
_atom_site.auth_seq_id 
_atom_site.auth_comp_id 
_atom_site.auth_asym_id 
_atom_site.auth_atom_id 
_atom_site.pdbx_PDB_model_num 
ATOM   1    N N   . GLY A 1 21  ? -2.341  -20.805 9.725   1.00 29.21 ? 2    GLY A N   1 
ATOM   2    C CA  . GLY A 1 21  ? -2.791  -20.509 8.333   1.00 28.87 ? 2    GLY A CA  1 
ATOM   3    C C   . GLY A 1 21  ? -1.651  -20.094 7.422   1.00 28.61 ? 2    GLY A C   1 
ATOM   4    O O   . GLY A 1 21  ? -0.752  -19.354 7.834   1.00 29.04 ? 2    GLY A O   1 
ATOM   5    N N   . ALA A 1 22  ? -1.696  -20.574 6.179   1.00 28.08 ? 3    ALA A N   1 
ATOM   6    C CA  . ALA A 1 22  ? -0.677  -20.271 5.173   1.00 27.25 ? 3    ALA A CA  1 
ATOM   7    C C   . ALA A 1 22  ? -0.787  -18.827 4.690   1.00 26.52 ? 3    ALA A C   1 
ATOM   8    O O   . ALA A 1 22  ? -1.864  -18.226 4.758   1.00 26.37 ? 3    ALA A O   1 
ATOM   9    C CB  . ALA A 1 22  ? -0.792  -21.231 3.998   1.00 27.50 ? 3    ALA A CB  1 
ATOM   10   N N   . SER A 1 23  ? 0.330   -18.280 4.207   1.00 25.56 ? 4    SER A N   1 
ATOM   11   C CA  . SER A 1 23  ? 0.375   -16.891 3.737   1.00 24.36 ? 4    SER A CA  1 
ATOM   12   C C   . SER A 1 23  ? 1.228   -16.687 2.478   1.00 23.35 ? 4    SER A C   1 
ATOM   13   O O   . SER A 1 23  ? 2.105   -17.497 2.165   1.00 23.45 ? 4    SER A O   1 
ATOM   14   C CB  . SER A 1 23  ? 0.840   -15.951 4.857   1.00 24.59 ? 4    SER A CB  1 
ATOM   15   O OG  . SER A 1 23  ? 2.202   -16.172 5.183   1.00 25.87 ? 4    SER A OG  1 
ATOM   16   N N   . ARG A 1 24  ? 0.957   -15.588 1.777   1.00 21.60 ? 5    ARG A N   1 
ATOM   17   C CA  . ARG A 1 24  ? 1.632   -15.220 0.535   1.00 20.19 ? 5    ARG A CA  1 
ATOM   18   C C   . ARG A 1 24  ? 2.180   -13.798 0.680   1.00 18.13 ? 5    ARG A C   1 
ATOM   19   O O   . ARG A 1 24  ? 1.564   -12.974 1.355   1.00 17.37 ? 5    ARG A O   1 
ATOM   20   C CB  . ARG A 1 24  ? 0.628   -15.289 -0.619  1.00 20.47 ? 5    ARG A CB  1 
ATOM   21   C CG  . ARG A 1 24  ? 1.197   -15.069 -2.005  1.00 21.67 ? 5    ARG A CG  1 
ATOM   22   C CD  . ARG A 1 24  ? 0.142   -15.345 -3.076  1.00 22.27 ? 5    ARG A CD  1 
ATOM   23   N NE  . ARG A 1 24  ? 0.688   -15.262 -4.431  1.00 26.90 ? 5    ARG A NE  1 
ATOM   24   C CZ  . ARG A 1 24  ? 1.271   -16.269 -5.081  1.00 28.56 ? 5    ARG A CZ  1 
ATOM   25   N NH1 . ARG A 1 24  ? 1.406   -17.461 -4.510  1.00 29.82 ? 5    ARG A NH1 1 
ATOM   26   N NH2 . ARG A 1 24  ? 1.727   -16.081 -6.314  1.00 29.64 ? 5    ARG A NH2 1 
ATOM   27   N N   . LEU A 1 25  ? 3.322   -13.518 0.048   1.00 15.95 ? 6    LEU A N   1 
ATOM   28   C CA  . LEU A 1 25  ? 3.980   -12.200 0.138   1.00 13.93 ? 6    LEU A CA  1 
ATOM   29   C C   . LEU A 1 25  ? 3.456   -11.176 -0.870  1.00 12.95 ? 6    LEU A C   1 
ATOM   30   O O   . LEU A 1 25  ? 3.319   -11.467 -2.058  1.00 12.42 ? 6    LEU A O   1 
ATOM   31   C CB  . LEU A 1 25  ? 5.498   -12.324 -0.041  1.00 14.03 ? 6    LEU A CB  1 
ATOM   32   C CG  . LEU A 1 25  ? 6.350   -12.980 1.048   1.00 13.87 ? 6    LEU A CG  1 
ATOM   33   C CD1 . LEU A 1 25  ? 7.719   -13.318 0.482   1.00 13.44 ? 6    LEU A CD1 1 
ATOM   34   C CD2 . LEU A 1 25  ? 6.485   -12.086 2.274   1.00 14.36 ? 6    LEU A CD2 1 
ATOM   35   N N   . TYR A 1 26  ? 3.196   -9.966  -0.377  1.00 11.39 ? 7    TYR A N   1 
ATOM   36   C CA  . TYR A 1 26  ? 2.742   -8.839  -1.195  1.00 10.72 ? 7    TYR A CA  1 
ATOM   37   C C   . TYR A 1 26  ? 3.498   -7.573  -0.794  1.00 9.84  ? 7    TYR A C   1 
ATOM   38   O O   . TYR A 1 26  ? 4.108   -7.518  0.276   1.00 9.61  ? 7    TYR A O   1 
ATOM   39   C CB  . TYR A 1 26  ? 1.245   -8.596  -0.989  1.00 11.26 ? 7    TYR A CB  1 
ATOM   40   C CG  . TYR A 1 26  ? 0.352   -9.742  -1.388  1.00 11.33 ? 7    TYR A CG  1 
ATOM   41   C CD1 . TYR A 1 26  ? 0.168   -10.827 -0.539  1.00 11.26 ? 7    TYR A CD1 1 
ATOM   42   C CD2 . TYR A 1 26  ? -0.325  -9.733  -2.610  1.00 11.42 ? 7    TYR A CD2 1 
ATOM   43   C CE1 . TYR A 1 26  ? -0.660  -11.881 -0.891  1.00 11.91 ? 7    TYR A CE1 1 
ATOM   44   C CE2 . TYR A 1 26  ? -1.162  -10.782 -2.971  1.00 11.97 ? 7    TYR A CE2 1 
ATOM   45   C CZ  . TYR A 1 26  ? -1.316  -11.855 -2.108  1.00 12.00 ? 7    TYR A CZ  1 
ATOM   46   O OH  . TYR A 1 26  ? -2.142  -12.895 -2.456  1.00 14.43 ? 7    TYR A OH  1 
ATOM   47   N N   . THR A 1 27  ? 3.437   -6.557  -1.653  1.00 9.00  ? 8    THR A N   1 
ATOM   48   C CA  . THR A 1 27  ? 4.026   -5.253  -1.371  1.00 8.69  ? 8    THR A CA  1 
ATOM   49   C C   . THR A 1 27  ? 2.977   -4.150  -1.441  1.00 8.17  ? 8    THR A C   1 
ATOM   50   O O   . THR A 1 27  ? 1.935   -4.307  -2.079  1.00 8.15  ? 8    THR A O   1 
ATOM   51   C CB  . THR A 1 27  ? 5.120   -4.905  -2.383  1.00 8.46  ? 8    THR A CB  1 
ATOM   52   O OG1 . THR A 1 27  ? 4.567   -4.961  -3.706  1.00 9.51  ? 8    THR A OG1 1 
ATOM   53   C CG2 . THR A 1 27  ? 6.282   -5.879  -2.255  1.00 8.91  ? 8    THR A CG2 1 
ATOM   54   N N   . LEU A 1 28  ? 3.272   -3.040  -0.771  1.00 7.94  ? 9    LEU A N   1 
ATOM   55   C CA  . LEU A 1 28  ? 2.470   -1.826  -0.868  1.00 7.92  ? 9    LEU A CA  1 
ATOM   56   C C   . LEU A 1 28  ? 3.404   -0.642  -0.688  1.00 8.07  ? 9    LEU A C   1 
ATOM   57   O O   . LEU A 1 28  ? 4.180   -0.591  0.274   1.00 8.80  ? 9    LEU A O   1 
ATOM   58   C CB  . LEU A 1 28  ? 1.357   -1.821  0.186   1.00 7.93  ? 9    LEU A CB  1 
ATOM   59   C CG  . LEU A 1 28  ? 0.454   -0.584  0.268   1.00 8.37  ? 9    LEU A CG  1 
ATOM   60   C CD1 . LEU A 1 28  ? -0.210  -0.260  -1.069  1.00 9.49  ? 9    LEU A CD1 1 
ATOM   61   C CD2 . LEU A 1 28  ? -0.584  -0.835  1.338   1.00 9.18  ? 9    LEU A CD2 1 
ATOM   62   N N   . VAL A 1 29  ? 3.353   0.288   -1.641  1.00 8.43  ? 10   VAL A N   1 
ATOM   63   C CA  . VAL A 1 29  ? 4.272   1.427   -1.677  1.00 8.69  ? 10   VAL A CA  1 
ATOM   64   C C   . VAL A 1 29  ? 3.522   2.752   -1.612  1.00 9.07  ? 10   VAL A C   1 
ATOM   65   O O   . VAL A 1 29  ? 2.632   2.999   -2.424  1.00 9.32  ? 10   VAL A O   1 
ATOM   66   C CB  . VAL A 1 29  ? 5.133   1.410   -2.958  1.00 8.72  ? 10   VAL A CB  1 
ATOM   67   C CG1 . VAL A 1 29  ? 6.098   2.585   -2.973  1.00 8.59  ? 10   VAL A CG1 1 
ATOM   68   C CG2 . VAL A 1 29  ? 5.893   0.086   -3.082  1.00 9.41  ? 10   VAL A CG2 1 
ATOM   69   N N   . LEU A 1 30  ? 3.890   3.587   -0.641  1.00 9.75  ? 11   LEU A N   1 
ATOM   70   C CA  . LEU A 1 30  ? 3.358   4.948   -0.529  1.00 10.80 ? 11   LEU A CA  1 
ATOM   71   C C   . LEU A 1 30  ? 4.425   5.954   -0.926  1.00 11.26 ? 11   LEU A C   1 
ATOM   72   O O   . LEU A 1 30  ? 5.500   5.997   -0.327  1.00 11.72 ? 11   LEU A O   1 
ATOM   73   C CB  . LEU A 1 30  ? 2.880   5.243   0.900   1.00 10.79 ? 11   LEU A CB  1 
ATOM   74   C CG  . LEU A 1 30  ? 1.625   4.558   1.462   1.00 11.70 ? 11   LEU A CG  1 
ATOM   75   C CD1 . LEU A 1 30  ? 0.460   4.635   0.489   1.00 14.13 ? 11   LEU A CD1 1 
ATOM   76   C CD2 . LEU A 1 30  ? 1.914   3.116   1.882   1.00 14.26 ? 11   LEU A CD2 1 
ATOM   77   N N   . VAL A 1 31  ? 4.124   6.756   -1.942  1.00 12.18 ? 12   VAL A N   1 
ATOM   78   C CA  . VAL A 1 31  ? 4.986   7.860   -2.330  1.00 12.84 ? 12   VAL A CA  1 
ATOM   79   C C   . VAL A 1 31  ? 4.532   9.055   -1.503  1.00 13.17 ? 12   VAL A C   1 
ATOM   80   O O   . VAL A 1 31  ? 3.505   9.672   -1.794  1.00 12.99 ? 12   VAL A O   1 
ATOM   81   C CB  . VAL A 1 31  ? 4.894   8.151   -3.839  1.00 13.18 ? 12   VAL A CB  1 
ATOM   82   C CG1 . VAL A 1 31  ? 5.737   9.364   -4.211  1.00 13.66 ? 12   VAL A CG1 1 
ATOM   83   C CG2 . VAL A 1 31  ? 5.327   6.920   -4.650  1.00 13.47 ? 12   VAL A CG2 1 
ATOM   84   N N   . LEU A 1 32  ? 5.289   9.351   -0.452  1.00 14.21 ? 13   LEU A N   1 
ATOM   85   C CA  . LEU A 1 32  ? 4.891   10.345  0.531   1.00 14.97 ? 13   LEU A CA  1 
ATOM   86   C C   . LEU A 1 32  ? 5.885   11.491  0.611   1.00 15.62 ? 13   LEU A C   1 
ATOM   87   O O   . LEU A 1 32  ? 6.994   11.345  1.136   1.00 15.84 ? 13   LEU A O   1 
ATOM   88   C CB  . LEU A 1 32  ? 4.689   9.699   1.909   1.00 15.14 ? 13   LEU A CB  1 
ATOM   89   C CG  . LEU A 1 32  ? 4.227   10.608  3.052   1.00 15.76 ? 13   LEU A CG  1 
ATOM   90   C CD1 . LEU A 1 32  ? 2.844   11.201  2.778   1.00 15.31 ? 13   LEU A CD1 1 
ATOM   91   C CD2 . LEU A 1 32  ? 4.238   9.854   4.365   1.00 16.88 ? 13   LEU A CD2 1 
ATOM   92   N N   . GLN A 1 33  ? 5.463   12.633  0.085   1.00 16.43 ? 14   GLN A N   1 
ATOM   93   C CA  . GLN A 1 33  ? 6.266   13.842  0.103   1.00 17.21 ? 14   GLN A CA  1 
ATOM   94   C C   . GLN A 1 33  ? 5.799   14.720  1.268   1.00 17.43 ? 14   GLN A C   1 
ATOM   95   O O   . GLN A 1 33  ? 4.782   14.410  1.898   1.00 17.68 ? 14   GLN A O   1 
ATOM   96   C CB  . GLN A 1 33  ? 6.177   14.540  -1.262  1.00 17.01 ? 14   GLN A CB  1 
ATOM   97   C CG  . GLN A 1 33  ? 6.731   13.674  -2.408  1.00 17.80 ? 14   GLN A CG  1 
ATOM   98   C CD  . GLN A 1 33  ? 6.800   14.385  -3.750  1.00 17.94 ? 14   GLN A CD  1 
ATOM   99   O OE1 . GLN A 1 33  ? 6.064   15.336  -4.011  1.00 19.12 ? 14   GLN A OE1 1 
ATOM   100  N NE2 . GLN A 1 33  ? 7.682   13.906  -4.620  1.00 19.58 ? 14   GLN A NE2 1 
ATOM   101  N N   . PRO A 1 34  ? 6.558   15.785  1.602   1.00 17.81 ? 15   PRO A N   1 
ATOM   102  C CA  . PRO A 1 34  ? 6.204   16.621  2.753   1.00 17.96 ? 15   PRO A CA  1 
ATOM   103  C C   . PRO A 1 34  ? 4.759   17.127  2.813   1.00 17.58 ? 15   PRO A C   1 
ATOM   104  O O   . PRO A 1 34  ? 4.204   17.235  3.907   1.00 17.93 ? 15   PRO A O   1 
ATOM   105  C CB  . PRO A 1 34  ? 7.163   17.808  2.625   1.00 17.95 ? 15   PRO A CB  1 
ATOM   106  C CG  . PRO A 1 34  ? 8.344   17.248  1.947   1.00 18.26 ? 15   PRO A CG  1 
ATOM   107  C CD  . PRO A 1 34  ? 7.810   16.243  0.968   1.00 18.06 ? 15   PRO A CD  1 
ATOM   108  N N   . GLN A 1 35  ? 4.162   17.426  1.659   1.00 17.22 ? 16   GLN A N   1 
ATOM   109  C CA  . GLN A 1 35  ? 2.855   18.082  1.615   1.00 17.39 ? 16   GLN A CA  1 
ATOM   110  C C   . GLN A 1 35  ? 1.795   17.277  0.859   1.00 15.81 ? 16   GLN A C   1 
ATOM   111  O O   . GLN A 1 35  ? 0.619   17.652  0.831   1.00 15.72 ? 16   GLN A O   1 
ATOM   112  C CB  . GLN A 1 35  ? 3.006   19.470  0.985   1.00 17.37 ? 16   GLN A CB  1 
ATOM   113  C CG  . GLN A 1 35  ? 1.939   20.482  1.374   1.00 19.85 ? 16   GLN A CG  1 
ATOM   114  C CD  . GLN A 1 35  ? 2.168   21.846  0.739   1.00 19.85 ? 16   GLN A CD  1 
ATOM   115  O OE1 . GLN A 1 35  ? 2.947   21.984  -0.208  1.00 24.06 ? 16   GLN A OE1 1 
ATOM   116  N NE2 . GLN A 1 35  ? 1.485   22.861  1.255   1.00 22.60 ? 16   GLN A NE2 1 
ATOM   117  N N   . ARG A 1 36  ? 2.204   16.164  0.256   1.00 14.46 ? 17   ARG A N   1 
ATOM   118  C CA  . ARG A 1 36  ? 1.300   15.400  -0.606  1.00 13.12 ? 17   ARG A CA  1 
ATOM   119  C C   . ARG A 1 36  ? 1.667   13.921  -0.684  1.00 12.34 ? 17   ARG A C   1 
ATOM   120  O O   . ARG A 1 36  ? 2.801   13.536  -0.394  1.00 11.80 ? 17   ARG A O   1 
ATOM   121  C CB  . ARG A 1 36  ? 1.236   16.018  -2.017  1.00 13.32 ? 17   ARG A CB  1 
ATOM   122  C CG  . ARG A 1 36  ? 2.581   16.088  -2.737  1.00 13.34 ? 17   ARG A CG  1 
ATOM   123  C CD  . ARG A 1 36  ? 2.441   16.651  -4.139  1.00 13.96 ? 17   ARG A CD  1 
ATOM   124  N NE  . ARG A 1 36  ? 3.673   16.454  -4.904  1.00 16.60 ? 17   ARG A NE  1 
ATOM   125  C CZ  . ARG A 1 36  ? 3.853   16.847  -6.163  1.00 17.58 ? 17   ARG A CZ  1 
ATOM   126  N NH1 . ARG A 1 36  ? 2.883   17.465  -6.822  1.00 18.11 ? 17   ARG A NH1 1 
ATOM   127  N NH2 . ARG A 1 36  ? 5.015   16.619  -6.764  1.00 19.67 ? 17   ARG A NH2 1 
ATOM   128  N N   . VAL A 1 37  ? 0.685   13.108  -1.065  1.00 10.75 ? 18   VAL A N   1 
ATOM   129  C CA  . VAL A 1 37  ? 0.862   11.667  -1.254  1.00 10.24 ? 18   VAL A CA  1 
ATOM   130  C C   . VAL A 1 37  ? 0.326   11.272  -2.633  1.00 9.56  ? 18   VAL A C   1 
ATOM   131  O O   . VAL A 1 37  ? -0.685  11.812  -3.091  1.00 9.71  ? 18   VAL A O   1 
ATOM   132  C CB  . VAL A 1 37  ? 0.163   10.850  -0.112  1.00 9.79  ? 18   VAL A CB  1 
ATOM   133  C CG1 . VAL A 1 37  ? -1.358  11.009  -0.136  1.00 10.61 ? 18   VAL A CG1 1 
ATOM   134  C CG2 . VAL A 1 37  ? 0.566   9.372   -0.162  1.00 10.34 ? 18   VAL A CG2 1 
ATOM   135  N N   . LEU A 1 38  ? 1.020   10.355  -3.304  1.00 9.52  ? 19   LEU A N   1 
ATOM   136  C CA  . LEU A 1 38  ? 0.570   9.856   -4.590  1.00 9.53  ? 19   LEU A CA  1 
ATOM   137  C C   . LEU A 1 38  ? -0.255  8.601   -4.369  1.00 9.20  ? 19   LEU A C   1 
ATOM   138  O O   . LEU A 1 38  ? 0.186   7.671   -3.692  1.00 9.74  ? 19   LEU A O   1 
ATOM   139  C CB  . LEU A 1 38  ? 1.766   9.544   -5.500  1.00 9.75  ? 19   LEU A CB  1 
ATOM   140  C CG  . LEU A 1 38  ? 1.436   9.214   -6.958  1.00 10.40 ? 19   LEU A CG  1 
ATOM   141  C CD1 . LEU A 1 38  ? 0.975   10.454  -7.711  1.00 11.47 ? 19   LEU A CD1 1 
ATOM   142  C CD2 . LEU A 1 38  ? 2.635   8.576   -7.647  1.00 9.87  ? 19   LEU A CD2 1 
ATOM   143  N N   . LEU A 1 39  ? -1.459  8.588   -4.931  1.00 9.43  ? 20   LEU A N   1 
ATOM   144  C CA  . LEU A 1 39  ? -2.300  7.402   -4.935  1.00 9.26  ? 20   LEU A CA  1 
ATOM   145  C C   . LEU A 1 39  ? -2.725  7.103   -6.361  1.00 9.65  ? 20   LEU A C   1 
ATOM   146  O O   . LEU A 1 39  ? -2.729  7.991   -7.219  1.00 11.18 ? 20   LEU A O   1 
ATOM   147  C CB  . LEU A 1 39  ? -3.527  7.591   -4.031  1.00 9.32  ? 20   LEU A CB  1 
ATOM   148  C CG  . LEU A 1 39  ? -3.242  7.850   -2.546  1.00 9.00  ? 20   LEU A CG  1 
ATOM   149  C CD1 . LEU A 1 39  ? -4.501  8.279   -1.822  1.00 8.96  ? 20   LEU A CD1 1 
ATOM   150  C CD2 . LEU A 1 39  ? -2.620  6.641   -1.842  1.00 9.01  ? 20   LEU A CD2 1 
ATOM   151  N N   . GLY A 1 40  ? -3.072  5.854   -6.623  1.00 9.59  ? 21   GLY A N   1 
ATOM   152  C CA  . GLY A 1 40  ? -3.540  5.469   -7.944  1.00 9.77  ? 21   GLY A CA  1 
ATOM   153  C C   . GLY A 1 40  ? -4.947  4.934   -7.871  1.00 9.93  ? 21   GLY A C   1 
ATOM   154  O O   . GLY A 1 40  ? -5.285  4.181   -6.952  1.00 9.33  ? 21   GLY A O   1 
ATOM   155  N N   . MET A 1 41  ? -5.772  5.322   -8.837  1.00 10.13 ? 22   MET A N   1 
ATOM   156  C CA  . MET A 1 41  ? -7.117  4.763   -8.958  1.00 11.37 ? 22   MET A CA  1 
ATOM   157  C C   . MET A 1 41  ? -7.068  3.469   -9.753  1.00 11.80 ? 22   MET A C   1 
ATOM   158  O O   . MET A 1 41  ? -6.524  3.426   -10.856 1.00 11.16 ? 22   MET A O   1 
ATOM   159  C CB  . MET A 1 41  ? -8.066  5.745   -9.648  1.00 10.95 ? 22   MET A CB  1 
ATOM   160  C CG  . MET A 1 41  ? -9.543  5.347   -9.552  1.00 11.84 ? 22   MET A CG  1 
ATOM   161  S SD  . MET A 1 41  ? -10.564 6.234   -10.752 1.00 13.88 ? 22   MET A SD  1 
ATOM   162  C CE  . MET A 1 41  ? -10.072 5.403   -12.258 1.00 14.54 ? 22   MET A CE  1 
ATOM   163  N N   . LYS A 1 42  ? -7.655  2.420   -9.186  1.00 12.87 ? 23   LYS A N   1 
ATOM   164  C CA  . LYS A 1 42  ? -7.813  1.159   -9.901  1.00 14.74 ? 23   LYS A CA  1 
ATOM   165  C C   . LYS A 1 42  ? -8.758  1.353   -11.084 1.00 15.25 ? 23   LYS A C   1 
ATOM   166  O O   . LYS A 1 42  ? -9.900  1.775   -10.917 1.00 15.11 ? 23   LYS A O   1 
ATOM   167  C CB  . LYS A 1 42  ? -8.352  0.081   -8.965  1.00 15.20 ? 23   LYS A CB  1 
ATOM   168  C CG  . LYS A 1 42  ? -8.236  -1.326  -9.519  1.00 17.93 ? 23   LYS A CG  1 
ATOM   169  C CD  . LYS A 1 42  ? -7.019  -2.053  -8.955  1.00 21.85 ? 23   LYS A CD  1 
ATOM   170  C CE  . LYS A 1 42  ? -5.772  -1.837  -9.793  1.00 24.09 ? 23   LYS A CE  1 
ATOM   171  N NZ  . LYS A 1 42  ? -4.886  -3.033  -9.737  1.00 26.60 ? 23   LYS A NZ  1 
ATOM   172  N N   . LYS A 1 43  ? -8.267  1.059   -12.285 1.00 16.63 ? 24   LYS A N   1 
ATOM   173  C CA  . LYS A 1 43  ? -9.017  1.327   -13.506 1.00 17.90 ? 24   LYS A CA  1 
ATOM   174  C C   . LYS A 1 43  ? -9.940  0.189   -13.938 1.00 19.28 ? 24   LYS A C   1 
ATOM   175  O O   . LYS A 1 43  ? -11.015 0.443   -14.482 1.00 20.26 ? 24   LYS A O   1 
ATOM   176  C CB  . LYS A 1 43  ? -8.055  1.658   -14.647 1.00 17.25 ? 24   LYS A CB  1 
ATOM   177  C CG  . LYS A 1 43  ? -7.418  3.037   -14.550 1.00 16.30 ? 24   LYS A CG  1 
ATOM   178  C CD  . LYS A 1 43  ? -6.233  3.182   -15.507 1.00 14.55 ? 24   LYS A CD  1 
ATOM   179  C CE  . LYS A 1 43  ? -6.641  2.888   -16.943 1.00 13.36 ? 24   LYS A CE  1 
ATOM   180  N NZ  . LYS A 1 43  ? -5.533  3.147   -17.898 1.00 13.14 ? 24   LYS A NZ  1 
ATOM   181  N N   . ARG A 1 44  ? -9.508  -1.050  -13.696 1.00 20.96 ? 25   ARG A N   1 
ATOM   182  C CA  . ARG A 1 44  ? -10.157 -2.243  -14.247 1.00 22.58 ? 25   ARG A CA  1 
ATOM   183  C C   . ARG A 1 44  ? -11.028 -2.969  -13.233 1.00 22.55 ? 25   ARG A C   1 
ATOM   184  O O   . ARG A 1 44  ? -10.792 -2.885  -12.027 1.00 22.89 ? 25   ARG A O   1 
ATOM   185  C CB  . ARG A 1 44  ? -9.106  -3.222  -14.812 1.00 22.96 ? 25   ARG A CB  1 
ATOM   186  C CG  . ARG A 1 44  ? -8.678  -4.384  -13.868 1.00 25.63 ? 25   ARG A CG  1 
ATOM   187  C CD  . ARG A 1 44  ? -7.697  -3.936  -12.786 1.00 29.33 ? 25   ARG A CD  1 
ATOM   188  N NE  . ARG A 1 44  ? -7.402  -4.967  -11.790 1.00 32.17 ? 25   ARG A NE  1 
ATOM   189  C CZ  . ARG A 1 44  ? -8.051  -5.113  -10.636 1.00 33.03 ? 25   ARG A CZ  1 
ATOM   190  N NH1 . ARG A 1 44  ? -9.067  -4.316  -10.327 1.00 33.36 ? 25   ARG A NH1 1 
ATOM   191  N NH2 . ARG A 1 44  ? -7.702  -6.083  -9.797  1.00 33.49 ? 25   ARG A NH2 1 
ATOM   192  N N   . GLY A 1 45  ? -12.025 -3.689  -13.744 1.00 22.87 ? 26   GLY A N   1 
ATOM   193  C CA  . GLY A 1 45  ? -12.757 -4.673  -12.962 1.00 22.62 ? 26   GLY A CA  1 
ATOM   194  C C   . GLY A 1 45  ? -13.798 -4.117  -12.021 1.00 22.49 ? 26   GLY A C   1 
ATOM   195  O O   . GLY A 1 45  ? -14.106 -2.924  -12.050 1.00 22.73 ? 26   GLY A O   1 
ATOM   196  N N   . PHE A 1 46  ? -14.328 -4.993  -11.173 1.00 22.13 ? 27   PHE A N   1 
ATOM   197  C CA  . PHE A 1 46  ? -15.392 -4.635  -10.239 1.00 21.81 ? 27   PHE A CA  1 
ATOM   198  C C   . PHE A 1 46  ? -14.875 -3.760  -9.097  1.00 21.40 ? 27   PHE A C   1 
ATOM   199  O O   . PHE A 1 46  ? -15.649 -3.047  -8.453  1.00 21.75 ? 27   PHE A O   1 
ATOM   200  C CB  . PHE A 1 46  ? -16.076 -5.895  -9.689  1.00 21.79 ? 27   PHE A CB  1 
ATOM   201  C CG  . PHE A 1 46  ? -16.810 -6.705  -10.735 1.00 21.93 ? 27   PHE A CG  1 
ATOM   202  C CD1 . PHE A 1 46  ? -17.834 -6.135  -11.490 1.00 22.14 ? 27   PHE A CD1 1 
ATOM   203  C CD2 . PHE A 1 46  ? -16.493 -8.046  -10.945 1.00 21.21 ? 27   PHE A CD2 1 
ATOM   204  C CE1 . PHE A 1 46  ? -18.517 -6.883  -12.450 1.00 22.15 ? 27   PHE A CE1 1 
ATOM   205  C CE2 . PHE A 1 46  ? -17.166 -8.799  -11.903 1.00 20.77 ? 27   PHE A CE2 1 
ATOM   206  C CZ  . PHE A 1 46  ? -18.181 -8.217  -12.656 1.00 21.61 ? 27   PHE A CZ  1 
ATOM   207  N N   . GLY A 1 47  ? -13.565 -3.817  -8.858  1.00 20.87 ? 28   GLY A N   1 
ATOM   208  C CA  . GLY A 1 47  ? -12.921 -3.002  -7.828  1.00 20.14 ? 28   GLY A CA  1 
ATOM   209  C C   . GLY A 1 47  ? -12.499 -1.621  -8.301  1.00 19.29 ? 28   GLY A C   1 
ATOM   210  O O   . GLY A 1 47  ? -11.823 -0.889  -7.568  1.00 19.63 ? 28   GLY A O   1 
ATOM   211  N N   . ALA A 1 48  ? -12.902 -1.260  -9.518  1.00 18.31 ? 29   ALA A N   1 
ATOM   212  C CA  . ALA A 1 48  ? -12.543 0.030   -10.108 1.00 17.10 ? 29   ALA A CA  1 
ATOM   213  C C   . ALA A 1 48  ? -13.081 1.223   -9.318  1.00 16.16 ? 29   ALA A C   1 
ATOM   214  O O   . ALA A 1 48  ? -14.195 1.191   -8.781  1.00 16.17 ? 29   ALA A O   1 
ATOM   215  C CB  . ALA A 1 48  ? -12.991 0.100   -11.565 1.00 17.50 ? 29   ALA A CB  1 
ATOM   216  N N   . GLY A 1 49  ? -12.267 2.272   -9.233  1.00 14.75 ? 30   GLY A N   1 
ATOM   217  C CA  . GLY A 1 49  ? -12.669 3.487   -8.545  1.00 13.09 ? 30   GLY A CA  1 
ATOM   218  C C   . GLY A 1 49  ? -12.074 3.628   -7.158  1.00 11.84 ? 30   GLY A C   1 
ATOM   219  O O   . GLY A 1 49  ? -12.163 4.693   -6.557  1.00 11.87 ? 30   GLY A O   1 
ATOM   220  N N   . ARG A 1 50  ? -11.484 2.553   -6.643  1.00 11.15 ? 31   ARG A N   1 
ATOM   221  C CA  . ARG A 1 50  ? -10.774 2.610   -5.372  1.00 10.51 ? 31   ARG A CA  1 
ATOM   222  C C   . ARG A 1 50  ? -9.399  3.229   -5.580  1.00 9.71  ? 31   ARG A C   1 
ATOM   223  O O   . ARG A 1 50  ? -8.735  2.954   -6.578  1.00 9.69  ? 31   ARG A O   1 
ATOM   224  C CB  . ARG A 1 50  ? -10.653 1.208   -4.769  1.00 10.75 ? 31   ARG A CB  1 
ATOM   225  C CG  . ARG A 1 50  ? -10.026 1.161   -3.391  1.00 11.95 ? 31   ARG A CG  1 
ATOM   226  C CD  . ARG A 1 50  ? -10.447 -0.101  -2.644  1.00 13.89 ? 31   ARG A CD  1 
ATOM   227  N NE  . ARG A 1 50  ? -11.806 0.014   -2.117  1.00 15.49 ? 31   ARG A NE  1 
ATOM   228  C CZ  . ARG A 1 50  ? -12.373 -0.857  -1.285  1.00 17.01 ? 31   ARG A CZ  1 
ATOM   229  N NH1 . ARG A 1 50  ? -11.704 -1.922  -0.867  1.00 17.05 ? 31   ARG A NH1 1 
ATOM   230  N NH2 . ARG A 1 50  ? -13.615 -0.660  -0.865  1.00 18.64 ? 31   ARG A NH2 1 
ATOM   231  N N   . TRP A 1 51  ? -8.995  4.070   -4.632  1.00 9.11  ? 32   TRP A N   1 
ATOM   232  C CA  . TRP A 1 51  ? -7.709  4.760   -4.668  1.00 8.96  ? 32   TRP A CA  1 
ATOM   233  C C   . TRP A 1 51  ? -6.767  4.145   -3.641  1.00 9.12  ? 32   TRP A C   1 
ATOM   234  O O   . TRP A 1 51  ? -7.168  3.895   -2.508  1.00 9.04  ? 32   TRP A O   1 
ATOM   235  C CB  . TRP A 1 51  ? -7.917  6.244   -4.363  1.00 8.97  ? 32   TRP A CB  1 
ATOM   236  C CG  . TRP A 1 51  ? -8.672  6.949   -5.446  1.00 9.21  ? 32   TRP A CG  1 
ATOM   237  C CD1 . TRP A 1 51  ? -10.028 6.988   -5.614  1.00 10.45 ? 32   TRP A CD1 1 
ATOM   238  C CD2 . TRP A 1 51  ? -8.112  7.717   -6.515  1.00 9.76  ? 32   TRP A CD2 1 
ATOM   239  N NE1 . TRP A 1 51  ? -10.346 7.728   -6.728  1.00 10.73 ? 32   TRP A NE1 1 
ATOM   240  C CE2 . TRP A 1 51  ? -9.189  8.186   -7.303  1.00 9.84  ? 32   TRP A CE2 1 
ATOM   241  C CE3 . TRP A 1 51  ? -6.804  8.043   -6.892  1.00 11.03 ? 32   TRP A CE3 1 
ATOM   242  C CZ2 . TRP A 1 51  ? -8.998  8.981   -8.441  1.00 10.10 ? 32   TRP A CZ2 1 
ATOM   243  C CZ3 . TRP A 1 51  ? -6.613  8.822   -8.033  1.00 10.20 ? 32   TRP A CZ3 1 
ATOM   244  C CH2 . TRP A 1 51  ? -7.707  9.288   -8.785  1.00 10.22 ? 32   TRP A CH2 1 
ATOM   245  N N   . ASN A 1 52  ? -5.524  3.880   -4.037  1.00 9.38  ? 33   ASN A N   1 
ATOM   246  C CA  . ASN A 1 52  ? -4.574  3.228   -3.135  1.00 10.06 ? 33   ASN A CA  1 
ATOM   247  C C   . ASN A 1 52  ? -3.125  3.437   -3.523  1.00 9.52  ? 33   ASN A C   1 
ATOM   248  O O   . ASN A 1 52  ? -2.826  4.066   -4.534  1.00 9.61  ? 33   ASN A O   1 
ATOM   249  C CB  . ASN A 1 52  ? -4.874  1.729   -3.022  1.00 11.01 ? 33   ASN A CB  1 
ATOM   250  C CG  . ASN A 1 52  ? -5.258  1.112   -4.349  1.00 11.57 ? 33   ASN A CG  1 
ATOM   251  O OD1 . ASN A 1 52  ? -6.404  0.707   -4.544  1.00 14.20 ? 33   ASN A OD1 1 
ATOM   252  N ND2 . ASN A 1 52  ? -4.311  1.053   -5.272  1.00 14.19 ? 33   ASN A ND2 1 
ATOM   253  N N   . GLY A 1 53  ? -2.227  2.905   -2.697  1.00 9.61  ? 34   GLY A N   1 
ATOM   254  C CA  . GLY A 1 53  ? -0.811  2.890   -3.018  1.00 9.35  ? 34   GLY A CA  1 
ATOM   255  C C   . GLY A 1 53  ? -0.545  1.889   -4.121  1.00 9.21  ? 34   GLY A C   1 
ATOM   256  O O   . GLY A 1 53  ? -1.471  1.339   -4.724  1.00 9.40  ? 34   GLY A O   1 
ATOM   257  N N   . PHE A 1 54  ? 0.733   1.656   -4.387  1.00 9.15  ? 35   PHE A N   1 
ATOM   258  C CA  . PHE A 1 54  ? 1.136   0.805   -5.501  1.00 9.49  ? 35   PHE A CA  1 
ATOM   259  C C   . PHE A 1 54  ? 1.721   -0.493  -4.972  1.00 9.58  ? 35   PHE A C   1 
ATOM   260  O O   . PHE A 1 54  ? 2.461   -0.488  -3.997  1.00 10.28 ? 35   PHE A O   1 
ATOM   261  C CB  . PHE A 1 54  ? 2.119   1.563   -6.403  1.00 9.67  ? 35   PHE A CB  1 
ATOM   262  C CG  . PHE A 1 54  ? 1.580   2.893   -6.873  1.00 9.78  ? 35   PHE A CG  1 
ATOM   263  C CD1 . PHE A 1 54  ? 0.759   2.965   -7.990  1.00 10.80 ? 35   PHE A CD1 1 
ATOM   264  C CD2 . PHE A 1 54  ? 1.851   4.058   -6.166  1.00 10.01 ? 35   PHE A CD2 1 
ATOM   265  C CE1 . PHE A 1 54  ? 0.230   4.184   -8.413  1.00 11.59 ? 35   PHE A CE1 1 
ATOM   266  C CE2 . PHE A 1 54  ? 1.323   5.281   -6.580  1.00 11.11 ? 35   PHE A CE2 1 
ATOM   267  C CZ  . PHE A 1 54  ? 0.521   5.342   -7.706  1.00 10.96 ? 35   PHE A CZ  1 
ATOM   268  N N   . GLY A 1 55  ? 1.366   -1.610  -5.594  1.00 9.87  ? 36   GLY A N   1 
ATOM   269  C CA  . GLY A 1 55  ? 1.881   -2.898  -5.134  1.00 10.47 ? 36   GLY A CA  1 
ATOM   270  C C   . GLY A 1 55  ? 1.214   -4.105  -5.754  1.00 10.35 ? 36   GLY A C   1 
ATOM   271  O O   . GLY A 1 55  ? 0.306   -3.984  -6.571  1.00 11.01 ? 36   GLY A O   1 
ATOM   272  N N   . GLY A 1 56  ? 1.672   -5.283  -5.351  1.00 10.73 ? 37   GLY A N   1 
ATOM   273  C CA  . GLY A 1 56  ? 1.133   -6.533  -5.870  1.00 10.85 ? 37   GLY A CA  1 
ATOM   274  C C   . GLY A 1 56  ? 1.826   -7.706  -5.221  1.00 11.15 ? 37   GLY A C   1 
ATOM   275  O O   . GLY A 1 56  ? 2.507   -7.551  -4.210  1.00 10.79 ? 37   GLY A O   1 
ATOM   276  N N   . LYS A 1 57  ? 1.641   -8.883  -5.808  1.00 11.74 ? 38   LYS A N   1 
ATOM   277  C CA  . LYS A 1 57  ? 2.287   -10.105 -5.325  1.00 12.11 ? 38   LYS A CA  1 
ATOM   278  C C   . LYS A 1 57  ? 3.796   -10.014 -5.490  1.00 11.98 ? 38   LYS A C   1 
ATOM   279  O O   . LYS A 1 57  ? 4.283   -9.383  -6.425  1.00 11.89 ? 38   LYS A O   1 
ATOM   280  C CB  . LYS A 1 57  ? 1.768   -11.319 -6.101  1.00 12.56 ? 38   LYS A CB  1 
ATOM   281  C CG  . LYS A 1 57  ? 0.340   -11.697 -5.764  1.00 15.46 ? 38   LYS A CG  1 
ATOM   282  C CD  . LYS A 1 57  ? -0.189  -12.790 -6.678  1.00 18.99 ? 38   LYS A CD  1 
ATOM   283  C CE  . LYS A 1 57  ? -1.609  -13.179 -6.286  1.00 21.38 ? 38   LYS A CE  1 
ATOM   284  N NZ  . LYS A 1 57  ? -2.361  -13.810 -7.409  1.00 23.87 ? 38   LYS A NZ  1 
ATOM   285  N N   . VAL A 1 58  ? 4.535   -10.628 -4.569  1.00 11.78 ? 39   VAL A N   1 
ATOM   286  C CA  . VAL A 1 58  ? 5.971   -10.820 -4.757  1.00 12.14 ? 39   VAL A CA  1 
ATOM   287  C C   . VAL A 1 58  ? 6.167   -12.126 -5.515  1.00 12.85 ? 39   VAL A C   1 
ATOM   288  O O   . VAL A 1 58  ? 5.663   -13.167 -5.106  1.00 13.12 ? 39   VAL A O   1 
ATOM   289  C CB  . VAL A 1 58  ? 6.737   -10.854 -3.421  1.00 12.14 ? 39   VAL A CB  1 
ATOM   290  C CG1 . VAL A 1 58  ? 8.232   -11.090 -3.662  1.00 11.77 ? 39   VAL A CG1 1 
ATOM   291  C CG2 . VAL A 1 58  ? 6.540   -9.550  -2.670  1.00 11.93 ? 39   VAL A CG2 1 
ATOM   292  N N   . GLN A 1 59  ? 6.865   -12.047 -6.639  1.00 13.47 ? 40   GLN A N   1 
ATOM   293  C CA  . GLN A 1 59  ? 7.057   -13.202 -7.507  1.00 14.61 ? 40   GLN A CA  1 
ATOM   294  C C   . GLN A 1 59  ? 8.215   -14.063 -7.033  1.00 14.42 ? 40   GLN A C   1 
ATOM   295  O O   . GLN A 1 59  ? 9.120   -13.575 -6.346  1.00 14.55 ? 40   GLN A O   1 
ATOM   296  C CB  . GLN A 1 59  ? 7.324   -12.745 -8.941  1.00 14.56 ? 40   GLN A CB  1 
ATOM   297  C CG  . GLN A 1 59  ? 6.137   -12.091 -9.642  1.00 16.22 ? 40   GLN A CG  1 
ATOM   298  C CD  . GLN A 1 59  ? 6.528   -11.325 -10.904 1.00 16.48 ? 40   GLN A CD  1 
ATOM   299  O OE1 . GLN A 1 59  ? 5.691   -10.647 -11.508 1.00 20.74 ? 40   GLN A OE1 1 
ATOM   300  N NE2 . GLN A 1 59  ? 7.795   -11.411 -11.297 1.00 19.08 ? 40   GLN A NE2 1 
ATOM   301  N N   . GLU A 1 60  ? 8.173   -15.350 -7.388  1.00 14.50 ? 41   GLU A N   1 
ATOM   302  C CA  . GLU A 1 60  ? 9.377   -16.176 -7.340  1.00 14.73 ? 41   GLU A CA  1 
ATOM   303  C C   . GLU A 1 60  ? 10.389  -15.518 -8.265  1.00 13.88 ? 41   GLU A C   1 
ATOM   304  O O   . GLU A 1 60  ? 10.050  -15.141 -9.392  1.00 13.96 ? 41   GLU A O   1 
ATOM   305  C CB  . GLU A 1 60  ? 9.103   -17.605 -7.823  1.00 15.16 ? 41   GLU A CB  1 
ATOM   306  C CG  . GLU A 1 60  ? 8.362   -18.490 -6.829  1.00 18.52 ? 41   GLU A CG  1 
ATOM   307  C CD  . GLU A 1 60  ? 6.851   -18.480 -7.004  1.00 22.37 ? 41   GLU A CD  1 
ATOM   308  O OE1 . GLU A 1 60  ? 6.278   -17.415 -7.320  1.00 25.56 ? 41   GLU A OE1 1 
ATOM   309  O OE2 . GLU A 1 60  ? 6.227   -19.546 -6.807  1.00 25.19 ? 41   GLU A OE2 1 
ATOM   310  N N   . GLY A 1 61  ? 11.620  -15.354 -7.793  1.00 13.43 ? 42   GLY A N   1 
ATOM   311  C CA  . GLY A 1 61  ? 12.669  -14.789 -8.635  1.00 12.65 ? 42   GLY A CA  1 
ATOM   312  C C   . GLY A 1 61  ? 12.922  -13.301 -8.473  1.00 12.11 ? 42   GLY A C   1 
ATOM   313  O O   . GLY A 1 61  ? 13.727  -12.724 -9.204  1.00 11.88 ? 42   GLY A O   1 
ATOM   314  N N   . GLU A 1 62  ? 12.236  -12.677 -7.516  1.00 11.77 ? 43   GLU A N   1 
ATOM   315  C CA  . GLU A 1 62  ? 12.513  -11.288 -7.155  1.00 11.32 ? 43   GLU A CA  1 
ATOM   316  C C   . GLU A 1 62  ? 12.458  -11.147 -5.636  1.00 10.87 ? 43   GLU A C   1 
ATOM   317  O O   . GLU A 1 62  ? 11.732  -11.884 -4.976  1.00 10.46 ? 43   GLU A O   1 
ATOM   318  C CB  . GLU A 1 62  ? 11.505  -10.335 -7.822  1.00 11.53 ? 43   GLU A CB  1 
ATOM   319  C CG  . GLU A 1 62  ? 10.077  -10.426 -7.265  1.00 11.14 ? 43   GLU A CG  1 
ATOM   320  C CD  . GLU A 1 62  ? 9.076   -9.532  -7.984  1.00 11.50 ? 43   GLU A CD  1 
ATOM   321  O OE1 . GLU A 1 62  ? 9.483   -8.769  -8.886  1.00 12.59 ? 43   GLU A OE1 1 
ATOM   322  O OE2 . GLU A 1 62  ? 7.874   -9.599  -7.641  1.00 11.71 ? 43   GLU A OE2 1 
ATOM   323  N N   . THR A 1 63  ? 13.234  -10.216 -5.089  1.00 10.92 ? 44   THR A N   1 
ATOM   324  C CA  . THR A 1 63  ? 13.140  -9.897  -3.666  1.00 10.80 ? 44   THR A CA  1 
ATOM   325  C C   . THR A 1 63  ? 11.861  -9.107  -3.398  1.00 11.13 ? 44   THR A C   1 
ATOM   326  O O   . THR A 1 63  ? 11.195  -8.644  -4.332  1.00 10.77 ? 44   THR A O   1 
ATOM   327  C CB  . THR A 1 63  ? 14.366  -9.105  -3.153  1.00 10.66 ? 44   THR A CB  1 
ATOM   328  O OG1 . THR A 1 63  ? 14.372  -7.783  -3.717  1.00 10.74 ? 44   THR A OG1 1 
ATOM   329  C CG2 . THR A 1 63  ? 15.661  -9.824  -3.514  1.00 10.95 ? 44   THR A CG2 1 
ATOM   330  N N   . ILE A 1 64  ? 11.514  -8.965  -2.124  1.00 11.01 ? 45   ILE A N   1 
ATOM   331  C CA  . ILE A 1 64  ? 10.375  -8.132  -1.728  1.00 11.42 ? 45   ILE A CA  1 
ATOM   332  C C   . ILE A 1 64  ? 10.556  -6.696  -2.236  1.00 11.64 ? 45   ILE A C   1 
ATOM   333  O O   . ILE A 1 64  ? 9.650   -6.131  -2.849  1.00 10.90 ? 45   ILE A O   1 
ATOM   334  C CB  . ILE A 1 64  ? 10.153  -8.177  -0.203  1.00 11.51 ? 45   ILE A CB  1 
ATOM   335  C CG1 . ILE A 1 64  ? 9.772   -9.595  0.228   1.00 11.55 ? 45   ILE A CG1 1 
ATOM   336  C CG2 . ILE A 1 64  ? 9.066   -7.183  0.213   1.00 11.21 ? 45   ILE A CG2 1 
ATOM   337  C CD1 . ILE A 1 64  ? 9.757   -9.825  1.734   1.00 12.22 ? 45   ILE A CD1 1 
ATOM   338  N N   . GLU A 1 65  ? 11.739  -6.129  -2.008  1.00 12.00 ? 46   GLU A N   1 
ATOM   339  C CA  . GLU A 1 65  ? 12.033  -4.774  -2.463  1.00 13.14 ? 46   GLU A CA  1 
ATOM   340  C C   . GLU A 1 65  ? 12.039  -4.677  -3.990  1.00 12.73 ? 46   GLU A C   1 
ATOM   341  O O   . GLU A 1 65  ? 11.559  -3.688  -4.541  1.00 13.18 ? 46   GLU A O   1 
ATOM   342  C CB  . GLU A 1 65  ? 13.347  -4.274  -1.871  1.00 13.69 ? 46   GLU A CB  1 
ATOM   343  C CG  . GLU A 1 65  ? 13.334  -2.782  -1.554  1.00 17.55 ? 46   GLU A CG  1 
ATOM   344  C CD  . GLU A 1 65  ? 14.330  -2.406  -0.471  1.00 21.22 ? 46   GLU A CD  1 
ATOM   345  O OE1 . GLU A 1 65  ? 15.545  -2.587  -0.694  1.00 22.79 ? 46   GLU A OE1 1 
ATOM   346  O OE2 . GLU A 1 65  ? 13.897  -1.923  0.600   1.00 24.10 ? 46   GLU A OE2 1 
ATOM   347  N N   . ASP A 1 66  ? 12.567  -5.703  -4.670  1.00 12.32 ? 47   ASP A N   1 
ATOM   348  C CA  . ASP A 1 66  ? 12.469  -5.788  -6.134  1.00 12.24 ? 47   ASP A CA  1 
ATOM   349  C C   . ASP A 1 66  ? 11.016  -5.706  -6.602  1.00 11.89 ? 47   ASP A C   1 
ATOM   350  O O   . ASP A 1 66  ? 10.697  -4.970  -7.547  1.00 12.14 ? 47   ASP A O   1 
ATOM   351  C CB  . ASP A 1 66  ? 13.065  -7.102  -6.662  1.00 12.37 ? 47   ASP A CB  1 
ATOM   352  C CG  . ASP A 1 66  ? 14.583  -7.140  -6.624  1.00 13.11 ? 47   ASP A CG  1 
ATOM   353  O OD1 . ASP A 1 66  ? 15.241  -6.091  -6.464  1.00 14.63 ? 47   ASP A OD1 1 
ATOM   354  O OD2 . ASP A 1 66  ? 15.119  -8.260  -6.772  1.00 13.61 ? 47   ASP A OD2 1 
ATOM   355  N N   . GLY A 1 67  ? 10.152  -6.480  -5.946  1.00 11.46 ? 48   GLY A N   1 
ATOM   356  C CA  . GLY A 1 67  ? 8.730   -6.545  -6.276  1.00 11.05 ? 48   GLY A CA  1 
ATOM   357  C C   . GLY A 1 67  ? 8.030   -5.220  -6.053  1.00 11.25 ? 48   GLY A C   1 
ATOM   358  O O   . GLY A 1 67  ? 7.152   -4.838  -6.832  1.00 11.38 ? 48   GLY A O   1 
ATOM   359  N N   . ALA A 1 68  ? 8.424   -4.523  -4.991  1.00 10.84 ? 49   ALA A N   1 
ATOM   360  C CA  . ALA A 1 68  ? 7.845   -3.224  -4.656  1.00 10.97 ? 49   ALA A CA  1 
ATOM   361  C C   . ALA A 1 68  ? 8.229   -2.193  -5.715  1.00 11.15 ? 49   ALA A C   1 
ATOM   362  O O   . ALA A 1 68  ? 7.386   -1.417  -6.179  1.00 11.28 ? 49   ALA A O   1 
ATOM   363  C CB  . ALA A 1 68  ? 8.293   -2.784  -3.260  1.00 10.99 ? 49   ALA A CB  1 
ATOM   364  N N   . ARG A 1 69  ? 9.499   -2.206  -6.111  1.00 11.35 ? 50   ARG A N   1 
ATOM   365  C CA  . ARG A 1 69  ? 9.994   -1.317  -7.162  1.00 11.65 ? 50   ARG A CA  1 
ATOM   366  C C   . ARG A 1 69  ? 9.361   -1.629  -8.509  1.00 11.70 ? 50   ARG A C   1 
ATOM   367  O O   . ARG A 1 69  ? 9.000   -0.711  -9.254  1.00 11.62 ? 50   ARG A O   1 
ATOM   368  C CB  . ARG A 1 69  ? 11.514  -1.417  -7.271  1.00 11.92 ? 50   ARG A CB  1 
ATOM   369  C CG  . ARG A 1 69  ? 12.241  -0.792  -6.102  1.00 12.97 ? 50   ARG A CG  1 
ATOM   370  C CD  . ARG A 1 69  ? 13.715  -1.118  -6.132  1.00 15.55 ? 50   ARG A CD  1 
ATOM   371  N NE  . ARG A 1 69  ? 14.416  -0.291  -7.109  1.00 18.61 ? 50   ARG A NE  1 
ATOM   372  C CZ  . ARG A 1 69  ? 15.639  -0.536  -7.572  1.00 20.43 ? 50   ARG A CZ  1 
ATOM   373  N NH1 . ARG A 1 69  ? 16.319  -1.602  -7.158  1.00 20.83 ? 50   ARG A NH1 1 
ATOM   374  N NH2 . ARG A 1 69  ? 16.180  0.286   -8.460  1.00 22.24 ? 50   ARG A NH2 1 
ATOM   375  N N   . ARG A 1 70  ? 9.225   -2.916  -8.816  1.00 11.92 ? 51   ARG A N   1 
ATOM   376  C CA  . ARG A 1 70  ? 8.624   -3.352  -10.074 1.00 12.47 ? 51   ARG A CA  1 
ATOM   377  C C   . ARG A 1 70  ? 7.163   -2.921  -10.168 1.00 12.63 ? 51   ARG A C   1 
ATOM   378  O O   . ARG A 1 70  ? 6.735   -2.377  -11.183 1.00 12.74 ? 51   ARG A O   1 
ATOM   379  C CB  . ARG A 1 70  ? 8.752   -4.871  -10.243 1.00 12.66 ? 51   ARG A CB  1 
ATOM   380  C CG  . ARG A 1 70  ? 8.092   -5.407  -11.507 1.00 13.03 ? 51   ARG A CG  1 
ATOM   381  C CD  . ARG A 1 70  ? 8.094   -6.934  -11.570 1.00 13.02 ? 51   ARG A CD  1 
ATOM   382  N NE  . ARG A 1 70  ? 7.496   -7.577  -10.397 1.00 13.75 ? 51   ARG A NE  1 
ATOM   383  C CZ  . ARG A 1 70  ? 6.191   -7.647  -10.135 1.00 15.47 ? 51   ARG A CZ  1 
ATOM   384  N NH1 . ARG A 1 70  ? 5.301   -7.089  -10.948 1.00 15.30 ? 51   ARG A NH1 1 
ATOM   385  N NH2 . ARG A 1 70  ? 5.772   -8.258  -9.033  1.00 15.96 ? 51   ARG A NH2 1 
ATOM   386  N N   . GLU A 1 71  ? 6.401   -3.147  -9.103  1.00 12.72 ? 52   GLU A N   1 
ATOM   387  C CA  . GLU A 1 71  ? 4.994   -2.746  -9.109  1.00 12.94 ? 52   GLU A CA  1 
ATOM   388  C C   . GLU A 1 71  ? 4.824   -1.227  -9.185  1.00 12.56 ? 52   GLU A C   1 
ATOM   389  O O   . GLU A 1 71  ? 3.962   -0.739  -9.918  1.00 12.46 ? 52   GLU A O   1 
ATOM   390  C CB  . GLU A 1 71  ? 4.230   -3.352  -7.928  1.00 13.36 ? 52   GLU A CB  1 
ATOM   391  C CG  . GLU A 1 71  ? 3.914   -4.846  -8.093  1.00 14.93 ? 52   GLU A CG  1 
ATOM   392  C CD  . GLU A 1 71  ? 2.829   -5.143  -9.133  1.00 17.46 ? 52   GLU A CD  1 
ATOM   393  O OE1 . GLU A 1 71  ? 2.274   -4.195  -9.729  1.00 18.52 ? 52   GLU A OE1 1 
ATOM   394  O OE2 . GLU A 1 71  ? 2.527   -6.337  -9.360  1.00 19.25 ? 52   GLU A OE2 1 
ATOM   395  N N   . LEU A 1 72  ? 5.661   -0.476  -8.470  1.00 12.49 ? 53   LEU A N   1 
ATOM   396  C CA  . LEU A 1 72  ? 5.641   0.986   -8.597  1.00 12.88 ? 53   LEU A CA  1 
ATOM   397  C C   . LEU A 1 72  ? 5.887   1.431   -10.042 1.00 13.49 ? 53   LEU A C   1 
ATOM   398  O O   . LEU A 1 72  ? 5.142   2.261   -10.580 1.00 13.43 ? 53   LEU A O   1 
ATOM   399  C CB  . LEU A 1 72  ? 6.651   1.650   -7.657  1.00 12.78 ? 53   LEU A CB  1 
ATOM   400  C CG  . LEU A 1 72  ? 6.654   3.184   -7.650  1.00 12.54 ? 53   LEU A CG  1 
ATOM   401  C CD1 . LEU A 1 72  ? 5.306   3.757   -7.178  1.00 11.94 ? 53   LEU A CD1 1 
ATOM   402  C CD2 . LEU A 1 72  ? 7.791   3.721   -6.796  1.00 12.70 ? 53   LEU A CD2 1 
ATOM   403  N N   . GLN A 1 73  ? 6.916   0.863   -10.666 1.00 13.97 ? 54   GLN A N   1 
ATOM   404  C CA  . GLN A 1 73  ? 7.272   1.190   -12.051 1.00 14.83 ? 54   GLN A CA  1 
ATOM   405  C C   . GLN A 1 73  ? 6.168   0.799   -13.036 1.00 15.01 ? 54   GLN A C   1 
ATOM   406  O O   . GLN A 1 73  ? 5.817   1.588   -13.923 1.00 15.21 ? 54   GLN A O   1 
ATOM   407  C CB  . GLN A 1 73  ? 8.593   0.512   -12.445 1.00 14.77 ? 54   GLN A CB  1 
ATOM   408  C CG  . GLN A 1 73  ? 9.255   1.096   -13.707 1.00 17.50 ? 54   GLN A CG  1 
ATOM   409  C CD  . GLN A 1 73  ? 8.625   0.614   -15.003 1.00 20.23 ? 54   GLN A CD  1 
ATOM   410  O OE1 . GLN A 1 73  ? 8.197   -0.540  -15.118 1.00 21.92 ? 54   GLN A OE1 1 
ATOM   411  N NE2 . GLN A 1 73  ? 8.576   1.498   -15.995 1.00 21.05 ? 54   GLN A NE2 1 
ATOM   412  N N   . GLU A 1 74  ? 5.641   -0.416  -12.887 1.00 15.17 ? 55   GLU A N   1 
ATOM   413  C CA  . GLU A 1 74  ? 4.595   -0.932  -13.776 1.00 15.84 ? 55   GLU A CA  1 
ATOM   414  C C   . GLU A 1 74  ? 3.309   -0.105  -13.687 1.00 15.38 ? 55   GLU A C   1 
ATOM   415  O O   . GLU A 1 74  ? 2.630   0.109   -14.696 1.00 15.80 ? 55   GLU A O   1 
ATOM   416  C CB  . GLU A 1 74  ? 4.299   -2.413  -13.486 1.00 15.66 ? 55   GLU A CB  1 
ATOM   417  C CG  . GLU A 1 74  ? 5.390   -3.385  -13.961 1.00 17.51 ? 55   GLU A CG  1 
ATOM   418  C CD  . GLU A 1 74  ? 5.102   -4.843  -13.619 1.00 17.54 ? 55   GLU A CD  1 
ATOM   419  O OE1 . GLU A 1 74  ? 4.107   -5.132  -12.921 1.00 21.42 ? 55   GLU A OE1 1 
ATOM   420  O OE2 . GLU A 1 74  ? 5.879   -5.719  -14.058 1.00 20.84 ? 55   GLU A OE2 1 
ATOM   421  N N   . GLU A 1 75  ? 3.008   0.385   -12.487 1.00 14.72 ? 56   GLU A N   1 
ATOM   422  C CA  . GLU A 1 75  ? 1.723   1.036   -12.208 1.00 14.41 ? 56   GLU A CA  1 
ATOM   423  C C   . GLU A 1 75  ? 1.734   2.561   -12.353 1.00 13.91 ? 56   GLU A C   1 
ATOM   424  O O   . GLU A 1 75  ? 0.700   3.158   -12.650 1.00 13.65 ? 56   GLU A O   1 
ATOM   425  C CB  . GLU A 1 75  ? 1.231   0.660   -10.808 1.00 14.36 ? 56   GLU A CB  1 
ATOM   426  C CG  . GLU A 1 75  ? 0.858   -0.809  -10.638 1.00 14.47 ? 56   GLU A CG  1 
ATOM   427  C CD  . GLU A 1 75  ? 0.469   -1.146  -9.211  1.00 15.96 ? 56   GLU A CD  1 
ATOM   428  O OE1 . GLU A 1 75  ? 0.138   -0.219  -8.449  1.00 17.49 ? 56   GLU A OE1 1 
ATOM   429  O OE2 . GLU A 1 75  ? 0.493   -2.339  -8.849  1.00 18.37 ? 56   GLU A OE2 1 
ATOM   430  N N   . SER A 1 76  ? 2.891   3.182   -12.139 1.00 13.59 ? 57   SER A N   1 
ATOM   431  C CA  . SER A 1 76  ? 2.998   4.649   -12.132 1.00 13.71 ? 57   SER A CA  1 
ATOM   432  C C   . SER A 1 76  ? 4.128   5.188   -13.007 1.00 13.98 ? 57   SER A C   1 
ATOM   433  O O   . SER A 1 76  ? 4.273   6.405   -13.161 1.00 13.85 ? 57   SER A O   1 
ATOM   434  C CB  . SER A 1 76  ? 3.184   5.163   -10.701 1.00 14.00 ? 57   SER A CB  1 
ATOM   435  O OG  . SER A 1 76  ? 4.527   4.992   -10.265 1.00 13.39 ? 57   SER A OG  1 
ATOM   436  N N   . GLY A 1 77  ? 4.942   4.287   -13.551 1.00 13.91 ? 58   GLY A N   1 
ATOM   437  C CA  . GLY A 1 77  ? 6.091   4.683   -14.366 1.00 14.63 ? 58   GLY A CA  1 
ATOM   438  C C   . GLY A 1 77  ? 7.256   5.241   -13.566 1.00 15.05 ? 58   GLY A C   1 
ATOM   439  O O   . GLY A 1 77  ? 8.282   5.627   -14.136 1.00 15.96 ? 58   GLY A O   1 
ATOM   440  N N   . LEU A 1 78  ? 7.120   5.273   -12.244 1.00 14.73 ? 59   LEU A N   1 
ATOM   441  C CA  . LEU A 1 78  ? 8.150   5.852   -11.390 1.00 14.36 ? 59   LEU A CA  1 
ATOM   442  C C   . LEU A 1 78  ? 9.216   4.858   -10.968 1.00 14.70 ? 59   LEU A C   1 
ATOM   443  O O   . LEU A 1 78  ? 8.927   3.691   -10.687 1.00 14.62 ? 59   LEU A O   1 
ATOM   444  C CB  . LEU A 1 78  ? 7.536   6.480   -10.140 1.00 14.05 ? 59   LEU A CB  1 
ATOM   445  C CG  . LEU A 1 78  ? 6.637   7.698   -10.335 1.00 14.23 ? 59   LEU A CG  1 
ATOM   446  C CD1 . LEU A 1 78  ? 6.047   8.099   -8.998  1.00 13.91 ? 59   LEU A CD1 1 
ATOM   447  C CD2 . LEU A 1 78  ? 7.396   8.866   -10.957 1.00 14.91 ? 59   LEU A CD2 1 
ATOM   448  N N   . THR A 1 79  ? 10.452  5.334   -10.934 1.00 15.23 ? 60   THR A N   1 
ATOM   449  C CA  . THR A 1 79  ? 11.521  4.610   -10.269 1.00 15.91 ? 60   THR A CA  1 
ATOM   450  C C   . THR A 1 79  ? 11.979  5.432   -9.070  1.00 16.14 ? 60   THR A C   1 
ATOM   451  O O   . THR A 1 79  ? 11.747  6.642   -9.013  1.00 15.98 ? 60   THR A O   1 
ATOM   452  C CB  . THR A 1 79  ? 12.705  4.304   -11.216 1.00 15.91 ? 60   THR A CB  1 
ATOM   453  O OG1 . THR A 1 79  ? 13.190  5.521   -11.792 1.00 17.16 ? 60   THR A OG1 1 
ATOM   454  C CG2 . THR A 1 79  ? 12.275  3.352   -12.323 1.00 16.37 ? 60   THR A CG2 1 
ATOM   455  N N   . VAL A 1 80  ? 12.610  4.771   -8.106  1.00 16.75 ? 61   VAL A N   1 
ATOM   456  C CA  . VAL A 1 80  ? 13.032  5.430   -6.872  1.00 17.60 ? 61   VAL A CA  1 
ATOM   457  C C   . VAL A 1 80  ? 14.512  5.203   -6.578  1.00 17.88 ? 61   VAL A C   1 
ATOM   458  O O   . VAL A 1 80  ? 15.102  4.228   -7.041  1.00 18.49 ? 61   VAL A O   1 
ATOM   459  C CB  . VAL A 1 80  ? 12.181  4.976   -5.648  1.00 17.42 ? 61   VAL A CB  1 
ATOM   460  C CG1 . VAL A 1 80  ? 10.780  5.561   -5.730  1.00 18.14 ? 61   VAL A CG1 1 
ATOM   461  C CG2 . VAL A 1 80  ? 12.134  3.448   -5.534  1.00 18.04 ? 61   VAL A CG2 1 
ATOM   462  N N   . ASP A 1 81  ? 15.106  6.109   -5.811  1.00 18.51 ? 62   ASP A N   1 
ATOM   463  C CA  . ASP A 1 81  ? 16.470  5.910   -5.342  1.00 19.01 ? 62   ASP A CA  1 
ATOM   464  C C   . ASP A 1 81  ? 16.507  5.087   -4.059  1.00 18.67 ? 62   ASP A C   1 
ATOM   465  O O   . ASP A 1 81  ? 17.507  4.435   -3.766  1.00 18.68 ? 62   ASP A O   1 
ATOM   466  C CB  . ASP A 1 81  ? 17.186  7.242   -5.124  1.00 19.71 ? 62   ASP A CB  1 
ATOM   467  C CG  . ASP A 1 81  ? 18.684  7.067   -4.921  1.00 21.16 ? 62   ASP A CG  1 
ATOM   468  O OD1 . ASP A 1 81  ? 19.311  6.317   -5.703  1.00 24.07 ? 62   ASP A OD1 1 
ATOM   469  O OD2 . ASP A 1 81  ? 19.227  7.668   -3.972  1.00 24.02 ? 62   ASP A OD2 1 
ATOM   470  N N   . ALA A 1 82  ? 15.419  5.119   -3.294  1.00 18.23 ? 63   ALA A N   1 
ATOM   471  C CA  . ALA A 1 82  ? 15.355  4.396   -2.026  1.00 17.95 ? 63   ALA A CA  1 
ATOM   472  C C   . ALA A 1 82  ? 13.927  4.036   -1.649  1.00 17.68 ? 63   ALA A C   1 
ATOM   473  O O   . ALA A 1 82  ? 12.990  4.762   -1.980  1.00 18.03 ? 63   ALA A O   1 
ATOM   474  C CB  . ALA A 1 82  ? 15.988  5.215   -0.914  1.00 18.11 ? 63   ALA A CB  1 
ATOM   475  N N   . LEU A 1 83  ? 13.781  2.899   -0.973  1.00 17.32 ? 64   LEU A N   1 
ATOM   476  C CA  . LEU A 1 83  ? 12.532  2.521   -0.317  1.00 16.86 ? 64   LEU A CA  1 
ATOM   477  C C   . LEU A 1 83  ? 12.822  2.252   1.143   1.00 16.69 ? 64   LEU A C   1 
ATOM   478  O O   . LEU A 1 83  ? 13.833  1.628   1.479   1.00 16.91 ? 64   LEU A O   1 
ATOM   479  C CB  . LEU A 1 83  ? 11.915  1.268   -0.944  1.00 16.92 ? 64   LEU A CB  1 
ATOM   480  C CG  . LEU A 1 83  ? 11.300  1.322   -2.342  1.00 16.70 ? 64   LEU A CG  1 
ATOM   481  C CD1 . LEU A 1 83  ? 10.793  -0.051  -2.737  1.00 17.50 ? 64   LEU A CD1 1 
ATOM   482  C CD2 . LEU A 1 83  ? 10.175  2.348   -2.427  1.00 16.07 ? 64   LEU A CD2 1 
ATOM   483  N N   . HIS A 1 84  ? 11.932  2.718   2.009   1.00 16.05 ? 65   HIS A N   1 
ATOM   484  C CA  . HIS A 1 84  ? 12.061  2.465   3.433   1.00 15.93 ? 65   HIS A CA  1 
ATOM   485  C C   . HIS A 1 84  ? 10.889  1.621   3.890   1.00 15.45 ? 65   HIS A C   1 
ATOM   486  O O   . HIS A 1 84  ? 9.740   1.956   3.612   1.00 15.12 ? 65   HIS A O   1 
ATOM   487  C CB  . HIS A 1 84  ? 12.126  3.784   4.192   1.00 16.59 ? 65   HIS A CB  1 
ATOM   488  C CG  . HIS A 1 84  ? 13.150  4.730   3.644   1.00 18.49 ? 65   HIS A CG  1 
ATOM   489  N ND1 . HIS A 1 84  ? 14.485  4.655   3.977   1.00 21.63 ? 65   HIS A ND1 1 
ATOM   490  C CD2 . HIS A 1 84  ? 13.039  5.754   2.764   1.00 20.14 ? 65   HIS A CD2 1 
ATOM   491  C CE1 . HIS A 1 84  ? 15.150  5.602   3.338   1.00 21.07 ? 65   HIS A CE1 1 
ATOM   492  N NE2 . HIS A 1 84  ? 14.296  6.281   2.592   1.00 21.68 ? 65   HIS A NE2 1 
ATOM   493  N N   . LYS A 1 85  ? 11.182  0.504   4.553   1.00 14.75 ? 66   LYS A N   1 
ATOM   494  C CA  . LYS A 1 85  ? 10.126  -0.360  5.070   1.00 14.67 ? 66   LYS A CA  1 
ATOM   495  C C   . LYS A 1 85  ? 9.551   0.292   6.319   1.00 14.08 ? 66   LYS A C   1 
ATOM   496  O O   . LYS A 1 85  ? 10.282  0.569   7.274   1.00 14.25 ? 66   LYS A O   1 
ATOM   497  C CB  . LYS A 1 85  ? 10.649  -1.770  5.368   1.00 14.50 ? 66   LYS A CB  1 
ATOM   498  C CG  . LYS A 1 85  ? 9.524   -2.790  5.602   1.00 15.40 ? 66   LYS A CG  1 
ATOM   499  C CD  . LYS A 1 85  ? 10.040  -4.190  5.899   1.00 15.98 ? 66   LYS A CD  1 
ATOM   500  C CE  . LYS A 1 85  ? 10.384  -4.934  4.619   1.00 18.66 ? 66   LYS A CE  1 
ATOM   501  N NZ  . LYS A 1 85  ? 10.678  -6.372  4.878   1.00 19.49 ? 66   LYS A NZ  1 
ATOM   502  N N   . VAL A 1 86  ? 8.247   0.561   6.292   1.00 13.48 ? 67   VAL A N   1 
ATOM   503  C CA  . VAL A 1 86  ? 7.581   1.280   7.385   1.00 12.91 ? 67   VAL A CA  1 
ATOM   504  C C   . VAL A 1 86  ? 6.501   0.455   8.074   1.00 12.58 ? 67   VAL A C   1 
ATOM   505  O O   . VAL A 1 86  ? 6.027   0.814   9.153   1.00 12.47 ? 67   VAL A O   1 
ATOM   506  C CB  . VAL A 1 86  ? 6.993   2.642   6.927   1.00 12.99 ? 67   VAL A CB  1 
ATOM   507  C CG1 . VAL A 1 86  ? 8.114   3.576   6.479   1.00 13.30 ? 67   VAL A CG1 1 
ATOM   508  C CG2 . VAL A 1 86  ? 5.936   2.453   5.842   1.00 13.01 ? 67   VAL A CG2 1 
ATOM   509  N N   . GLY A 1 87  ? 6.110   -0.651  7.455   1.00 11.88 ? 68   GLY A N   1 
ATOM   510  C CA  . GLY A 1 87  ? 5.066   -1.482  8.035   1.00 11.81 ? 68   GLY A CA  1 
ATOM   511  C C   . GLY A 1 87  ? 5.014   -2.893  7.507   1.00 11.49 ? 68   GLY A C   1 
ATOM   512  O O   . GLY A 1 87  ? 5.544   -3.200  6.441   1.00 11.13 ? 68   GLY A O   1 
ATOM   513  N N   . GLN A 1 88  ? 4.389   -3.765  8.288   1.00 11.26 ? 69   GLN A N   1 
ATOM   514  C CA  . GLN A 1 88  ? 4.041   -5.094  7.820   1.00 11.77 ? 69   GLN A CA  1 
ATOM   515  C C   . GLN A 1 88  ? 2.627   -5.375  8.285   1.00 11.41 ? 69   GLN A C   1 
ATOM   516  O O   . GLN A 1 88  ? 2.316   -5.199  9.461   1.00 11.34 ? 69   GLN A O   1 
ATOM   517  C CB  . GLN A 1 88  ? 5.012   -6.139  8.364   1.00 11.78 ? 69   GLN A CB  1 
ATOM   518  C CG  . GLN A 1 88  ? 4.911   -7.488  7.668   1.00 13.43 ? 69   GLN A CG  1 
ATOM   519  C CD  . GLN A 1 88  ? 6.026   -8.445  8.056   1.00 14.11 ? 69   GLN A CD  1 
ATOM   520  O OE1 . GLN A 1 88  ? 7.082   -8.030  8.542   1.00 19.18 ? 69   GLN A OE1 1 
ATOM   521  N NE2 . GLN A 1 88  ? 5.798   -9.736  7.831   1.00 16.77 ? 69   GLN A NE2 1 
ATOM   522  N N   . ILE A 1 89  ? 1.769   -5.782  7.355   1.00 10.61 ? 70   ILE A N   1 
ATOM   523  C CA  . ILE A 1 89  ? 0.359   -6.011  7.675   1.00 10.40 ? 70   ILE A CA  1 
ATOM   524  C C   . ILE A 1 89  ? -0.086  -7.387  7.209   1.00 10.43 ? 70   ILE A C   1 
ATOM   525  O O   . ILE A 1 89  ? 0.170   -7.771  6.071   1.00 10.65 ? 70   ILE A O   1 
ATOM   526  C CB  . ILE A 1 89  ? -0.585  -4.965  7.019   1.00 10.34 ? 70   ILE A CB  1 
ATOM   527  C CG1 . ILE A 1 89  ? -0.111  -3.533  7.288   1.00 10.59 ? 70   ILE A CG1 1 
ATOM   528  C CG2 . ILE A 1 89  ? -2.018  -5.166  7.519   1.00 11.21 ? 70   ILE A CG2 1 
ATOM   529  C CD1 . ILE A 1 89  ? -0.868  -2.472  6.487   1.00 10.62 ? 70   ILE A CD1 1 
ATOM   530  N N   . VAL A 1 90  ? -0.755  -8.117  8.095   1.00 10.28 ? 71   VAL A N   1 
ATOM   531  C CA  . VAL A 1 90  ? -1.388  -9.374  7.719   1.00 10.48 ? 71   VAL A CA  1 
ATOM   532  C C   . VAL A 1 90  ? -2.871  -9.112  7.481   1.00 10.40 ? 71   VAL A C   1 
ATOM   533  O O   . VAL A 1 90  ? -3.564  -8.573  8.358   1.00 10.11 ? 71   VAL A O   1 
ATOM   534  C CB  . VAL A 1 90  ? -1.194  -10.471 8.805   1.00 10.83 ? 71   VAL A CB  1 
ATOM   535  C CG1 . VAL A 1 90  ? -1.988  -11.735 8.463   1.00 11.80 ? 71   VAL A CG1 1 
ATOM   536  C CG2 . VAL A 1 90  ? 0.283   -10.807 8.974   1.00 12.12 ? 71   VAL A CG2 1 
ATOM   537  N N   . PHE A 1 91  ? -3.351  -9.475  6.293   1.00 10.09 ? 72   PHE A N   1 
ATOM   538  C CA  . PHE A 1 91  ? -4.783  -9.391  5.984   1.00 10.68 ? 72   PHE A CA  1 
ATOM   539  C C   . PHE A 1 91  ? -5.429  -10.767 5.962   1.00 10.90 ? 72   PHE A C   1 
ATOM   540  O O   . PHE A 1 91  ? -4.901  -11.708 5.364   1.00 11.01 ? 72   PHE A O   1 
ATOM   541  C CB  . PHE A 1 91  ? -5.039  -8.690  4.649   1.00 10.81 ? 72   PHE A CB  1 
ATOM   542  C CG  . PHE A 1 91  ? -4.620  -7.246  4.622   1.00 10.26 ? 72   PHE A CG  1 
ATOM   543  C CD1 . PHE A 1 91  ? -5.325  -6.283  5.349   1.00 11.58 ? 72   PHE A CD1 1 
ATOM   544  C CD2 . PHE A 1 91  ? -3.546  -6.844  3.844   1.00 11.18 ? 72   PHE A CD2 1 
ATOM   545  C CE1 . PHE A 1 91  ? -4.943  -4.942  5.311   1.00 11.54 ? 72   PHE A CE1 1 
ATOM   546  C CE2 . PHE A 1 91  ? -3.155  -5.499  3.800   1.00 12.59 ? 72   PHE A CE2 1 
ATOM   547  C CZ  . PHE A 1 91  ? -3.856  -4.550  4.540   1.00 11.65 ? 72   PHE A CZ  1 
ATOM   548  N N   . GLU A 1 92  ? -6.563  -10.875 6.649   1.00 10.81 ? 73   GLU A N   1 
ATOM   549  C CA  . GLU A 1 92  ? -7.380  -12.080 6.649   1.00 11.80 ? 73   GLU A CA  1 
ATOM   550  C C   . GLU A 1 92  ? -8.766  -11.702 6.160   1.00 11.79 ? 73   GLU A C   1 
ATOM   551  O O   . GLU A 1 92  ? -9.251  -10.619 6.468   1.00 11.65 ? 73   GLU A O   1 
ATOM   552  C CB  . GLU A 1 92  ? -7.466  -12.674 8.056   1.00 11.75 ? 73   GLU A CB  1 
ATOM   553  C CG  . GLU A 1 92  ? -8.299  -13.955 8.131   1.00 12.71 ? 73   GLU A CG  1 
ATOM   554  C CD  . GLU A 1 92  ? -8.281  -14.617 9.492   1.00 13.33 ? 73   GLU A CD  1 
ATOM   555  O OE1 . GLU A 1 92  ? -7.560  -14.149 10.399  1.00 15.02 ? 73   GLU A OE1 1 
ATOM   556  O OE2 . GLU A 1 92  ? -9.006  -15.623 9.656   1.00 16.26 ? 73   GLU A OE2 1 
ATOM   557  N N   . PHE A 1 93  ? -9.395  -12.595 5.398   1.00 12.18 ? 74   PHE A N   1 
ATOM   558  C CA  . PHE A 1 93  ? -10.755 -12.380 4.915   1.00 12.87 ? 74   PHE A CA  1 
ATOM   559  C C   . PHE A 1 93  ? -11.674 -13.482 5.423   1.00 13.13 ? 74   PHE A C   1 
ATOM   560  O O   . PHE A 1 93  ? -11.288 -14.651 5.454   1.00 13.34 ? 74   PHE A O   1 
ATOM   561  C CB  . PHE A 1 93  ? -10.787 -12.343 3.383   1.00 13.07 ? 74   PHE A CB  1 
ATOM   562  C CG  . PHE A 1 93  ? -10.001 -11.205 2.788   1.00 13.57 ? 74   PHE A CG  1 
ATOM   563  C CD1 . PHE A 1 93  ? -8.630  -11.324 2.579   1.00 15.51 ? 74   PHE A CD1 1 
ATOM   564  C CD2 . PHE A 1 93  ? -10.631 -10.010 2.450   1.00 15.04 ? 74   PHE A CD2 1 
ATOM   565  C CE1 . PHE A 1 93  ? -7.895  -10.266 2.041   1.00 15.38 ? 74   PHE A CE1 1 
ATOM   566  C CE2 . PHE A 1 93  ? -9.905  -8.946  1.903   1.00 15.32 ? 74   PHE A CE2 1 
ATOM   567  C CZ  . PHE A 1 93  ? -8.534  -9.080  1.703   1.00 15.25 ? 74   PHE A CZ  1 
ATOM   568  N N   . VAL A 1 94  ? -12.881 -13.098 5.825   1.00 13.41 ? 75   VAL A N   1 
ATOM   569  C CA  . VAL A 1 94  ? -13.917 -14.057 6.208   1.00 13.91 ? 75   VAL A CA  1 
ATOM   570  C C   . VAL A 1 94  ? -14.115 -15.065 5.073   1.00 14.27 ? 75   VAL A C   1 
ATOM   571  O O   . VAL A 1 94  ? -14.318 -14.675 3.924   1.00 14.60 ? 75   VAL A O   1 
ATOM   572  C CB  . VAL A 1 94  ? -15.261 -13.349 6.547   1.00 13.77 ? 75   VAL A CB  1 
ATOM   573  C CG1 . VAL A 1 94  ? -16.366 -14.383 6.799   1.00 14.39 ? 75   VAL A CG1 1 
ATOM   574  C CG2 . VAL A 1 94  ? -15.104 -12.455 7.764   1.00 14.24 ? 75   VAL A CG2 1 
ATOM   575  N N   . GLY A 1 95  ? -14.023 -16.352 5.405   1.00 14.86 ? 76   GLY A N   1 
ATOM   576  C CA  . GLY A 1 95  ? -14.245 -17.431 4.434   1.00 15.53 ? 76   GLY A CA  1 
ATOM   577  C C   . GLY A 1 95  ? -13.032 -17.792 3.591   1.00 16.04 ? 76   GLY A C   1 
ATOM   578  O O   . GLY A 1 95  ? -13.107 -18.679 2.734   1.00 16.75 ? 76   GLY A O   1 
ATOM   579  N N   . GLU A 1 96  ? -11.913 -17.112 3.831   1.00 15.96 ? 77   GLU A N   1 
ATOM   580  C CA  . GLU A 1 96  ? -10.687 -17.332 3.066   1.00 15.90 ? 77   GLU A CA  1 
ATOM   581  C C   . GLU A 1 96  ? -9.583  -17.915 3.942   1.00 16.22 ? 77   GLU A C   1 
ATOM   582  O O   . GLU A 1 96  ? -9.197  -17.296 4.933   1.00 16.29 ? 77   GLU A O   1 
ATOM   583  C CB  . GLU A 1 96  ? -10.213 -16.022 2.421   1.00 15.63 ? 77   GLU A CB  1 
ATOM   584  C CG  . GLU A 1 96  ? -8.884  -16.121 1.658   1.00 15.27 ? 77   GLU A CG  1 
ATOM   585  C CD  . GLU A 1 96  ? -8.863  -17.260 0.644   1.00 15.29 ? 77   GLU A CD  1 
ATOM   586  O OE1 . GLU A 1 96  ? -9.881  -17.457 -0.058  1.00 15.53 ? 77   GLU A OE1 1 
ATOM   587  O OE2 . GLU A 1 96  ? -7.826  -17.954 0.556   1.00 14.75 ? 77   GLU A OE2 1 
ATOM   588  N N   . PRO A 1 97  ? -9.081  -19.111 3.588   1.00 16.20 ? 78   PRO A N   1 
ATOM   589  C CA  . PRO A 1 97  ? -8.001  -19.717 4.375   1.00 16.40 ? 78   PRO A CA  1 
ATOM   590  C C   . PRO A 1 97  ? -6.618  -19.066 4.222   1.00 16.32 ? 78   PRO A C   1 
ATOM   591  O O   . PRO A 1 97  ? -5.819  -19.110 5.163   1.00 17.05 ? 78   PRO A O   1 
ATOM   592  C CB  . PRO A 1 97  ? -7.978  -21.170 3.886   1.00 16.61 ? 78   PRO A CB  1 
ATOM   593  C CG  . PRO A 1 97  ? -8.563  -21.130 2.536   1.00 16.92 ? 78   PRO A CG  1 
ATOM   594  C CD  . PRO A 1 97  ? -9.537  -19.996 2.498   1.00 16.35 ? 78   PRO A CD  1 
ATOM   595  N N   . GLU A 1 98  ? -6.335  -18.468 3.066   1.00 15.88 ? 79   GLU A N   1 
ATOM   596  C CA  . GLU A 1 98  ? -5.009  -17.912 2.818   1.00 15.95 ? 79   GLU A CA  1 
ATOM   597  C C   . GLU A 1 98  ? -4.874  -16.471 3.312   1.00 15.04 ? 79   GLU A C   1 
ATOM   598  O O   . GLU A 1 98  ? -5.728  -15.624 3.026   1.00 14.84 ? 79   GLU A O   1 
ATOM   599  C CB  . GLU A 1 98  ? -4.641  -18.008 1.333   1.00 16.34 ? 79   GLU A CB  1 
ATOM   600  C CG  . GLU A 1 98  ? -3.195  -17.631 1.044   1.00 18.93 ? 79   GLU A CG  1 
ATOM   601  C CD  . GLU A 1 98  ? -2.782  -17.915 -0.382  1.00 21.59 ? 79   GLU A CD  1 
ATOM   602  O OE1 . GLU A 1 98  ? -2.508  -19.095 -0.695  1.00 24.00 ? 79   GLU A OE1 1 
ATOM   603  O OE2 . GLU A 1 98  ? -2.724  -16.958 -1.182  1.00 22.28 ? 79   GLU A OE2 1 
ATOM   604  N N   . LEU A 1 99  ? -3.790  -16.213 4.045   1.00 14.28 ? 80   LEU A N   1 
ATOM   605  C CA  . LEU A 1 99  ? -3.470  -14.875 4.541   1.00 13.92 ? 80   LEU A CA  1 
ATOM   606  C C   . LEU A 1 99  ? -2.598  -14.097 3.562   1.00 13.55 ? 80   LEU A C   1 
ATOM   607  O O   . LEU A 1 99  ? -1.830  -14.677 2.790   1.00 13.71 ? 80   LEU A O   1 
ATOM   608  C CB  . LEU A 1 99  ? -2.750  -14.958 5.894   1.00 13.88 ? 80   LEU A CB  1 
ATOM   609  C CG  . LEU A 1 99  ? -3.423  -15.656 7.080   1.00 13.85 ? 80   LEU A CG  1 
ATOM   610  C CD1 . LEU A 1 99  ? -2.481  -15.663 8.273   1.00 14.19 ? 80   LEU A CD1 1 
ATOM   611  C CD2 . LEU A 1 99  ? -4.749  -15.002 7.437   1.00 14.14 ? 80   LEU A CD2 1 
ATOM   612  N N   . MET A 1 100 ? -2.722  -12.775 3.598   1.00 12.63 ? 81   MET A N   1 
ATOM   613  C CA  . MET A 1 100 ? -1.822  -11.904 2.858   1.00 12.25 ? 81   MET A CA  1 
ATOM   614  C C   . MET A 1 100 ? -0.799  -11.323 3.819   1.00 12.05 ? 81   MET A C   1 
ATOM   615  O O   . MET A 1 100 ? -1.167  -10.743 4.843   1.00 12.36 ? 81   MET A O   1 
ATOM   616  C CB  . MET A 1 100 ? -2.591  -10.773 2.186   1.00 11.74 ? 81   MET A CB  1 
ATOM   617  C CG  . MET A 1 100 ? -3.589  -11.235 1.144   1.00 12.11 ? 81   MET A CG  1 
ATOM   618  S SD  . MET A 1 100 ? -4.544  -9.850  0.505   1.00 13.13 ? 81   MET A SD  1 
ATOM   619  C CE  . MET A 1 100 ? -3.302  -8.971  -0.452  1.00 12.62 ? 81   MET A CE  1 
ATOM   620  N N   . ASP A 1 101 ? 0.478   -11.498 3.488   1.00 11.59 ? 82   ASP A N   1 
ATOM   621  C CA  . ASP A 1 101 ? 1.575   -10.920 4.247   1.00 11.70 ? 82   ASP A CA  1 
ATOM   622  C C   . ASP A 1 101 ? 2.126   -9.733  3.465   1.00 11.28 ? 82   ASP A C   1 
ATOM   623  O O   . ASP A 1 101 ? 2.900   -9.910  2.519   1.00 11.28 ? 82   ASP A O   1 
ATOM   624  C CB  . ASP A 1 101 ? 2.661   -11.975 4.481   1.00 12.26 ? 82   ASP A CB  1 
ATOM   625  C CG  . ASP A 1 101 ? 3.828   -11.457 5.307   1.00 13.75 ? 82   ASP A CG  1 
ATOM   626  O OD1 . ASP A 1 101 ? 3.721   -10.387 5.940   1.00 16.60 ? 82   ASP A OD1 1 
ATOM   627  O OD2 . ASP A 1 101 ? 4.869   -12.145 5.328   1.00 17.49 ? 82   ASP A OD2 1 
ATOM   628  N N   . VAL A 1 102 ? 1.711   -8.527  3.857   1.00 10.58 ? 83   VAL A N   1 
ATOM   629  C CA  . VAL A 1 102 ? 2.009   -7.315  3.085   1.00 10.06 ? 83   VAL A CA  1 
ATOM   630  C C   . VAL A 1 102 ? 3.129   -6.471  3.688   1.00 10.06 ? 83   VAL A C   1 
ATOM   631  O O   . VAL A 1 102 ? 3.040   -6.018  4.835   1.00 10.28 ? 83   VAL A O   1 
ATOM   632  C CB  . VAL A 1 102 ? 0.737   -6.442  2.886   1.00 9.75  ? 83   VAL A CB  1 
ATOM   633  C CG1 . VAL A 1 102 ? 1.032   -5.244  1.991   1.00 10.28 ? 83   VAL A CG1 1 
ATOM   634  C CG2 . VAL A 1 102 ? -0.383  -7.267  2.285   1.00 9.85  ? 83   VAL A CG2 1 
ATOM   635  N N   . HIS A 1 103 ? 4.180   -6.260  2.893   1.00 9.78  ? 84   HIS A N   1 
ATOM   636  C CA  . HIS A 1 103 ? 5.301   -5.417  3.290   1.00 9.72  ? 84   HIS A CA  1 
ATOM   637  C C   . HIS A 1 103 ? 5.112   -4.009  2.740   1.00 9.51  ? 84   HIS A C   1 
ATOM   638  O O   . HIS A 1 103 ? 4.982   -3.811  1.524   1.00 9.35  ? 84   HIS A O   1 
ATOM   639  C CB  . HIS A 1 103 ? 6.624   -6.046  2.850   1.00 9.97  ? 84   HIS A CB  1 
ATOM   640  C CG  . HIS A 1 103 ? 6.913   -7.344  3.537   1.00 11.31 ? 84   HIS A CG  1 
ATOM   641  N ND1 . HIS A 1 103 ? 8.011   -7.531  4.346   1.00 13.44 ? 84   HIS A ND1 1 
ATOM   642  C CD2 . HIS A 1 103 ? 6.217   -8.506  3.573   1.00 13.26 ? 84   HIS A CD2 1 
ATOM   643  C CE1 . HIS A 1 103 ? 7.992   -8.760  4.833   1.00 13.99 ? 84   HIS A CE1 1 
ATOM   644  N NE2 . HIS A 1 103 ? 6.911   -9.371  4.383   1.00 14.50 ? 84   HIS A NE2 1 
ATOM   645  N N   . VAL A 1 104 ? 5.061   -3.049  3.661   1.00 9.51  ? 85   VAL A N   1 
ATOM   646  C CA  . VAL A 1 104 ? 4.686   -1.671  3.354   1.00 9.52  ? 85   VAL A CA  1 
ATOM   647  C C   . VAL A 1 104 ? 5.908   -0.761  3.343   1.00 9.79  ? 85   VAL A C   1 
ATOM   648  O O   . VAL A 1 104 ? 6.692   -0.732  4.302   1.00 9.78  ? 85   VAL A O   1 
ATOM   649  C CB  . VAL A 1 104 ? 3.622   -1.131  4.342   1.00 9.53  ? 85   VAL A CB  1 
ATOM   650  C CG1 . VAL A 1 104 ? 3.120   0.233   3.883   1.00 9.54  ? 85   VAL A CG1 1 
ATOM   651  C CG2 . VAL A 1 104 ? 2.445   -2.099  4.446   1.00 9.96  ? 85   VAL A CG2 1 
ATOM   652  N N   . PHE A 1 105 ? 6.065   -0.031  2.242   1.00 10.25 ? 86   PHE A N   1 
ATOM   653  C CA  . PHE A 1 105 ? 7.219   0.838   2.027   1.00 11.24 ? 86   PHE A CA  1 
ATOM   654  C C   . PHE A 1 105 ? 6.800   2.274   1.776   1.00 12.25 ? 86   PHE A C   1 
ATOM   655  O O   . PHE A 1 105 ? 5.722   2.528   1.235   1.00 11.95 ? 86   PHE A O   1 
ATOM   656  C CB  . PHE A 1 105 ? 8.031   0.377   0.809   1.00 11.43 ? 86   PHE A CB  1 
ATOM   657  C CG  . PHE A 1 105 ? 8.616   -1.003  0.937   1.00 11.36 ? 86   PHE A CG  1 
ATOM   658  C CD1 . PHE A 1 105 ? 7.888   -2.126  0.543   1.00 12.02 ? 86   PHE A CD1 1 
ATOM   659  C CD2 . PHE A 1 105 ? 9.910   -1.180  1.422   1.00 12.68 ? 86   PHE A CD2 1 
ATOM   660  C CE1 . PHE A 1 105 ? 8.431   -3.407  0.646   1.00 11.70 ? 86   PHE A CE1 1 
ATOM   661  C CE2 . PHE A 1 105 ? 10.462  -2.455  1.528   1.00 11.94 ? 86   PHE A CE2 1 
ATOM   662  C CZ  . PHE A 1 105 ? 9.720   -3.569  1.139   1.00 11.58 ? 86   PHE A CZ  1 
ATOM   663  N N   . CYS A 1 106 ? 7.683   3.191   2.157   1.00 13.12 ? 87   CYS A N   1 
ATOM   664  C CA  A CYS A 1 106 ? 7.487   4.594   1.830   0.33 13.82 ? 87   CYS A CA  1 
ATOM   665  C CA  B CYS A 1 106 ? 7.521   4.621   1.899   0.33 13.67 ? 87   CYS A CA  1 
ATOM   666  C CA  C CYS A 1 106 ? 7.511   4.611   1.896   0.33 13.67 ? 87   CYS A CA  1 
ATOM   667  C C   . CYS A 1 106 ? 8.720   5.145   1.132   1.00 14.13 ? 87   CYS A C   1 
ATOM   668  O O   . CYS A 1 106 ? 9.831   4.656   1.317   1.00 13.92 ? 87   CYS A O   1 
ATOM   669  C CB  A CYS A 1 106 ? 7.127   5.421   3.069   0.33 13.86 ? 87   CYS A CB  1 
ATOM   670  C CB  B CYS A 1 106 ? 7.398   5.400   3.209   0.33 13.65 ? 87   CYS A CB  1 
ATOM   671  C CB  C CYS A 1 106 ? 7.358   5.363   3.216   0.33 13.66 ? 87   CYS A CB  1 
ATOM   672  S SG  A CYS A 1 106 ? 8.524   6.005   4.035   0.33 15.13 ? 87   CYS A SG  1 
ATOM   673  S SG  B CYS A 1 106 ? 5.727   5.536   3.843   0.33 14.03 ? 87   CYS A SG  1 
ATOM   674  S SG  C CYS A 1 106 ? 6.777   7.043   3.034   0.33 14.01 ? 87   CYS A SG  1 
ATOM   675  N N   . THR A 1 107 ? 8.495   6.144   0.286   1.00 14.97 ? 88   THR A N   1 
ATOM   676  C CA  . THR A 1 107 ? 9.574   6.787   -0.450  1.00 16.78 ? 88   THR A CA  1 
ATOM   677  C C   . THR A 1 107 ? 9.277   8.273   -0.630  1.00 17.88 ? 88   THR A C   1 
ATOM   678  O O   . THR A 1 107 ? 8.123   8.664   -0.826  1.00 17.68 ? 88   THR A O   1 
ATOM   679  C CB  . THR A 1 107 ? 9.832   6.104   -1.820  1.00 16.84 ? 88   THR A CB  1 
ATOM   680  O OG1 . THR A 1 107 ? 10.932  6.745   -2.476  1.00 17.82 ? 88   THR A OG1 1 
ATOM   681  C CG2 . THR A 1 107 ? 8.592   6.141   -2.724  1.00 16.93 ? 88   THR A CG2 1 
ATOM   682  N N   . ASP A 1 108 ? 10.317  9.093   -0.537  1.00 19.38 ? 89   ASP A N   1 
ATOM   683  C CA  . ASP A 1 108 ? 10.228  10.496  -0.926  1.00 21.16 ? 89   ASP A CA  1 
ATOM   684  C C   . ASP A 1 108 ? 11.327  10.822  -1.944  1.00 21.55 ? 89   ASP A C   1 
ATOM   685  O O   . ASP A 1 108 ? 11.777  11.964  -2.056  1.00 22.61 ? 89   ASP A O   1 
ATOM   686  C CB  . ASP A 1 108 ? 10.272  11.424  0.303   1.00 21.61 ? 89   ASP A CB  1 
ATOM   687  C CG  . ASP A 1 108 ? 11.556  11.284  1.122   1.00 23.64 ? 89   ASP A CG  1 
ATOM   688  O OD1 . ASP A 1 108 ? 12.378  10.386  0.836   1.00 26.84 ? 89   ASP A OD1 1 
ATOM   689  O OD2 . ASP A 1 108 ? 11.740  12.080  2.073   1.00 26.77 ? 89   ASP A OD2 1 
ATOM   690  N N   . SER A 1 109 ? 11.742  9.803   -2.694  1.00 22.02 ? 90   SER A N   1 
ATOM   691  C CA  . SER A 1 109 ? 12.831  9.938   -3.660  1.00 22.28 ? 90   SER A CA  1 
ATOM   692  C C   . SER A 1 109 ? 12.471  9.382   -5.041  1.00 22.37 ? 90   SER A C   1 
ATOM   693  O O   . SER A 1 109 ? 13.201  8.553   -5.597  1.00 22.55 ? 90   SER A O   1 
ATOM   694  C CB  . SER A 1 109 ? 14.099  9.264   -3.119  1.00 22.34 ? 90   SER A CB  1 
ATOM   695  O OG  . SER A 1 109 ? 13.875  7.886   -2.864  1.00 22.66 ? 90   SER A OG  1 
ATOM   696  N N   . ILE A 1 110 ? 11.352  9.841   -5.596  1.00 22.19 ? 91   ILE A N   1 
ATOM   697  C CA  . ILE A 1 110 ? 10.953  9.434   -6.949  1.00 21.91 ? 91   ILE A CA  1 
ATOM   698  C C   . ILE A 1 110 ? 11.762  10.180  -8.015  1.00 21.73 ? 91   ILE A C   1 
ATOM   699  O O   . ILE A 1 110 ? 12.217  11.310  -7.785  1.00 21.78 ? 91   ILE A O   1 
ATOM   700  C CB  . ILE A 1 110 ? 9.424   9.573   -7.200  1.00 21.99 ? 91   ILE A CB  1 
ATOM   701  C CG1 . ILE A 1 110 ? 8.963   11.030  -7.056  1.00 21.84 ? 91   ILE A CG1 1 
ATOM   702  C CG2 . ILE A 1 110 ? 8.654   8.632   -6.270  1.00 22.33 ? 91   ILE A CG2 1 
ATOM   703  C CD1 . ILE A 1 110 ? 7.642   11.344  -7.745  1.00 21.89 ? 91   ILE A CD1 1 
ATOM   704  N N   . GLN A 1 111 ? 11.929  9.541   -9.172  1.00 21.33 ? 92   GLN A N   1 
ATOM   705  C CA  . GLN A 1 111 ? 12.889  9.991   -10.189 1.00 21.13 ? 92   GLN A CA  1 
ATOM   706  C C   . GLN A 1 111 ? 12.261  10.458  -11.504 1.00 20.91 ? 92   GLN A C   1 
ATOM   707  O O   . GLN A 1 111 ? 12.927  10.472  -12.550 1.00 21.43 ? 92   GLN A O   1 
ATOM   708  C CB  . GLN A 1 111 ? 13.922  8.890   -10.464 1.00 21.26 ? 92   GLN A CB  1 
ATOM   709  C CG  . GLN A 1 111 ? 14.780  8.515   -9.253  1.00 21.37 ? 92   GLN A CG  1 
ATOM   710  C CD  . GLN A 1 111 ? 15.694  7.327   -9.505  1.00 21.46 ? 92   GLN A CD  1 
ATOM   711  O OE1 . GLN A 1 111 ? 16.749  7.204   -8.884  1.00 23.05 ? 92   GLN A OE1 1 
ATOM   712  N NE2 . GLN A 1 111 ? 15.293  6.445   -10.413 1.00 21.49 ? 92   GLN A NE2 1 
ATOM   713  N N   . GLY A 1 112 ? 10.994  10.853  -11.448 1.00 19.86 ? 93   GLY A N   1 
ATOM   714  C CA  . GLY A 1 112 ? 10.290  11.343  -12.629 1.00 18.46 ? 93   GLY A CA  1 
ATOM   715  C C   . GLY A 1 112 ? 8.879   11.827  -12.351 1.00 17.48 ? 93   GLY A C   1 
ATOM   716  O O   . GLY A 1 112 ? 8.553   12.228  -11.228 1.00 17.47 ? 93   GLY A O   1 
ATOM   717  N N   . THR A 1 113 ? 8.048   11.773  -13.389 1.00 16.22 ? 94   THR A N   1 
ATOM   718  C CA  . THR A 1 113 ? 6.656   12.221  -13.348 1.00 15.50 ? 94   THR A CA  1 
ATOM   719  C C   . THR A 1 113 ? 5.733   11.005  -13.321 1.00 14.76 ? 94   THR A C   1 
ATOM   720  O O   . THR A 1 113 ? 5.891   10.097  -14.135 1.00 14.49 ? 94   THR A O   1 
ATOM   721  C CB  . THR A 1 113 ? 6.314   13.057  -14.608 1.00 15.34 ? 94   THR A CB  1 
ATOM   722  O OG1 . THR A 1 113 ? 7.326   14.047  -14.820 1.00 15.98 ? 94   THR A OG1 1 
ATOM   723  C CG2 . THR A 1 113 ? 4.948   13.745  -14.478 1.00 15.40 ? 94   THR A CG2 1 
ATOM   724  N N   . PRO A 1 114 ? 4.771   10.971  -12.376 1.00 14.29 ? 95   PRO A N   1 
ATOM   725  C CA  . PRO A 1 114 ? 3.802   9.874   -12.386 1.00 13.99 ? 95   PRO A CA  1 
ATOM   726  C C   . PRO A 1 114 ? 3.006   9.874   -13.689 1.00 13.59 ? 95   PRO A C   1 
ATOM   727  O O   . PRO A 1 114 ? 2.560   10.932  -14.143 1.00 13.67 ? 95   PRO A O   1 
ATOM   728  C CB  . PRO A 1 114 ? 2.883   10.204  -11.202 1.00 14.20 ? 95   PRO A CB  1 
ATOM   729  C CG  . PRO A 1 114 ? 3.673   11.100  -10.334 1.00 14.23 ? 95   PRO A CG  1 
ATOM   730  C CD  . PRO A 1 114 ? 4.530   11.907  -11.264 1.00 14.41 ? 95   PRO A CD  1 
ATOM   731  N N   . VAL A 1 115 ? 2.865   8.698   -14.289 1.00 13.09 ? 96   VAL A N   1 
ATOM   732  C CA  . VAL A 1 115 ? 2.096   8.536   -15.523 1.00 13.20 ? 96   VAL A CA  1 
ATOM   733  C C   . VAL A 1 115 ? 1.142   7.343   -15.421 1.00 12.78 ? 96   VAL A C   1 
ATOM   734  O O   . VAL A 1 115 ? 1.412   6.371   -14.702 1.00 13.51 ? 96   VAL A O   1 
ATOM   735  C CB  . VAL A 1 115 ? 2.997   8.405   -16.786 1.00 13.61 ? 96   VAL A CB  1 
ATOM   736  C CG1 . VAL A 1 115 ? 3.837   9.665   -17.000 1.00 14.09 ? 96   VAL A CG1 1 
ATOM   737  C CG2 . VAL A 1 115 ? 3.876   7.175   -16.709 1.00 13.87 ? 96   VAL A CG2 1 
ATOM   738  N N   . GLU A 1 116 ? 0.038   7.423   -16.157 1.00 12.18 ? 97   GLU A N   1 
ATOM   739  C CA  . GLU A 1 116 ? -0.976  6.377   -16.143 1.00 11.66 ? 97   GLU A CA  1 
ATOM   740  C C   . GLU A 1 116 ? -0.467  5.070   -16.727 1.00 11.93 ? 97   GLU A C   1 
ATOM   741  O O   . GLU A 1 116 ? 0.359   5.061   -17.644 1.00 12.33 ? 97   GLU A O   1 
ATOM   742  C CB  . GLU A 1 116 ? -2.229  6.842   -16.892 1.00 11.64 ? 97   GLU A CB  1 
ATOM   743  C CG  . GLU A 1 116 ? -3.391  5.863   -16.829 1.00 11.37 ? 97   GLU A CG  1 
ATOM   744  C CD  . GLU A 1 116 ? -4.714  6.522   -17.108 1.00 11.52 ? 97   GLU A CD  1 
ATOM   745  O OE1 . GLU A 1 116 ? -4.855  7.708   -16.772 1.00 11.32 ? 97   GLU A OE1 1 
ATOM   746  O OE2 . GLU A 1 116 ? -5.611  5.858   -17.661 1.00 11.43 ? 97   GLU A OE2 1 
ATOM   747  N N   . SER A 1 117 ? -0.960  3.973   -16.160 1.00 11.76 ? 98   SER A N   1 
ATOM   748  C CA  . SER A 1 117 ? -0.695  2.632   -16.652 1.00 11.56 ? 98   SER A CA  1 
ATOM   749  C C   . SER A 1 117 ? -2.014  1.933   -16.975 1.00 11.94 ? 98   SER A C   1 
ATOM   750  O O   . SER A 1 117 ? -3.094  2.460   -16.705 1.00 11.65 ? 98   SER A O   1 
ATOM   751  C CB  . SER A 1 117 ? 0.091   1.833   -15.609 1.00 11.66 ? 98   SER A CB  1 
ATOM   752  O OG  . SER A 1 117 ? -0.693  1.598   -14.449 1.00 11.29 ? 98   SER A OG  1 
ATOM   753  N N   . ASP A 1 118 ? -1.922  0.740   -17.555 1.00 12.50 ? 99   ASP A N   1 
ATOM   754  C CA  . ASP A 1 118 ? -3.093  -0.069  -17.849 1.00 13.41 ? 99   ASP A CA  1 
ATOM   755  C C   . ASP A 1 118 ? -3.985  -0.213  -16.614 1.00 13.62 ? 99   ASP A C   1 
ATOM   756  O O   . ASP A 1 118 ? -5.215  -0.125  -16.711 1.00 14.10 ? 99   ASP A O   1 
ATOM   757  C CB  . ASP A 1 118 ? -2.638  -1.446  -18.345 1.00 14.03 ? 99   ASP A CB  1 
ATOM   758  C CG  . ASP A 1 118 ? -3.782  -2.430  -18.497 1.00 16.25 ? 99   ASP A CG  1 
ATOM   759  O OD1 . ASP A 1 118 ? -4.838  -2.058  -19.054 1.00 18.85 ? 99   ASP A OD1 1 
ATOM   760  O OD2 . ASP A 1 118 ? -3.610  -3.597  -18.070 1.00 20.52 ? 99   ASP A OD2 1 
ATOM   761  N N   . GLU A 1 119 ? -3.349  -0.389  -15.458 1.00 13.75 ? 100  GLU A N   1 
ATOM   762  C CA  . GLU A 1 119 ? -4.043  -0.766  -14.234 1.00 14.39 ? 100  GLU A CA  1 
ATOM   763  C C   . GLU A 1 119 ? -4.389  0.396   -13.303 1.00 13.31 ? 100  GLU A C   1 
ATOM   764  O O   . GLU A 1 119 ? -5.378  0.331   -12.570 1.00 13.44 ? 100  GLU A O   1 
ATOM   765  C CB  . GLU A 1 119 ? -3.199  -1.772  -13.455 1.00 15.07 ? 100  GLU A CB  1 
ATOM   766  C CG  . GLU A 1 119 ? -4.023  -2.770  -12.679 1.00 19.39 ? 100  GLU A CG  1 
ATOM   767  C CD  . GLU A 1 119 ? -3.768  -4.210  -13.092 1.00 23.70 ? 100  GLU A CD  1 
ATOM   768  O OE1 . GLU A 1 119 ? -3.686  -4.492  -14.307 1.00 26.56 ? 100  GLU A OE1 1 
ATOM   769  O OE2 . GLU A 1 119 ? -3.651  -5.064  -12.186 1.00 26.11 ? 100  GLU A OE2 1 
ATOM   770  N N   . MET A 1 120 ? -3.565  1.435   -13.308 1.00 12.19 ? 101  MET A N   1 
ATOM   771  C CA  . MET A 1 120 ? -3.669  2.490   -12.299 1.00 11.72 ? 101  MET A CA  1 
ATOM   772  C C   . MET A 1 120 ? -3.588  3.881   -12.895 1.00 11.05 ? 101  MET A C   1 
ATOM   773  O O   . MET A 1 120 ? -2.841  4.119   -13.843 1.00 10.39 ? 101  MET A O   1 
ATOM   774  C CB  . MET A 1 120 ? -2.563  2.319   -11.259 1.00 12.19 ? 101  MET A CB  1 
ATOM   775  C CG  . MET A 1 120 ? -2.751  1.112   -10.363 1.00 13.60 ? 101  MET A CG  1 
ATOM   776  S SD  . MET A 1 120 ? -3.890  1.444   -9.007  1.00 17.39 ? 101  MET A SD  1 
ATOM   777  C CE  . MET A 1 120 ? -2.729  2.018   -7.780  1.00 17.08 ? 101  MET A CE  1 
ATOM   778  N N   . ARG A 1 121 ? -4.349  4.800   -12.305 1.00 10.23 ? 102  ARG A N   1 
ATOM   779  C CA  . ARG A 1 121 ? -4.363  6.208   -12.704 1.00 10.63 ? 102  ARG A CA  1 
ATOM   780  C C   . ARG A 1 121 ? -3.845  7.029   -11.519 1.00 10.39 ? 102  ARG A C   1 
ATOM   781  O O   . ARG A 1 121 ? -4.602  7.284   -10.575 1.00 10.14 ? 102  ARG A O   1 
ATOM   782  C CB  . ARG A 1 121 ? -5.795  6.614   -13.086 1.00 10.32 ? 102  ARG A CB  1 
ATOM   783  C CG  . ARG A 1 121 ? -6.010  8.103   -13.419 1.00 10.78 ? 102  ARG A CG  1 
ATOM   784  C CD  . ARG A 1 121 ? -7.348  8.321   -14.135 1.00 11.57 ? 102  ARG A CD  1 
ATOM   785  N NE  . ARG A 1 121 ? -7.350  7.668   -15.445 1.00 11.22 ? 102  ARG A NE  1 
ATOM   786  C CZ  . ARG A 1 121 ? -8.430  7.242   -16.095 1.00 11.55 ? 102  ARG A CZ  1 
ATOM   787  N NH1 . ARG A 1 121 ? -9.647  7.403   -15.578 1.00 12.36 ? 102  ARG A NH1 1 
ATOM   788  N NH2 . ARG A 1 121 ? -8.287  6.651   -17.273 1.00 11.74 ? 102  ARG A NH2 1 
ATOM   789  N N   . PRO A 1 122 ? -2.548  7.410   -11.540 1.00 10.70 ? 103  PRO A N   1 
ATOM   790  C CA  . PRO A 1 122 ? -1.951  8.151   -10.427 1.00 10.94 ? 103  PRO A CA  1 
ATOM   791  C C   . PRO A 1 122 ? -2.420  9.599   -10.334 1.00 11.27 ? 103  PRO A C   1 
ATOM   792  O O   . PRO A 1 122 ? -2.588  10.272  -11.352 1.00 12.03 ? 103  PRO A O   1 
ATOM   793  C CB  . PRO A 1 122 ? -0.439  8.104   -10.724 1.00 10.99 ? 103  PRO A CB  1 
ATOM   794  C CG  . PRO A 1 122 ? -0.278  7.094   -11.820 1.00 11.41 ? 103  PRO A CG  1 
ATOM   795  C CD  . PRO A 1 122 ? -1.548  7.133   -12.589 1.00 11.09 ? 103  PRO A CD  1 
ATOM   796  N N   . CYS A 1 123 ? -2.604  10.061  -9.102  1.00 11.66 ? 104  CYS A N   1 
ATOM   797  C CA  . CYS A 1 123 ? -3.021  11.428  -8.821  1.00 11.34 ? 104  CYS A CA  1 
ATOM   798  C C   . CYS A 1 123 ? -2.432  11.844  -7.478  1.00 10.82 ? 104  CYS A C   1 
ATOM   799  O O   . CYS A 1 123 ? -2.318  11.022  -6.562  1.00 10.65 ? 104  CYS A O   1 
ATOM   800  C CB  . CYS A 1 123 ? -4.543  11.506  -8.771  1.00 11.69 ? 104  CYS A CB  1 
ATOM   801  S SG  . CYS A 1 123 ? -5.241  13.158  -8.501  1.00 13.71 ? 104  CYS A SG  1 
ATOM   802  N N   . TRP A 1 124 ? -2.044  13.112  -7.366  1.00 10.41 ? 105  TRP A N   1 
ATOM   803  C CA  . TRP A 1 124 ? -1.509  13.636  -6.107  1.00 10.37 ? 105  TRP A CA  1 
ATOM   804  C C   . TRP A 1 124 ? -2.647  14.088  -5.203  1.00 10.02 ? 105  TRP A C   1 
ATOM   805  O O   . TRP A 1 124 ? -3.650  14.637  -5.680  1.00 10.38 ? 105  TRP A O   1 
ATOM   806  C CB  . TRP A 1 124 ? -0.575  14.823  -6.355  1.00 10.97 ? 105  TRP A CB  1 
ATOM   807  C CG  . TRP A 1 124 ? 0.742   14.462  -6.961  1.00 11.33 ? 105  TRP A CG  1 
ATOM   808  C CD1 . TRP A 1 124 ? 1.138   14.690  -8.249  1.00 12.16 ? 105  TRP A CD1 1 
ATOM   809  C CD2 . TRP A 1 124 ? 1.847   13.820  -6.307  1.00 10.93 ? 105  TRP A CD2 1 
ATOM   810  N NE1 . TRP A 1 124 ? 2.418   14.228  -8.439  1.00 12.30 ? 105  TRP A NE1 1 
ATOM   811  C CE2 . TRP A 1 124 ? 2.880   13.696  -7.264  1.00 11.90 ? 105  TRP A CE2 1 
ATOM   812  C CE3 . TRP A 1 124 ? 2.062   13.336  -5.009  1.00 11.07 ? 105  TRP A CE3 1 
ATOM   813  C CZ2 . TRP A 1 124 ? 4.111   13.104  -6.964  1.00 12.09 ? 105  TRP A CZ2 1 
ATOM   814  C CZ3 . TRP A 1 124 ? 3.300   12.757  -4.707  1.00 11.80 ? 105  TRP A CZ3 1 
ATOM   815  C CH2 . TRP A 1 124 ? 4.303   12.642  -5.687  1.00 12.18 ? 105  TRP A CH2 1 
ATOM   816  N N   . PHE A 1 125 ? -2.482  13.841  -3.905  1.00 9.22  ? 106  PHE A N   1 
ATOM   817  C CA  . PHE A 1 125 ? -3.434  14.288  -2.895  1.00 9.01  ? 106  PHE A CA  1 
ATOM   818  C C   . PHE A 1 125 ? -2.715  15.079  -1.822  1.00 9.27  ? 106  PHE A C   1 
ATOM   819  O O   . PHE A 1 125 ? -1.694  14.637  -1.299  1.00 9.50  ? 106  PHE A O   1 
ATOM   820  C CB  . PHE A 1 125 ? -4.151  13.085  -2.268  1.00 8.98  ? 106  PHE A CB  1 
ATOM   821  C CG  . PHE A 1 125 ? -5.031  12.355  -3.233  1.00 8.47  ? 106  PHE A CG  1 
ATOM   822  C CD1 . PHE A 1 125 ? -4.506  11.369  -4.062  1.00 8.59  ? 106  PHE A CD1 1 
ATOM   823  C CD2 . PHE A 1 125 ? -6.379  12.670  -3.335  1.00 9.13  ? 106  PHE A CD2 1 
ATOM   824  C CE1 . PHE A 1 125 ? -5.314  10.715  -4.979  1.00 9.46  ? 106  PHE A CE1 1 
ATOM   825  C CE2 . PHE A 1 125 ? -7.193  12.014  -4.246  1.00 9.95  ? 106  PHE A CE2 1 
ATOM   826  C CZ  . PHE A 1 125 ? -6.660  11.041  -5.070  1.00 9.42  ? 106  PHE A CZ  1 
ATOM   827  N N   . GLN A 1 126 ? -3.257  16.245  -1.486  1.00 9.11  ? 107  GLN A N   1 
ATOM   828  C CA  . GLN A 1 126 ? -2.734  17.027  -0.378  1.00 9.59  ? 107  GLN A CA  1 
ATOM   829  C C   . GLN A 1 126 ? -2.982  16.256  0.906   1.00 8.93  ? 107  GLN A C   1 
ATOM   830  O O   . GLN A 1 126 ? -3.950  15.503  1.001   1.00 8.82  ? 107  GLN A O   1 
ATOM   831  C CB  . GLN A 1 126 ? -3.429  18.385  -0.320  1.00 10.08 ? 107  GLN A CB  1 
ATOM   832  C CG  . GLN A 1 126 ? -3.146  19.285  -1.515  1.00 12.31 ? 107  GLN A CG  1 
ATOM   833  C CD  . GLN A 1 126 ? -1.666  19.584  -1.695  1.00 14.86 ? 107  GLN A CD  1 
ATOM   834  O OE1 . GLN A 1 126 ? -1.017  20.133  -0.806  1.00 19.15 ? 107  GLN A OE1 1 
ATOM   835  N NE2 . GLN A 1 126 ? -1.133  19.232  -2.854  1.00 18.00 ? 107  GLN A NE2 1 
ATOM   836  N N   . LEU A 1 127 ? -2.110  16.434  1.892   1.00 9.27  ? 108  LEU A N   1 
ATOM   837  C CA  . LEU A 1 127 ? -2.219  15.648  3.126   1.00 9.73  ? 108  LEU A CA  1 
ATOM   838  C C   . LEU A 1 127 ? -3.367  16.067  4.055   1.00 10.08 ? 108  LEU A C   1 
ATOM   839  O O   . LEU A 1 127 ? -3.591  15.425  5.082   1.00 10.25 ? 108  LEU A O   1 
ATOM   840  C CB  . LEU A 1 127 ? -0.880  15.595  3.866   1.00 9.61  ? 108  LEU A CB  1 
ATOM   841  C CG  . LEU A 1 127 ? 0.234   14.850  3.129   1.00 9.89  ? 108  LEU A CG  1 
ATOM   842  C CD1 . LEU A 1 127 ? 1.517   14.893  3.948   1.00 10.64 ? 108  LEU A CD1 1 
ATOM   843  C CD2 . LEU A 1 127 ? -0.157  13.406  2.817   1.00 11.07 ? 108  LEU A CD2 1 
ATOM   844  N N   . ASP A 1 128 ? -4.096  17.123  3.692   1.00 9.86  ? 109  ASP A N   1 
ATOM   845  C CA  . ASP A 1 128 ? -5.353  17.446  4.377   1.00 10.15 ? 109  ASP A CA  1 
ATOM   846  C C   . ASP A 1 128 ? -6.576  16.998  3.570   1.00 10.13 ? 109  ASP A C   1 
ATOM   847  O O   . ASP A 1 128 ? -7.711  17.288  3.940   1.00 10.11 ? 109  ASP A O   1 
ATOM   848  C CB  . ASP A 1 128 ? -5.449  18.941  4.732   1.00 10.05 ? 109  ASP A CB  1 
ATOM   849  C CG  . ASP A 1 128 ? -5.458  19.852  3.506   1.00 10.99 ? 109  ASP A CG  1 
ATOM   850  O OD1 . ASP A 1 128 ? -5.130  19.392  2.390   1.00 10.91 ? 109  ASP A OD1 1 
ATOM   851  O OD2 . ASP A 1 128 ? -5.786  21.054  3.662   1.00 11.72 ? 109  ASP A OD2 1 
ATOM   852  N N   . GLN A 1 129 ? -6.334  16.281  2.474   1.00 10.11 ? 110  GLN A N   1 
ATOM   853  C CA  . GLN A 1 129 ? -7.397  15.802  1.598   1.00 10.46 ? 110  GLN A CA  1 
ATOM   854  C C   . GLN A 1 129 ? -7.134  14.361  1.183   1.00 9.96  ? 110  GLN A C   1 
ATOM   855  O O   . GLN A 1 129 ? -7.211  14.031  0.001   1.00 10.42 ? 110  GLN A O   1 
ATOM   856  C CB  . GLN A 1 129 ? -7.492  16.661  0.332   1.00 10.90 ? 110  GLN A CB  1 
ATOM   857  C CG  . GLN A 1 129 ? -7.965  18.088  0.540   1.00 12.14 ? 110  GLN A CG  1 
ATOM   858  C CD  . GLN A 1 129 ? -8.271  18.786  -0.774  1.00 12.09 ? 110  GLN A CD  1 
ATOM   859  O OE1 . GLN A 1 129 ? -7.476  18.746  -1.725  1.00 14.55 ? 110  GLN A OE1 1 
ATOM   860  N NE2 . GLN A 1 129 ? -9.426  19.432  -0.835  1.00 13.19 ? 110  GLN A NE2 1 
ATOM   861  N N   . ILE A 1 130 ? -6.826  13.507  2.153   1.00 8.82  ? 111  ILE A N   1 
ATOM   862  C CA  . ILE A 1 130 ? -6.596  12.089  1.880   1.00 8.56  ? 111  ILE A CA  1 
ATOM   863  C C   . ILE A 1 130 ? -7.970  11.442  1.689   1.00 7.93  ? 111  ILE A C   1 
ATOM   864  O O   . ILE A 1 130 ? -8.823  11.561  2.562   1.00 7.90  ? 111  ILE A O   1 
ATOM   865  C CB  . ILE A 1 130 ? -5.792  11.432  3.025   1.00 8.31  ? 111  ILE A CB  1 
ATOM   866  C CG1 . ILE A 1 130 ? -4.441  12.150  3.182   1.00 9.50  ? 111  ILE A CG1 1 
ATOM   867  C CG2 . ILE A 1 130 ? -5.597  9.936   2.756   1.00 8.82  ? 111  ILE A CG2 1 
ATOM   868  C CD1 . ILE A 1 130 ? -3.801  11.973  4.532   1.00 11.65 ? 111  ILE A CD1 1 
ATOM   869  N N   . PRO A 1 131 ? -8.209  10.796  0.528   1.00 8.05  ? 112  PRO A N   1 
ATOM   870  C CA  . PRO A 1 131 ? -9.558  10.328  0.187   1.00 8.18  ? 112  PRO A CA  1 
ATOM   871  C C   . PRO A 1 131 ? -9.975  9.015   0.868   1.00 8.31  ? 112  PRO A C   1 
ATOM   872  O O   . PRO A 1 131 ? -10.282 8.035   0.187   1.00 8.04  ? 112  PRO A O   1 
ATOM   873  C CB  . PRO A 1 131 ? -9.486  10.167  -1.334  1.00 8.23  ? 112  PRO A CB  1 
ATOM   874  C CG  . PRO A 1 131 ? -8.067  9.761   -1.583  1.00 7.98  ? 112  PRO A CG  1 
ATOM   875  C CD  . PRO A 1 131 ? -7.240  10.511  -0.551  1.00 7.87  ? 112  PRO A CD  1 
ATOM   876  N N   . PHE A 1 132 ? -10.017 9.014   2.200   1.00 8.03  ? 113  PHE A N   1 
ATOM   877  C CA  . PHE A 1 132 ? -10.274 7.790   2.963   1.00 8.67  ? 113  PHE A CA  1 
ATOM   878  C C   . PHE A 1 132 ? -11.556 7.058   2.561   1.00 9.08  ? 113  PHE A C   1 
ATOM   879  O O   . PHE A 1 132 ? -11.594 5.827   2.564   1.00 9.11  ? 113  PHE A O   1 
ATOM   880  C CB  . PHE A 1 132 ? -10.296 8.079   4.464   1.00 8.43  ? 113  PHE A CB  1 
ATOM   881  C CG  . PHE A 1 132 ? -8.946  8.421   5.038   1.00 8.90  ? 113  PHE A CG  1 
ATOM   882  C CD1 . PHE A 1 132 ? -7.932  7.464   5.089   1.00 9.11  ? 113  PHE A CD1 1 
ATOM   883  C CD2 . PHE A 1 132 ? -8.695  9.692   5.550   1.00 8.75  ? 113  PHE A CD2 1 
ATOM   884  C CE1 . PHE A 1 132 ? -6.682  7.775   5.623   1.00 9.86  ? 113  PHE A CE1 1 
ATOM   885  C CE2 . PHE A 1 132 ? -7.454  10.003  6.092   1.00 9.83  ? 113  PHE A CE2 1 
ATOM   886  C CZ  . PHE A 1 132 ? -6.450  9.046   6.130   1.00 9.36  ? 113  PHE A CZ  1 
ATOM   887  N N   . LYS A 1 133 ? -12.596 7.809   2.207   1.00 9.74  ? 114  LYS A N   1 
ATOM   888  C CA  . LYS A 1 133 ? -13.875 7.200   1.826   1.00 11.12 ? 114  LYS A CA  1 
ATOM   889  C C   . LYS A 1 133 ? -13.756 6.344   0.565   1.00 10.24 ? 114  LYS A C   1 
ATOM   890  O O   . LYS A 1 133 ? -14.538 5.417   0.364   1.00 10.38 ? 114  LYS A O   1 
ATOM   891  C CB  . LYS A 1 133 ? -14.965 8.268   1.637   1.00 11.21 ? 114  LYS A CB  1 
ATOM   892  C CG  . LYS A 1 133 ? -14.864 9.097   0.353   1.00 14.23 ? 114  LYS A CG  1 
ATOM   893  C CD  . LYS A 1 133 ? -16.096 9.982   0.168   1.00 14.36 ? 114  LYS A CD  1 
ATOM   894  C CE  . LYS A 1 133 ? -15.865 11.071  -0.880  1.00 17.89 ? 114  LYS A CE  1 
ATOM   895  N NZ  . LYS A 1 133 ? -15.648 10.542  -2.264  1.00 20.36 ? 114  LYS A NZ  1 
ATOM   896  N N   . ASP A 1 134 ? -12.769 6.665   -0.268  1.00 9.54  ? 115  ASP A N   1 
ATOM   897  C CA  . ASP A 1 134 ? -12.574 5.990   -1.546  1.00 9.49  ? 115  ASP A CA  1 
ATOM   898  C C   . ASP A 1 134 ? -11.346 5.082   -1.552  1.00 9.13  ? 115  ASP A C   1 
ATOM   899  O O   . ASP A 1 134 ? -10.906 4.632   -2.612  1.00 9.40  ? 115  ASP A O   1 
ATOM   900  C CB  . ASP A 1 134 ? -12.482 7.020   -2.675  1.00 9.67  ? 115  ASP A CB  1 
ATOM   901  C CG  . ASP A 1 134 ? -13.799 7.727   -2.926  1.00 11.84 ? 115  ASP A CG  1 
ATOM   902  O OD1 . ASP A 1 134 ? -14.869 7.122   -2.682  1.00 13.96 ? 115  ASP A OD1 1 
ATOM   903  O OD2 . ASP A 1 134 ? -13.764 8.892   -3.375  1.00 14.84 ? 115  ASP A OD2 1 
ATOM   904  N N   . MET A 1 135 ? -10.809 4.816   -0.363  1.00 8.69  ? 116  MET A N   1 
ATOM   905  C CA  . MET A 1 135 ? -9.654  3.937   -0.186  1.00 8.70  ? 116  MET A CA  1 
ATOM   906  C C   . MET A 1 135 ? -10.076 2.630   0.479   1.00 8.79  ? 116  MET A C   1 
ATOM   907  O O   . MET A 1 135 ? -11.206 2.505   0.969   1.00 9.12  ? 116  MET A O   1 
ATOM   908  C CB  . MET A 1 135 ? -8.583  4.642   0.662   1.00 8.84  ? 116  MET A CB  1 
ATOM   909  C CG  . MET A 1 135 ? -7.975  5.876   -0.012  1.00 8.38  ? 116  MET A CG  1 
ATOM   910  S SD  . MET A 1 135 ? -7.129  7.041   1.082   1.00 9.24  ? 116  MET A SD  1 
ATOM   911  C CE  . MET A 1 135 ? -5.558  6.213   1.341   1.00 8.73  ? 116  MET A CE  1 
ATOM   912  N N   . TRP A 1 136 ? -9.172  1.647   0.479   1.00 8.97  ? 117  TRP A N   1 
ATOM   913  C CA  . TRP A 1 136 ? -9.358  0.450   1.299   1.00 9.36  ? 117  TRP A CA  1 
ATOM   914  C C   . TRP A 1 136 ? -9.616  0.882   2.743   1.00 9.31  ? 117  TRP A C   1 
ATOM   915  O O   . TRP A 1 136 ? -8.970  1.817   3.236   1.00 9.08  ? 117  TRP A O   1 
ATOM   916  C CB  . TRP A 1 136 ? -8.110  -0.426  1.249   1.00 9.90  ? 117  TRP A CB  1 
ATOM   917  C CG  . TRP A 1 136 ? -7.980  -1.249  0.001   1.00 11.59 ? 117  TRP A CG  1 
ATOM   918  C CD1 . TRP A 1 136 ? -7.339  -0.896  -1.156  1.00 12.37 ? 117  TRP A CD1 1 
ATOM   919  C CD2 . TRP A 1 136 ? -8.476  -2.576  -0.200  1.00 12.84 ? 117  TRP A CD2 1 
ATOM   920  N NE1 . TRP A 1 136 ? -7.423  -1.921  -2.074  1.00 13.61 ? 117  TRP A NE1 1 
ATOM   921  C CE2 . TRP A 1 136 ? -8.110  -2.964  -1.511  1.00 13.31 ? 117  TRP A CE2 1 
ATOM   922  C CE3 . TRP A 1 136 ? -9.196  -3.477  0.596   1.00 13.03 ? 117  TRP A CE3 1 
ATOM   923  C CZ2 . TRP A 1 136 ? -8.446  -4.214  -2.042  1.00 13.35 ? 117  TRP A CZ2 1 
ATOM   924  C CZ3 . TRP A 1 136 ? -9.530  -4.725  0.061   1.00 12.70 ? 117  TRP A CZ3 1 
ATOM   925  C CH2 . TRP A 1 136 ? -9.154  -5.077  -1.242  1.00 13.09 ? 117  TRP A CH2 1 
ATOM   926  N N   . PRO A 1 137 ? -10.576 0.227   3.424   1.00 9.09  ? 118  PRO A N   1 
ATOM   927  C CA  . PRO A 1 137 ? -10.934 0.654   4.788   1.00 9.24  ? 118  PRO A CA  1 
ATOM   928  C C   . PRO A 1 137 ? -9.791  0.625   5.810   1.00 8.52  ? 118  PRO A C   1 
ATOM   929  O O   . PRO A 1 137 ? -9.793  1.421   6.748   1.00 8.17  ? 118  PRO A O   1 
ATOM   930  C CB  . PRO A 1 137 ? -12.042 -0.327  5.206   1.00 9.30  ? 118  PRO A CB  1 
ATOM   931  C CG  . PRO A 1 137 ? -12.041 -1.420  4.198   1.00 10.22 ? 118  PRO A CG  1 
ATOM   932  C CD  . PRO A 1 137 ? -11.411 -0.888  2.943   1.00 9.42  ? 118  PRO A CD  1 
ATOM   933  N N   . ASP A 1 138 ? -8.831  -0.280  5.632   1.00 7.89  ? 119  ASP A N   1 
ATOM   934  C CA  . ASP A 1 138 ? -7.696  -0.386  6.558   1.00 7.84  ? 119  ASP A CA  1 
ATOM   935  C C   . ASP A 1 138 ? -6.830  0.874   6.568   1.00 7.94  ? 119  ASP A C   1 
ATOM   936  O O   . ASP A 1 138 ? -6.209  1.189   7.582   1.00 7.61  ? 119  ASP A O   1 
ATOM   937  C CB  . ASP A 1 138 ? -6.844  -1.622  6.236   1.00 7.92  ? 119  ASP A CB  1 
ATOM   938  C CG  . ASP A 1 138 ? -6.429  -1.686  4.778   1.00 8.37  ? 119  ASP A CG  1 
ATOM   939  O OD1 . ASP A 1 138 ? -7.316  -1.861  3.917   1.00 9.20  ? 119  ASP A OD1 1 
ATOM   940  O OD2 . ASP A 1 138 ? -5.221  -1.561  4.505   1.00 9.07  ? 119  ASP A OD2 1 
ATOM   941  N N   . ASP A 1 139 ? -6.800  1.601   5.451   1.00 8.00  ? 120  ASP A N   1 
ATOM   942  C CA  . ASP A 1 139 ? -5.941  2.791   5.341   1.00 8.33  ? 120  ASP A CA  1 
ATOM   943  C C   . ASP A 1 139 ? -6.290  3.848   6.379   1.00 8.09  ? 120  ASP A C   1 
ATOM   944  O O   . ASP A 1 139 ? -5.416  4.588   6.839   1.00 7.78  ? 120  ASP A O   1 
ATOM   945  C CB  . ASP A 1 139 ? -6.054  3.423   3.955   1.00 8.22  ? 120  ASP A CB  1 
ATOM   946  C CG  . ASP A 1 139 ? -5.560  2.522   2.857   1.00 9.79  ? 120  ASP A CG  1 
ATOM   947  O OD1 . ASP A 1 139 ? -5.594  1.284   3.032   1.00 10.74 ? 120  ASP A OD1 1 
ATOM   948  O OD2 . ASP A 1 139 ? -5.152  3.059   1.805   1.00 10.25 ? 120  ASP A OD2 1 
ATOM   949  N N   . SER A 1 140 ? -7.569  3.918   6.739   1.00 8.21  ? 121  SER A N   1 
ATOM   950  C CA  . SER A 1 140 ? -8.035  4.865   7.751   1.00 8.21  ? 121  SER A CA  1 
ATOM   951  C C   . SER A 1 140 ? -7.371  4.649   9.103   1.00 8.32  ? 121  SER A C   1 
ATOM   952  O O   . SER A 1 140 ? -7.314  5.574   9.918   1.00 8.51  ? 121  SER A O   1 
ATOM   953  C CB  . SER A 1 140 ? -9.549  4.782   7.908   1.00 8.29  ? 121  SER A CB  1 
ATOM   954  O OG  . SER A 1 140 ? -10.201 5.364   6.795   1.00 8.88  ? 121  SER A OG  1 
ATOM   955  N N   . TYR A 1 141 ? -6.864  3.434   9.320   1.00 8.46  ? 122  TYR A N   1 
ATOM   956  C CA  . TYR A 1 141 ? -6.277  3.033   10.591  1.00 9.02  ? 122  TYR A CA  1 
ATOM   957  C C   . TYR A 1 141 ? -4.766  3.229   10.601  1.00 8.94  ? 122  TYR A C   1 
ATOM   958  O O   . TYR A 1 141 ? -4.219  3.841   11.525  1.00 8.70  ? 122  TYR A O   1 
ATOM   959  C CB  . TYR A 1 141 ? -6.617  1.566   10.903  1.00 9.11  ? 122  TYR A CB  1 
ATOM   960  C CG  . TYR A 1 141 ? -8.097  1.264   11.047  1.00 9.51  ? 122  TYR A CG  1 
ATOM   961  C CD1 . TYR A 1 141 ? -8.911  1.098   9.928   1.00 8.80  ? 122  TYR A CD1 1 
ATOM   962  C CD2 . TYR A 1 141 ? -8.681  1.124   12.305  1.00 9.78  ? 122  TYR A CD2 1 
ATOM   963  C CE1 . TYR A 1 141 ? -10.288 0.818   10.061  1.00 9.22  ? 122  TYR A CE1 1 
ATOM   964  C CE2 . TYR A 1 141 ? -10.048 0.847   12.447  1.00 9.98  ? 122  TYR A CE2 1 
ATOM   965  C CZ  . TYR A 1 141 ? -10.839 0.685   11.322  1.00 10.52 ? 122  TYR A CZ  1 
ATOM   966  O OH  . TYR A 1 141 ? -12.183 0.415   11.451  1.00 11.13 ? 122  TYR A OH  1 
ATOM   967  N N   . TRP A 1 142 ? -4.082  2.718   9.576   1.00 9.33  ? 123  TRP A N   1 
ATOM   968  C CA  . TRP A 1 142 ? -2.615  2.737   9.583   1.00 9.48  ? 123  TRP A CA  1 
ATOM   969  C C   . TRP A 1 142 ? -1.982  3.927   8.858   1.00 9.74  ? 123  TRP A C   1 
ATOM   970  O O   . TRP A 1 142 ? -0.859  4.318   9.189   1.00 9.25  ? 123  TRP A O   1 
ATOM   971  C CB  . TRP A 1 142 ? -2.020  1.410   9.078   1.00 9.47  ? 123  TRP A CB  1 
ATOM   972  C CG  . TRP A 1 142 ? -2.401  1.052   7.668   1.00 9.13  ? 123  TRP A CG  1 
ATOM   973  C CD1 . TRP A 1 142 ? -3.369  0.173   7.288   1.00 8.70  ? 123  TRP A CD1 1 
ATOM   974  C CD2 . TRP A 1 142 ? -1.808  1.547   6.453   1.00 8.39  ? 123  TRP A CD2 1 
ATOM   975  N NE1 . TRP A 1 142 ? -3.434  0.094   5.920   1.00 9.13  ? 123  TRP A NE1 1 
ATOM   976  C CE2 . TRP A 1 142 ? -2.487  0.925   5.381   1.00 9.12  ? 123  TRP A CE2 1 
ATOM   977  C CE3 . TRP A 1 142 ? -0.775  2.453   6.167   1.00 9.58  ? 123  TRP A CE3 1 
ATOM   978  C CZ2 . TRP A 1 142 ? -2.171  1.179   4.040   1.00 9.98  ? 123  TRP A CZ2 1 
ATOM   979  C CZ3 . TRP A 1 142 ? -0.463  2.706   4.827   1.00 9.33  ? 123  TRP A CZ3 1 
ATOM   980  C CH2 . TRP A 1 142 ? -1.159  2.068   3.783   1.00 9.03  ? 123  TRP A CH2 1 
ATOM   981  N N   . PHE A 1 143 ? -2.682  4.519   7.891   1.00 10.39 ? 124  PHE A N   1 
ATOM   982  C CA  . PHE A 1 143 ? -2.077  5.642   7.166   1.00 11.92 ? 124  PHE A CA  1 
ATOM   983  C C   . PHE A 1 143 ? -1.779  6.825   8.104   1.00 12.39 ? 124  PHE A C   1 
ATOM   984  O O   . PHE A 1 143 ? -0.722  7.446   7.979   1.00 12.49 ? 124  PHE A O   1 
ATOM   985  C CB  . PHE A 1 143 ? -2.881  6.054   5.920   1.00 12.50 ? 124  PHE A CB  1 
ATOM   986  C CG  . PHE A 1 143 ? -2.132  6.972   4.989   1.00 14.13 ? 124  PHE A CG  1 
ATOM   987  C CD1 . PHE A 1 143 ? -1.125  6.483   4.160   1.00 16.05 ? 124  PHE A CD1 1 
ATOM   988  C CD2 . PHE A 1 143 ? -2.428  8.326   4.947   1.00 15.42 ? 124  PHE A CD2 1 
ATOM   989  C CE1 . PHE A 1 143 ? -0.432  7.338   3.299   1.00 17.60 ? 124  PHE A CE1 1 
ATOM   990  C CE2 . PHE A 1 143 ? -1.739  9.185   4.094   1.00 17.39 ? 124  PHE A CE2 1 
ATOM   991  C CZ  . PHE A 1 143 ? -0.742  8.693   3.272   1.00 15.78 ? 124  PHE A CZ  1 
ATOM   992  N N   . PRO A 1 144 ? -2.688  7.126   9.062   1.00 12.97 ? 125  PRO A N   1 
ATOM   993  C CA  . PRO A 1 144 ? -2.357  8.108   10.101  1.00 13.80 ? 125  PRO A CA  1 
ATOM   994  C C   . PRO A 1 144 ? -1.040  7.846   10.866  1.00 14.69 ? 125  PRO A C   1 
ATOM   995  O O   . PRO A 1 144 ? -0.334  8.802   11.190  1.00 15.08 ? 125  PRO A O   1 
ATOM   996  C CB  . PRO A 1 144 ? -3.577  8.054   11.031  1.00 13.90 ? 125  PRO A CB  1 
ATOM   997  C CG  . PRO A 1 144 ? -4.693  7.647   10.135  1.00 13.53 ? 125  PRO A CG  1 
ATOM   998  C CD  . PRO A 1 144 ? -4.074  6.637   9.211   1.00 12.85 ? 125  PRO A CD  1 
ATOM   999  N N   . LEU A 1 145 ? -0.702  6.580   11.132  1.00 15.38 ? 126  LEU A N   1 
ATOM   1000 C CA  . LEU A 1 145 ? 0.569   6.245   11.796  1.00 16.08 ? 126  LEU A CA  1 
ATOM   1001 C C   . LEU A 1 145 ? 1.760   6.591   10.907  1.00 16.88 ? 126  LEU A C   1 
ATOM   1002 O O   . LEU A 1 145 ? 2.783   7.095   11.374  1.00 16.85 ? 126  LEU A O   1 
ATOM   1003 C CB  . LEU A 1 145 ? 0.630   4.758   12.183  1.00 16.09 ? 126  LEU A CB  1 
ATOM   1004 C CG  . LEU A 1 145 ? -0.329  4.183   13.234  1.00 16.51 ? 126  LEU A CG  1 
ATOM   1005 C CD1 . LEU A 1 145 ? 0.050   2.740   13.514  1.00 17.82 ? 126  LEU A CD1 1 
ATOM   1006 C CD2 . LEU A 1 145 ? -0.336  4.988   14.531  1.00 17.82 ? 126  LEU A CD2 1 
ATOM   1007 N N   . LEU A 1 146 ? 1.603   6.307   9.621   1.00 17.65 ? 127  LEU A N   1 
ATOM   1008 C CA  . LEU A 1 146 ? 2.612   6.578   8.611   1.00 18.91 ? 127  LEU A CA  1 
ATOM   1009 C C   . LEU A 1 146 ? 2.909   8.077   8.509   1.00 19.22 ? 127  LEU A C   1 
ATOM   1010 O O   . LEU A 1 146 ? 4.060   8.476   8.312   1.00 19.74 ? 127  LEU A O   1 
ATOM   1011 C CB  . LEU A 1 146 ? 2.127   6.001   7.282   1.00 19.07 ? 127  LEU A CB  1 
ATOM   1012 C CG  . LEU A 1 146 ? 2.999   5.880   6.042   1.00 20.67 ? 127  LEU A CG  1 
ATOM   1013 C CD1 . LEU A 1 146 ? 2.729   4.531   5.399   1.00 21.63 ? 127  LEU A CD1 1 
ATOM   1014 C CD2 . LEU A 1 146 ? 2.670   7.001   5.091   1.00 21.70 ? 127  LEU A CD2 1 
ATOM   1015 N N   . LEU A 1 147 ? 1.876   8.900   8.675   1.00 19.78 ? 128  LEU A N   1 
ATOM   1016 C CA  . LEU A 1 147 ? 2.032   10.358  8.648   1.00 20.39 ? 128  LEU A CA  1 
ATOM   1017 C C   . LEU A 1 147 ? 2.775   10.895  9.871   1.00 20.88 ? 128  LEU A C   1 
ATOM   1018 O O   . LEU A 1 147 ? 3.396   11.962  9.809   1.00 21.24 ? 128  LEU A O   1 
ATOM   1019 C CB  . LEU A 1 147 ? 0.669   11.045  8.502   1.00 20.27 ? 128  LEU A CB  1 
ATOM   1020 C CG  . LEU A 1 147 ? -0.072  10.801  7.183   1.00 20.23 ? 128  LEU A CG  1 
ATOM   1021 C CD1 . LEU A 1 147 ? -1.514  11.259  7.301   1.00 20.86 ? 128  LEU A CD1 1 
ATOM   1022 C CD2 . LEU A 1 147 ? 0.619   11.467  5.987   1.00 21.38 ? 128  LEU A CD2 1 
ATOM   1023 N N   . GLN A 1 148 ? 2.709   10.148  10.970  1.00 21.39 ? 129  GLN A N   1 
ATOM   1024 C CA  . GLN A 1 148 ? 3.413   10.481  12.207  1.00 22.02 ? 129  GLN A CA  1 
ATOM   1025 C C   . GLN A 1 148 ? 4.821   9.878   12.231  1.00 22.21 ? 129  GLN A C   1 
ATOM   1026 O O   . GLN A 1 148 ? 5.480   9.845   13.280  1.00 22.55 ? 129  GLN A O   1 
ATOM   1027 C CB  . GLN A 1 148 ? 2.610   9.996   13.417  1.00 21.95 ? 129  GLN A CB  1 
ATOM   1028 C CG  . GLN A 1 148 ? 1.241   10.655  13.575  1.00 22.40 ? 129  GLN A CG  1 
ATOM   1029 C CD  . GLN A 1 148 ? 0.438   10.072  14.721  1.00 22.63 ? 129  GLN A CD  1 
ATOM   1030 O OE1 . GLN A 1 148 ? -0.001  10.798  15.612  1.00 24.73 ? 129  GLN A OE1 1 
ATOM   1031 N NE2 . GLN A 1 148 ? 0.244   8.760   14.708  1.00 23.96 ? 129  GLN A NE2 1 
ATOM   1032 N N   . LYS A 1 149 ? 5.268   9.403   11.066  1.00 22.35 ? 130  LYS A N   1 
ATOM   1033 C CA  . LYS A 1 149 ? 6.578   8.760   10.885  1.00 22.33 ? 130  LYS A CA  1 
ATOM   1034 C C   . LYS A 1 149 ? 6.820   7.594   11.853  1.00 21.74 ? 130  LYS A C   1 
ATOM   1035 O O   . LYS A 1 149 ? 7.953   7.323   12.261  1.00 22.08 ? 130  LYS A O   1 
ATOM   1036 C CB  . LYS A 1 149 ? 7.726   9.788   10.919  1.00 22.67 ? 130  LYS A CB  1 
ATOM   1037 C CG  . LYS A 1 149 ? 7.717   10.742  9.728   1.00 24.10 ? 130  LYS A CG  1 
ATOM   1038 C CD  . LYS A 1 149 ? 9.070   11.397  9.485   1.00 26.58 ? 130  LYS A CD  1 
ATOM   1039 C CE  . LYS A 1 149 ? 9.067   12.148  8.154   1.00 27.60 ? 130  LYS A CE  1 
ATOM   1040 N NZ  . LYS A 1 149 ? 10.424  12.628  7.754   1.00 28.95 ? 130  LYS A NZ  1 
ATOM   1041 N N   . LYS A 1 150 ? 5.737   6.905   12.205  1.00 20.85 ? 131  LYS A N   1 
ATOM   1042 C CA  . LYS A 1 150 ? 5.804   5.718   13.043  1.00 20.35 ? 131  LYS A CA  1 
ATOM   1043 C C   . LYS A 1 150 ? 5.883   4.489   12.152  1.00 19.49 ? 131  LYS A C   1 
ATOM   1044 O O   . LYS A 1 150 ? 5.365   4.498   11.031  1.00 20.09 ? 131  LYS A O   1 
ATOM   1045 C CB  . LYS A 1 150 ? 4.574   5.629   13.951  1.00 20.13 ? 131  LYS A CB  1 
ATOM   1046 C CG  . LYS A 1 150 ? 4.434   6.771   14.958  1.00 20.80 ? 131  LYS A CG  1 
ATOM   1047 C CD  . LYS A 1 150 ? 3.119   6.665   15.713  1.00 21.32 ? 131  LYS A CD  1 
ATOM   1048 C CE  . LYS A 1 150 ? 2.935   7.810   16.694  1.00 23.15 ? 131  LYS A CE  1 
ATOM   1049 N NZ  . LYS A 1 150 ? 1.623   7.714   17.397  1.00 24.57 ? 131  LYS A NZ  1 
ATOM   1050 N N   . LYS A 1 151 ? 6.557   3.451   12.641  1.00 18.29 ? 132  LYS A N   1 
ATOM   1051 C CA  . LYS A 1 151 ? 6.587   2.149   11.981  1.00 17.14 ? 132  LYS A CA  1 
ATOM   1052 C C   . LYS A 1 151 ? 5.631   1.213   12.708  1.00 16.09 ? 132  LYS A C   1 
ATOM   1053 O O   . LYS A 1 151 ? 5.420   1.350   13.913  1.00 15.89 ? 132  LYS A O   1 
ATOM   1054 C CB  . LYS A 1 151 ? 8.005   1.574   11.973  1.00 17.43 ? 132  LYS A CB  1 
ATOM   1055 C CG  . LYS A 1 151 ? 8.993   2.374   11.133  1.00 18.72 ? 132  LYS A CG  1 
ATOM   1056 C CD  . LYS A 1 151 ? 10.370  1.733   11.149  1.00 21.45 ? 132  LYS A CD  1 
ATOM   1057 C CE  . LYS A 1 151 ? 11.362  2.487   10.271  1.00 23.62 ? 132  LYS A CE  1 
ATOM   1058 N NZ  . LYS A 1 151 ? 11.769  3.799   10.859  1.00 24.95 ? 132  LYS A NZ  1 
ATOM   1059 N N   . PHE A 1 152 ? 5.059   0.252   11.992  1.00 14.54 ? 133  PHE A N   1 
ATOM   1060 C CA  . PHE A 1 152 ? 4.007   -0.565  12.589  1.00 13.53 ? 133  PHE A CA  1 
ATOM   1061 C C   . PHE A 1 152 ? 3.934   -2.007  12.105  1.00 13.12 ? 133  PHE A C   1 
ATOM   1062 O O   . PHE A 1 152 ? 4.390   -2.350  11.010  1.00 12.73 ? 133  PHE A O   1 
ATOM   1063 C CB  . PHE A 1 152 ? 2.638   0.106   12.397  1.00 13.58 ? 133  PHE A CB  1 
ATOM   1064 C CG  . PHE A 1 152 ? 2.251   0.291   10.954  1.00 13.01 ? 133  PHE A CG  1 
ATOM   1065 C CD1 . PHE A 1 152 ? 1.588   -0.723  10.261  1.00 12.91 ? 133  PHE A CD1 1 
ATOM   1066 C CD2 . PHE A 1 152 ? 2.549   1.476   10.286  1.00 13.07 ? 133  PHE A CD2 1 
ATOM   1067 C CE1 . PHE A 1 152 ? 1.236   -0.564  8.928   1.00 13.49 ? 133  PHE A CE1 1 
ATOM   1068 C CE2 . PHE A 1 152 ? 2.199   1.648   8.951   1.00 14.51 ? 133  PHE A CE2 1 
ATOM   1069 C CZ  . PHE A 1 152 ? 1.544   0.627   8.269   1.00 13.32 ? 133  PHE A CZ  1 
ATOM   1070 N N   . HIS A 1 153 ? 3.357   -2.843  12.960  1.00 12.63 ? 134  HIS A N   1 
ATOM   1071 C CA  . HIS A 1 153 ? 2.856   -4.147  12.571  1.00 12.30 ? 134  HIS A CA  1 
ATOM   1072 C C   . HIS A 1 153 ? 1.338   -4.100  12.668  1.00 11.85 ? 134  HIS A C   1 
ATOM   1073 O O   . HIS A 1 153 ? 0.787   -3.543  13.621  1.00 11.70 ? 134  HIS A O   1 
ATOM   1074 C CB  . HIS A 1 153 ? 3.405   -5.232  13.490  1.00 12.84 ? 134  HIS A CB  1 
ATOM   1075 C CG  . HIS A 1 153 ? 4.844   -5.564  13.239  1.00 14.43 ? 134  HIS A CG  1 
ATOM   1076 N ND1 . HIS A 1 153 ? 5.573   -6.388  14.070  1.00 17.01 ? 134  HIS A ND1 1 
ATOM   1077 C CD2 . HIS A 1 153 ? 5.690   -5.179  12.254  1.00 15.15 ? 134  HIS A CD2 1 
ATOM   1078 C CE1 . HIS A 1 153 ? 6.803   -6.505  13.600  1.00 17.29 ? 134  HIS A CE1 1 
ATOM   1079 N NE2 . HIS A 1 153 ? 6.900   -5.778  12.500  1.00 16.91 ? 134  HIS A NE2 1 
ATOM   1080 N N   . GLY A 1 154 ? 0.660   -4.666  11.677  1.00 10.97 ? 135  GLY A N   1 
ATOM   1081 C CA  . GLY A 1 154 ? -0.798  -4.638  11.650  1.00 10.63 ? 135  GLY A CA  1 
ATOM   1082 C C   . GLY A 1 154 ? -1.425  -5.974  11.314  1.00 9.92  ? 135  GLY A C   1 
ATOM   1083 O O   . GLY A 1 154 ? -0.784  -6.848  10.723  1.00 10.24 ? 135  GLY A O   1 
ATOM   1084 N N   . TYR A 1 155 ? -2.682  -6.127  11.724  1.00 9.46  ? 136  TYR A N   1 
ATOM   1085 C CA  . TYR A 1 155 ? -3.526  -7.251  11.329  1.00 9.21  ? 136  TYR A CA  1 
ATOM   1086 C C   . TYR A 1 155 ? -4.938  -6.717  11.107  1.00 8.78  ? 136  TYR A C   1 
ATOM   1087 O O   . TYR A 1 155 ? -5.431  -5.927  11.919  1.00 8.50  ? 136  TYR A O   1 
ATOM   1088 C CB  . TYR A 1 155 ? -3.548  -8.333  12.417  1.00 9.68  ? 136  TYR A CB  1 
ATOM   1089 C CG  . TYR A 1 155 ? -4.687  -9.318  12.265  1.00 9.90  ? 136  TYR A CG  1 
ATOM   1090 C CD1 . TYR A 1 155 ? -4.604  -10.380 11.363  1.00 11.11 ? 136  TYR A CD1 1 
ATOM   1091 C CD2 . TYR A 1 155 ? -5.855  -9.173  13.005  1.00 10.18 ? 136  TYR A CD2 1 
ATOM   1092 C CE1 . TYR A 1 155 ? -5.659  -11.278 11.209  1.00 11.34 ? 136  TYR A CE1 1 
ATOM   1093 C CE2 . TYR A 1 155 ? -6.920  -10.060 12.860  1.00 11.15 ? 136  TYR A CE2 1 
ATOM   1094 C CZ  . TYR A 1 155 ? -6.810  -11.114 11.971  1.00 11.04 ? 136  TYR A CZ  1 
ATOM   1095 O OH  . TYR A 1 155 ? -7.862  -11.991 11.829  1.00 11.58 ? 136  TYR A OH  1 
ATOM   1096 N N   . PHE A 1 156 ? -5.576  -7.139  10.013  1.00 8.41  ? 137  PHE A N   1 
ATOM   1097 C CA  . PHE A 1 156 ? -6.960  -6.753  9.720   1.00 8.65  ? 137  PHE A CA  1 
ATOM   1098 C C   . PHE A 1 156 ? -7.765  -7.937  9.228   1.00 9.23  ? 137  PHE A C   1 
ATOM   1099 O O   . PHE A 1 156 ? -7.314  -8.667  8.338   1.00 9.29  ? 137  PHE A O   1 
ATOM   1100 C CB  . PHE A 1 156 ? -7.015  -5.639  8.659   1.00 8.33  ? 137  PHE A CB  1 
ATOM   1101 C CG  . PHE A 1 156 ? -6.407  -4.340  9.113   1.00 7.62  ? 137  PHE A CG  1 
ATOM   1102 C CD1 . PHE A 1 156 ? -5.042  -4.117  8.969   1.00 8.31  ? 137  PHE A CD1 1 
ATOM   1103 C CD2 . PHE A 1 156 ? -7.194  -3.344  9.689   1.00 8.51  ? 137  PHE A CD2 1 
ATOM   1104 C CE1 . PHE A 1 156 ? -4.465  -2.931  9.403   1.00 8.25  ? 137  PHE A CE1 1 
ATOM   1105 C CE2 . PHE A 1 156 ? -6.622  -2.146  10.124  1.00 8.92  ? 137  PHE A CE2 1 
ATOM   1106 C CZ  . PHE A 1 156 ? -5.259  -1.941  9.979   1.00 8.74  ? 137  PHE A CZ  1 
ATOM   1107 N N   . LYS A 1 157 ? -8.948  -8.124  9.814   1.00 9.57  ? 138  LYS A N   1 
ATOM   1108 C CA  . LYS A 1 157 ? -9.903  -9.112  9.332   1.00 10.50 ? 138  LYS A CA  1 
ATOM   1109 C C   . LYS A 1 157 ? -11.034 -8.417  8.599   1.00 10.42 ? 138  LYS A C   1 
ATOM   1110 O O   . LYS A 1 157 ? -11.736 -7.575  9.169   1.00 10.22 ? 138  LYS A O   1 
ATOM   1111 C CB  . LYS A 1 157 ? -10.455 -9.964  10.475  1.00 10.62 ? 138  LYS A CB  1 
ATOM   1112 C CG  . LYS A 1 157 ? -11.412 -11.050 9.990   1.00 14.12 ? 138  LYS A CG  1 
ATOM   1113 C CD  . LYS A 1 157 ? -11.762 -11.970 11.128  1.00 17.28 ? 138  LYS A CD  1 
ATOM   1114 C CE  . LYS A 1 157 ? -11.757 -13.408 10.677  1.00 20.09 ? 138  LYS A CE  1 
ATOM   1115 N NZ  . LYS A 1 157 ? -12.087 -14.285 11.826  1.00 21.44 ? 138  LYS A NZ  1 
ATOM   1116 N N   . PHE A 1 158 ? -11.185 -8.775  7.328   1.00 10.90 ? 139  PHE A N   1 
ATOM   1117 C CA  . PHE A 1 158 ? -12.155 -8.166  6.431   1.00 11.83 ? 139  PHE A CA  1 
ATOM   1118 C C   . PHE A 1 158 ? -13.365 -9.055  6.226   1.00 12.52 ? 139  PHE A C   1 
ATOM   1119 O O   . PHE A 1 158 ? -13.238 -10.279 6.147   1.00 12.86 ? 139  PHE A O   1 
ATOM   1120 C CB  . PHE A 1 158 ? -11.529 -7.983  5.046   1.00 11.86 ? 139  PHE A CB  1 
ATOM   1121 C CG  . PHE A 1 158 ? -10.786 -6.696  4.861   1.00 12.42 ? 139  PHE A CG  1 
ATOM   1122 C CD1 . PHE A 1 158 ? -9.511  -6.529  5.389   1.00 13.34 ? 139  PHE A CD1 1 
ATOM   1123 C CD2 . PHE A 1 158 ? -11.338 -5.673  4.106   1.00 13.70 ? 139  PHE A CD2 1 
ATOM   1124 C CE1 . PHE A 1 158 ? -8.811  -5.340  5.202   1.00 14.57 ? 139  PHE A CE1 1 
ATOM   1125 C CE2 . PHE A 1 158 ? -10.648 -4.490  3.907   1.00 14.79 ? 139  PHE A CE2 1 
ATOM   1126 C CZ  . PHE A 1 158 ? -9.383  -4.322  4.460   1.00 13.69 ? 139  PHE A CZ  1 
ATOM   1127 N N   . GLN A 1 159 ? -14.527 -8.420  6.115   1.00 13.32 ? 140  GLN A N   1 
ATOM   1128 C CA  . GLN A 1 159 ? -15.694 -9.019  5.484   1.00 14.93 ? 140  GLN A CA  1 
ATOM   1129 C C   . GLN A 1 159 ? -15.772 -8.415  4.089   1.00 15.17 ? 140  GLN A C   1 
ATOM   1130 O O   . GLN A 1 159 ? -16.052 -7.223  3.939   1.00 15.41 ? 140  GLN A O   1 
ATOM   1131 C CB  . GLN A 1 159 ? -16.965 -8.698  6.277   1.00 14.94 ? 140  GLN A CB  1 
ATOM   1132 C CG  . GLN A 1 159 ? -18.263 -9.044  5.542   1.00 17.42 ? 140  GLN A CG  1 
ATOM   1133 C CD  . GLN A 1 159 ? -18.457 -10.531 5.391   1.00 19.39 ? 140  GLN A CD  1 
ATOM   1134 O OE1 . GLN A 1 159 ? -18.576 -11.255 6.380   1.00 21.49 ? 140  GLN A OE1 1 
ATOM   1135 N NE2 . GLN A 1 159 ? -18.498 -11.002 4.147   1.00 20.95 ? 140  GLN A NE2 1 
ATOM   1136 N N   . GLY A 1 160 ? -15.505 -9.228  3.072   1.00 15.89 ? 141  GLY A N   1 
ATOM   1137 C CA  . GLY A 1 160 ? -15.458 -8.731  1.701   1.00 16.74 ? 141  GLY A CA  1 
ATOM   1138 C C   . GLY A 1 160 ? -14.349 -7.709  1.559   1.00 17.32 ? 141  GLY A C   1 
ATOM   1139 O O   . GLY A 1 160 ? -13.292 -7.841  2.189   1.00 17.72 ? 141  GLY A O   1 
ATOM   1140 N N   . GLN A 1 161 ? -14.591 -6.684  0.747   1.00 18.02 ? 142  GLN A N   1 
ATOM   1141 C CA  . GLN A 1 161 ? -13.586 -5.644  0.496   1.00 18.65 ? 142  GLN A CA  1 
ATOM   1142 C C   . GLN A 1 161 ? -13.863 -4.314  1.208   1.00 18.31 ? 142  GLN A C   1 
ATOM   1143 O O   . GLN A 1 161 ? -13.016 -3.417  1.190   1.00 18.02 ? 142  GLN A O   1 
ATOM   1144 C CB  . GLN A 1 161 ? -13.430 -5.393  -1.012  1.00 18.77 ? 142  GLN A CB  1 
ATOM   1145 C CG  . GLN A 1 161 ? -12.800 -6.542  -1.804  1.00 20.35 ? 142  GLN A CG  1 
ATOM   1146 C CD  . GLN A 1 161 ? -12.425 -6.138  -3.228  1.00 20.37 ? 142  GLN A CD  1 
ATOM   1147 O OE1 . GLN A 1 161 ? -13.089 -5.300  -3.848  1.00 22.91 ? 142  GLN A OE1 1 
ATOM   1148 N NE2 . GLN A 1 161 ? -11.360 -6.734  -3.749  1.00 23.02 ? 142  GLN A NE2 1 
ATOM   1149 N N   . ASP A 1 162 ? -15.031 -4.186  1.842   1.00 17.90 ? 143  ASP A N   1 
ATOM   1150 C CA  . ASP A 1 162 ? -15.496 -2.882  2.332   1.00 17.89 ? 143  ASP A CA  1 
ATOM   1151 C C   . ASP A 1 162 ? -15.585 -2.742  3.852   1.00 16.92 ? 143  ASP A C   1 
ATOM   1152 O O   . ASP A 1 162 ? -15.845 -1.647  4.355   1.00 17.30 ? 143  ASP A O   1 
ATOM   1153 C CB  . ASP A 1 162 ? -16.863 -2.536  1.726   1.00 18.64 ? 143  ASP A CB  1 
ATOM   1154 C CG  . ASP A 1 162 ? -16.846 -2.483  0.208   1.00 20.43 ? 143  ASP A CG  1 
ATOM   1155 O OD1 . ASP A 1 162 ? -15.761 -2.329  -0.393  1.00 23.28 ? 143  ASP A OD1 1 
ATOM   1156 O OD2 . ASP A 1 162 ? -17.937 -2.601  -0.388  1.00 23.73 ? 143  ASP A OD2 1 
ATOM   1157 N N   . THR A 1 163 ? -15.378 -3.838  4.577   1.00 15.74 ? 144  THR A N   1 
ATOM   1158 C CA  . THR A 1 163 ? -15.681 -3.866  6.008   1.00 14.72 ? 144  THR A CA  1 
ATOM   1159 C C   . THR A 1 163 ? -14.603 -4.551  6.842   1.00 13.60 ? 144  THR A C   1 
ATOM   1160 O O   . THR A 1 163 ? -14.193 -5.667  6.535   1.00 13.71 ? 144  THR A O   1 
ATOM   1161 C CB  . THR A 1 163 ? -17.031 -4.572  6.263   1.00 14.84 ? 144  THR A CB  1 
ATOM   1162 O OG1 . THR A 1 163 ? -18.042 -3.961  5.456   1.00 15.09 ? 144  THR A OG1 1 
ATOM   1163 C CG2 . THR A 1 163 ? -17.430 -4.475  7.729   1.00 15.05 ? 144  THR A CG2 1 
ATOM   1164 N N   . ILE A 1 164 ? -14.169 -3.872  7.902   1.00 12.47 ? 145  ILE A N   1 
ATOM   1165 C CA  . ILE A 1 164 ? -13.235 -4.440  8.873   1.00 11.24 ? 145  ILE A CA  1 
ATOM   1166 C C   . ILE A 1 164 ? -14.006 -4.909  10.096  1.00 10.74 ? 145  ILE A C   1 
ATOM   1167 O O   . ILE A 1 164 ? -14.799 -4.153  10.657  1.00 10.62 ? 145  ILE A O   1 
ATOM   1168 C CB  . ILE A 1 164 ? -12.149 -3.419  9.271   1.00 11.57 ? 145  ILE A CB  1 
ATOM   1169 C CG1 . ILE A 1 164 ? -11.233 -3.148  8.069   1.00 12.41 ? 145  ILE A CG1 1 
ATOM   1170 C CG2 . ILE A 1 164 ? -11.347 -3.901  10.485  1.00 11.14 ? 145  ILE A CG2 1 
ATOM   1171 C CD1 . ILE A 1 164 ? -10.341 -1.970  8.250   1.00 14.89 ? 145  ILE A CD1 1 
ATOM   1172 N N   . LEU A 1 165 ? -13.777 -6.161  10.485  1.00 10.05 ? 146  LEU A N   1 
ATOM   1173 C CA  . LEU A 1 165 ? -14.469 -6.756  11.637  1.00 9.91  ? 146  LEU A CA  1 
ATOM   1174 C C   . LEU A 1 165 ? -13.583 -6.842  12.875  1.00 9.92  ? 146  LEU A C   1 
ATOM   1175 O O   . LEU A 1 165 ? -14.084 -6.897  13.994  1.00 9.95  ? 146  LEU A O   1 
ATOM   1176 C CB  . LEU A 1 165 ? -14.994 -8.152  11.296  1.00 10.13 ? 146  LEU A CB  1 
ATOM   1177 C CG  . LEU A 1 165 ? -16.015 -8.283  10.170  1.00 10.42 ? 146  LEU A CG  1 
ATOM   1178 C CD1 . LEU A 1 165 ? -16.561 -9.704  10.154  1.00 11.58 ? 146  LEU A CD1 1 
ATOM   1179 C CD2 . LEU A 1 165 ? -17.144 -7.277  10.325  1.00 12.33 ? 146  LEU A CD2 1 
ATOM   1180 N N   . ASP A 1 166 ? -12.270 -6.876  12.661  1.00 9.72  ? 147  ASP A N   1 
ATOM   1181 C CA  . ASP A 1 166 ? -11.293 -6.978  13.744  1.00 9.72  ? 147  ASP A CA  1 
ATOM   1182 C C   . ASP A 1 166 ? -9.960  -6.455  13.227  1.00 9.76  ? 147  ASP A C   1 
ATOM   1183 O O   . ASP A 1 166 ? -9.669  -6.551  12.032  1.00 9.29  ? 147  ASP A O   1 
ATOM   1184 C CB  . ASP A 1 166 ? -11.157 -8.437  14.210  1.00 9.91  ? 147  ASP A CB  1 
ATOM   1185 C CG  . ASP A 1 166 ? -10.281 -8.598  15.455  1.00 10.87 ? 147  ASP A CG  1 
ATOM   1186 O OD1 . ASP A 1 166 ? -10.091 -7.625  16.227  1.00 11.51 ? 147  ASP A OD1 1 
ATOM   1187 O OD2 . ASP A 1 166 ? -9.778  -9.722  15.656  1.00 12.38 ? 147  ASP A OD2 1 
ATOM   1188 N N   . TYR A 1 167 ? -9.160  -5.884  14.123  1.00 9.85  ? 148  TYR A N   1 
ATOM   1189 C CA  . TYR A 1 167 ? -7.823  -5.436  13.753  1.00 10.53 ? 148  TYR A CA  1 
ATOM   1190 C C   . TYR A 1 167 ? -6.949  -5.236  14.970  1.00 10.86 ? 148  TYR A C   1 
ATOM   1191 O O   . TYR A 1 167 ? -7.444  -5.094  16.092  1.00 10.56 ? 148  TYR A O   1 
ATOM   1192 C CB  . TYR A 1 167 ? -7.887  -4.128  12.949  1.00 10.66 ? 148  TYR A CB  1 
ATOM   1193 C CG  . TYR A 1 167 ? -8.083  -2.879  13.784  1.00 10.72 ? 148  TYR A CG  1 
ATOM   1194 C CD1 . TYR A 1 167 ? -9.351  -2.482  14.193  1.00 10.91 ? 148  TYR A CD1 1 
ATOM   1195 C CD2 . TYR A 1 167 ? -6.993  -2.095  14.159  1.00 11.59 ? 148  TYR A CD2 1 
ATOM   1196 C CE1 . TYR A 1 167 ? -9.531  -1.334  14.963  1.00 11.41 ? 148  TYR A CE1 1 
ATOM   1197 C CE2 . TYR A 1 167 ? -7.161  -0.944  14.926  1.00 11.90 ? 148  TYR A CE2 1 
ATOM   1198 C CZ  . TYR A 1 167 ? -8.431  -0.570  15.320  1.00 12.54 ? 148  TYR A CZ  1 
ATOM   1199 O OH  . TYR A 1 167 ? -8.604  0.572   16.077  1.00 14.42 ? 148  TYR A OH  1 
ATOM   1200 N N   . THR A 1 168 ? -5.647  -5.205  14.721  1.00 10.83 ? 149  THR A N   1 
ATOM   1201 C CA  . THR A 1 168 ? -4.671  -4.793  15.712  1.00 11.76 ? 149  THR A CA  1 
ATOM   1202 C C   . THR A 1 168 ? -3.578  -4.001  15.003  1.00 12.15 ? 149  THR A C   1 
ATOM   1203 O O   . THR A 1 168 ? -3.117  -4.390  13.926  1.00 11.80 ? 149  THR A O   1 
ATOM   1204 C CB  . THR A 1 168 ? -4.060  -6.002  16.446  1.00 11.79 ? 149  THR A CB  1 
ATOM   1205 O OG1 . THR A 1 168 ? -5.102  -6.736  17.110  1.00 13.60 ? 149  THR A OG1 1 
ATOM   1206 C CG2 . THR A 1 168 ? -3.033  -5.549  17.479  1.00 12.22 ? 149  THR A CG2 1 
ATOM   1207 N N   . LEU A 1 169 ? -3.195  -2.876  15.600  1.00 12.89 ? 150  LEU A N   1 
ATOM   1208 C CA  . LEU A 1 169 ? -2.042  -2.105  15.152  1.00 14.58 ? 150  LEU A CA  1 
ATOM   1209 C C   . LEU A 1 169 ? -1.073  -1.895  16.309  1.00 15.81 ? 150  LEU A C   1 
ATOM   1210 O O   . LEU A 1 169 ? -1.483  -1.538  17.414  1.00 16.46 ? 150  LEU A O   1 
ATOM   1211 C CB  . LEU A 1 169 ? -2.471  -0.754  14.572  1.00 14.60 ? 150  LEU A CB  1 
ATOM   1212 C CG  . LEU A 1 169 ? -2.831  -0.684  13.089  1.00 14.98 ? 150  LEU A CG  1 
ATOM   1213 C CD1 . LEU A 1 169 ? -3.449  0.671   12.777  1.00 14.69 ? 150  LEU A CD1 1 
ATOM   1214 C CD2 . LEU A 1 169 ? -1.604  -0.943  12.209  1.00 15.26 ? 150  LEU A CD2 1 
ATOM   1215 N N   . ARG A 1 170 ? 0.209   -2.123  16.045  1.00 17.14 ? 151  ARG A N   1 
ATOM   1216 C CA  . ARG A 1 170 ? 1.248   -2.026  17.063  1.00 18.85 ? 151  ARG A CA  1 
ATOM   1217 C C   . ARG A 1 170 ? 2.413   -1.200  16.519  1.00 19.46 ? 151  ARG A C   1 
ATOM   1218 O O   . ARG A 1 170 ? 2.957   -1.527  15.466  1.00 19.64 ? 151  ARG A O   1 
ATOM   1219 C CB  . ARG A 1 170 ? 1.716   -3.437  17.427  1.00 19.21 ? 151  ARG A CB  1 
ATOM   1220 C CG  . ARG A 1 170 ? 2.739   -3.541  18.548  1.00 21.26 ? 151  ARG A CG  1 
ATOM   1221 C CD  . ARG A 1 170 ? 3.269   -4.966  18.644  1.00 24.67 ? 151  ARG A CD  1 
ATOM   1222 N NE  . ARG A 1 170 ? 2.224   -5.924  19.012  1.00 26.77 ? 151  ARG A NE  1 
ATOM   1223 C CZ  . ARG A 1 170 ? 2.385   -7.244  19.062  1.00 28.09 ? 151  ARG A CZ  1 
ATOM   1224 N NH1 . ARG A 1 170 ? 3.555   -7.799  18.758  1.00 28.67 ? 151  ARG A NH1 1 
ATOM   1225 N NH2 . ARG A 1 170 ? 1.365   -8.017  19.416  1.00 28.50 ? 151  ARG A NH2 1 
ATOM   1226 N N   . GLU A 1 171 ? 2.779   -0.123  17.212  1.00 20.39 ? 152  GLU A N   1 
ATOM   1227 C CA  . GLU A 1 171 ? 3.981   0.622   16.834  1.00 21.40 ? 152  GLU A CA  1 
ATOM   1228 C C   . GLU A 1 171 ? 5.209   -0.209  17.186  1.00 21.63 ? 152  GLU A C   1 
ATOM   1229 O O   . GLU A 1 171 ? 5.276   -0.820  18.256  1.00 21.60 ? 152  GLU A O   1 
ATOM   1230 C CB  . GLU A 1 171 ? 4.054   2.020   17.472  1.00 21.36 ? 152  GLU A CB  1 
ATOM   1231 C CG  . GLU A 1 171 ? 5.187   2.881   16.881  1.00 22.43 ? 152  GLU A CG  1 
ATOM   1232 C CD  . GLU A 1 171 ? 5.336   4.262   17.505  1.00 22.49 ? 152  GLU A CD  1 
ATOM   1233 O OE1 . GLU A 1 171 ? 4.433   4.710   18.246  1.00 25.16 ? 152  GLU A OE1 1 
ATOM   1234 O OE2 . GLU A 1 171 ? 6.374   4.907   17.236  1.00 24.05 ? 152  GLU A OE2 1 
ATOM   1235 N N   . VAL A 1 172 ? 6.159   -0.248  16.260  1.00 21.94 ? 153  VAL A N   1 
ATOM   1236 C CA  . VAL A 1 172 ? 7.403   -0.989  16.444  1.00 22.47 ? 153  VAL A CA  1 
ATOM   1237 C C   . VAL A 1 172 ? 8.581   -0.068  16.159  1.00 23.03 ? 153  VAL A C   1 
ATOM   1238 O O   . VAL A 1 172 ? 8.435   0.922   15.442  1.00 22.70 ? 153  VAL A O   1 
ATOM   1239 C CB  . VAL A 1 172 ? 7.474   -2.249  15.534  1.00 22.41 ? 153  VAL A CB  1 
ATOM   1240 C CG1 . VAL A 1 172 ? 6.396   -3.250  15.914  1.00 22.47 ? 153  VAL A CG1 1 
ATOM   1241 C CG2 . VAL A 1 172 ? 7.362   -1.877  14.052  1.00 22.62 ? 153  VAL A CG2 1 
ATOM   1242 N N   . ASP A 1 173 ? 9.738   -0.387  16.735  1.00 23.93 ? 154  ASP A N   1 
ATOM   1243 C CA  . ASP A 1 173 ? 10.968  0.334   16.420  1.00 24.93 ? 154  ASP A CA  1 
ATOM   1244 C C   . ASP A 1 173 ? 11.607  -0.219  15.149  1.00 25.07 ? 154  ASP A C   1 
ATOM   1245 O O   . ASP A 1 173 ? 12.198  0.530   14.375  1.00 25.45 ? 154  ASP A O   1 
ATOM   1246 C CB  . ASP A 1 173 ? 11.960  0.275   17.585  1.00 25.28 ? 154  ASP A CB  1 
ATOM   1247 C CG  . ASP A 1 173 ? 11.488  1.056   18.805  1.00 26.54 ? 154  ASP A CG  1 
ATOM   1248 O OD1 . ASP A 1 173 ? 10.781  2.078   18.644  1.00 27.82 ? 154  ASP A OD1 1 
ATOM   1249 O OD2 . ASP A 1 173 ? 11.842  0.651   19.933  1.00 28.39 ? 154  ASP A OD2 1 
ATOM   1250 N N   . THR A 1 174 ? 11.479  -1.531  14.945  1.00 25.28 ? 155  THR A N   1 
ATOM   1251 C CA  . THR A 1 174 ? 11.996  -2.202  13.753  1.00 25.30 ? 155  THR A CA  1 
ATOM   1252 C C   . THR A 1 174 ? 10.901  -3.053  13.114  1.00 24.79 ? 155  THR A C   1 
ATOM   1253 O O   . THR A 1 174 ? 10.221  -3.816  13.803  1.00 24.77 ? 155  THR A O   1 
ATOM   1254 C CB  . THR A 1 174 ? 13.213  -3.109  14.084  1.00 25.45 ? 155  THR A CB  1 
ATOM   1255 O OG1 . THR A 1 174 ? 14.082  -2.443  15.009  1.00 26.52 ? 155  THR A OG1 1 
ATOM   1256 C CG2 . THR A 1 174 ? 13.994  -3.457  12.821  1.00 25.84 ? 155  THR A CG2 1 
ATOM   1257 N N   . VAL A 1 175 ? 10.734  -2.921  11.800  1.00 24.50 ? 156  VAL A N   1 
ATOM   1258 C CA  . VAL A 1 175 ? 9.773   -3.742  11.062  1.00 24.15 ? 156  VAL A CA  1 
ATOM   1259 C C   . VAL A 1 175 ? 10.406  -5.088  10.708  1.00 24.30 ? 156  VAL A C   1 
ATOM   1260 C CB  . VAL A 1 175 ? 9.265   -3.045  9.774   1.00 24.11 ? 156  VAL A CB  1 
ATOM   1261 C CG1 . VAL A 1 175 ? 8.151   -3.855  9.130   1.00 24.11 ? 156  VAL A CG1 1 
ATOM   1262 C CG2 . VAL A 1 175 ? 8.772   -1.638  10.080  1.00 23.56 ? 156  VAL A CG2 1 
HETATM 1263 O O1  . RX8 B 2 .   ? -0.827  -3.935  -2.550  1.00 10.99 ? 1157 RX8 A O1  1 
HETATM 1264 C C10 . RX8 B 2 .   ? -1.807  -4.967  -2.361  1.00 11.31 ? 1157 RX8 A C10 1 
HETATM 1265 C C11 . RX8 B 2 .   ? -1.394  -6.187  -3.191  1.00 12.10 ? 1157 RX8 A C11 1 
HETATM 1266 C C12 . RX8 B 2 .   ? -1.700  -5.374  -0.884  1.00 11.41 ? 1157 RX8 A C12 1 
HETATM 1267 C C9  . RX8 B 2 .   ? -3.234  -4.498  -2.791  1.00 11.67 ? 1157 RX8 A C9  1 
HETATM 1268 N N3  . RX8 B 2 .   ? -3.532  -3.284  -2.019  1.00 11.01 ? 1157 RX8 A N3  1 
HETATM 1269 C C5  . RX8 B 2 .   ? -3.113  -2.017  -2.326  1.00 11.07 ? 1157 RX8 A C5  1 
HETATM 1270 C C6  . RX8 B 2 .   ? -2.351  -1.619  -3.565  1.00 11.53 ? 1157 RX8 A C6  1 
HETATM 1271 O O   . RX8 B 2 .   ? -3.189  -1.954  -4.681  1.00 12.03 ? 1157 RX8 A O   1 
HETATM 1272 C C7  . RX8 B 2 .   ? -2.548  -2.030  -5.955  1.00 13.19 ? 1157 RX8 A C7  1 
HETATM 1273 C C8  . RX8 B 2 .   ? -3.600  -2.335  -7.022  1.00 14.19 ? 1157 RX8 A C8  1 
HETATM 1274 N N2  . RX8 B 2 .   ? -3.478  -1.192  -1.394  1.00 10.85 ? 1157 RX8 A N2  1 
HETATM 1275 C C4  . RX8 B 2 .   ? -4.148  -1.874  -0.446  1.00 10.95 ? 1157 RX8 A C4  1 
HETATM 1276 C C   . RX8 B 2 .   ? -4.749  -1.474  0.759   1.00 11.18 ? 1157 RX8 A C   1 
HETATM 1277 N N   . RX8 B 2 .   ? -4.636  -0.141  1.116   1.00 11.07 ? 1157 RX8 A N   1 
HETATM 1278 C C3  . RX8 B 2 .   ? -4.193  -3.222  -0.825  1.00 11.24 ? 1157 RX8 A C3  1 
HETATM 1279 C C2  . RX8 B 2 .   ? -4.892  -4.161  0.059   1.00 10.84 ? 1157 RX8 A C2  1 
HETATM 1280 C C13 . RX8 B 2 .   ? -5.047  -5.526  -0.235  1.00 10.92 ? 1157 RX8 A C13 1 
HETATM 1281 C C14 . RX8 B 2 .   ? -5.737  -6.342  0.624   1.00 12.05 ? 1157 RX8 A C14 1 
HETATM 1282 C C15 . RX8 B 2 .   ? -6.293  -5.833  1.801   1.00 11.06 ? 1157 RX8 A C15 1 
HETATM 1283 C C16 . RX8 B 2 .   ? -6.159  -4.509  2.118   1.00 11.15 ? 1157 RX8 A C16 1 
HETATM 1284 C C1  . RX8 B 2 .   ? -5.472  -3.640  1.252   1.00 11.62 ? 1157 RX8 A C1  1 
HETATM 1285 N N1  . RX8 B 2 .   ? -5.346  -2.333  1.550   1.00 11.64 ? 1157 RX8 A N1  1 
HETATM 1286 O O   . HOH C 3 .   ? 4.470   -14.859 3.928   1.00 37.75 ? 2001 HOH A O   1 
HETATM 1287 O O   . HOH C 3 .   ? 5.896   -16.660 0.618   1.00 34.57 ? 2002 HOH A O   1 
HETATM 1288 O O   . HOH C 3 .   ? 3.776   -13.897 -3.452  1.00 26.07 ? 2003 HOH A O   1 
HETATM 1289 O O   . HOH C 3 .   ? 4.722   -15.525 -1.383  1.00 28.79 ? 2004 HOH A O   1 
HETATM 1290 O O   . HOH C 3 .   ? -2.656  -14.471 -0.340  1.00 23.59 ? 2005 HOH A O   1 
HETATM 1291 O O   . HOH C 3 .   ? -4.776  -12.163 -3.485  1.00 37.41 ? 2006 HOH A O   1 
HETATM 1292 O O   . HOH C 3 .   ? 5.416   -6.913  -5.503  1.00 13.18 ? 2007 HOH A O   1 
HETATM 1293 O O   . HOH C 3 .   ? 2.132   5.880   -3.531  1.00 14.92 ? 2008 HOH A O   1 
HETATM 1294 O O   . HOH C 3 .   ? 8.244   9.657   2.806   1.00 40.83 ? 2009 HOH A O   1 
HETATM 1295 O O   . HOH C 3 .   ? 8.146   13.195  2.929   1.00 35.26 ? 2010 HOH A O   1 
HETATM 1296 O O   . HOH C 3 .   ? -15.544 7.608   -6.649  1.00 41.48 ? 2011 HOH A O   1 
HETATM 1297 O O   . HOH C 3 .   ? 5.075   13.699  4.708   1.00 28.38 ? 2012 HOH A O   1 
HETATM 1298 O O   . HOH C 3 .   ? 9.654   12.118  -4.041  1.00 29.43 ? 2013 HOH A O   1 
HETATM 1299 O O   . HOH C 3 .   ? 7.758   15.101  -7.335  1.00 30.67 ? 2014 HOH A O   1 
HETATM 1300 O O   . HOH C 3 .   ? 5.557   18.107  -0.764  1.00 27.68 ? 2015 HOH A O   1 
HETATM 1301 O O   . HOH C 3 .   ? -3.336  -6.337  -6.606  1.00 34.26 ? 2016 HOH A O   1 
HETATM 1302 O O   . HOH C 3 .   ? -0.726  18.975  2.799   1.00 28.84 ? 2017 HOH A O   1 
HETATM 1303 O O   . HOH C 3 .   ? -1.587  21.133  1.775   1.00 32.28 ? 2018 HOH A O   1 
HETATM 1304 O O   . HOH C 3 .   ? -2.366  -8.758  -5.886  1.00 35.88 ? 2019 HOH A O   1 
HETATM 1305 O O   . HOH C 3 .   ? 0.325   18.436  -6.186  1.00 23.37 ? 2020 HOH A O   1 
HETATM 1306 O O   . HOH C 3 .   ? 4.650   18.112  -9.537  1.00 38.20 ? 2021 HOH A O   1 
HETATM 1307 O O   . HOH C 3 .   ? 2.031   18.211  -10.268 0.50 30.57 ? 2022 HOH A O   1 
HETATM 1308 O O   . HOH C 3 .   ? 16.483  -6.807  -0.200  1.00 40.40 ? 2023 HOH A O   1 
HETATM 1309 O O   . HOH C 3 .   ? -2.156  -3.208  -10.335 1.00 32.24 ? 2024 HOH A O   1 
HETATM 1310 O O   . HOH C 3 .   ? -7.067  -1.288  -12.870 1.00 59.05 ? 2025 HOH A O   1 
HETATM 1311 O O   . HOH C 3 .   ? 12.493  3.776   -16.074 1.00 31.16 ? 2026 HOH A O   1 
HETATM 1312 O O   . HOH C 3 .   ? -10.483 -2.172  -5.568  1.00 27.69 ? 2027 HOH A O   1 
HETATM 1313 O O   . HOH C 3 .   ? -13.012 -18.583 9.337   1.00 44.93 ? 2028 HOH A O   1 
HETATM 1314 O O   . HOH C 3 .   ? -13.032 6.976   -7.531  1.00 22.48 ? 2029 HOH A O   1 
HETATM 1315 O O   . HOH C 3 .   ? -13.551 2.004   -2.963  1.00 25.01 ? 2030 HOH A O   1 
HETATM 1316 O O   . HOH C 3 .   ? -13.679 2.707   -0.405  1.00 21.87 ? 2031 HOH A O   1 
HETATM 1317 O O   . HOH C 3 .   ? -6.507  2.266   -0.457  1.00 9.20  ? 2032 HOH A O   1 
HETATM 1318 O O   . HOH C 3 .   ? -7.848  -1.262  -5.580  1.00 18.97 ? 2033 HOH A O   1 
HETATM 1319 O O   . HOH C 3 .   ? -2.972  2.463   0.238   1.00 14.11 ? 2034 HOH A O   1 
HETATM 1320 O O   . HOH C 3 .   ? -1.582  -4.932  -8.301  1.00 23.49 ? 2035 HOH A O   1 
HETATM 1321 O O   . HOH C 3 .   ? 3.006   -8.850  -8.870  1.00 20.65 ? 2036 HOH A O   1 
HETATM 1322 O O   . HOH C 3 .   ? -0.124  -8.865  -8.062  1.00 21.99 ? 2037 HOH A O   1 
HETATM 1323 O O   . HOH C 3 .   ? 5.641   -15.886 -9.184  1.00 38.23 ? 2038 HOH A O   1 
HETATM 1324 O O   . HOH C 3 .   ? 8.274   -15.877 -11.295 1.00 38.48 ? 2039 HOH A O   1 
HETATM 1325 O O   . HOH C 3 .   ? -0.362  14.941  8.724   1.00 25.85 ? 2040 HOH A O   1 
HETATM 1326 O O   . HOH C 3 .   ? 15.853  -13.735 -10.770 1.00 18.27 ? 2041 HOH A O   1 
HETATM 1327 O O   . HOH C 3 .   ? 11.493  -8.195  -10.517 1.00 22.50 ? 2042 HOH A O   1 
HETATM 1328 O O   . HOH C 3 .   ? -13.989 2.975   5.358   1.00 29.78 ? 2043 HOH A O   1 
HETATM 1329 O O   . HOH C 3 .   ? 16.551  -6.465  -2.975  1.00 28.47 ? 2044 HOH A O   1 
HETATM 1330 O O   . HOH C 3 .   ? -5.545  -5.601  -5.165  1.00 30.61 ? 2045 HOH A O   1 
HETATM 1331 O O   . HOH C 3 .   ? 13.767  -7.115  -0.091  1.00 18.67 ? 2046 HOH A O   1 
HETATM 1332 O O   . HOH C 3 .   ? -3.539  2.474   16.246  1.00 37.42 ? 2047 HOH A O   1 
HETATM 1333 O O   . HOH C 3 .   ? -3.753  6.542   15.719  1.00 34.68 ? 2048 HOH A O   1 
HETATM 1334 O O   . HOH C 3 .   ? 15.601  -3.797  -5.293  1.00 23.58 ? 2049 HOH A O   1 
HETATM 1335 O O   . HOH C 3 .   ? 12.383  -4.504  -9.620  1.00 25.38 ? 2050 HOH A O   1 
HETATM 1336 O O   . HOH C 3 .   ? 17.762  -8.129  -6.056  1.00 22.62 ? 2051 HOH A O   1 
HETATM 1337 O O   . HOH C 3 .   ? 10.100  1.737   -9.053  1.00 14.69 ? 2052 HOH A O   1 
HETATM 1338 O O   . HOH C 3 .   ? 12.805  1.772   -8.766  1.00 16.57 ? 2053 HOH A O   1 
HETATM 1339 O O   . HOH C 3 .   ? 16.462  3.551   -9.657  1.00 33.16 ? 2054 HOH A O   1 
HETATM 1340 O O   . HOH C 3 .   ? -20.526 -6.808  7.958   1.00 21.47 ? 2055 HOH A O   1 
HETATM 1341 O O   . HOH C 3 .   ? -16.255 -8.758  -1.873  1.00 32.61 ? 2056 HOH A O   1 
HETATM 1342 O O   . HOH C 3 .   ? -0.167  -6.743  -9.642  1.00 28.08 ? 2057 HOH A O   1 
HETATM 1343 O O   . HOH C 3 .   ? 4.632   2.292   -16.552 1.00 39.39 ? 2058 HOH A O   1 
HETATM 1344 O O   . HOH C 3 .   ? 9.279   -2.844  -14.665 1.00 45.09 ? 2059 HOH A O   1 
HETATM 1345 O O   . HOH C 3 .   ? -0.352  -1.494  -14.898 1.00 27.92 ? 2060 HOH A O   1 
HETATM 1346 O O   . HOH C 3 .   ? 8.110   -5.163  -15.197 1.00 32.47 ? 2061 HOH A O   1 
HETATM 1347 O O   . HOH C 3 .   ? 10.965  7.694   -12.508 1.00 29.82 ? 2062 HOH A O   1 
HETATM 1348 O O   . HOH C 3 .   ? 14.687  6.238   -14.873 1.00 49.69 ? 2063 HOH A O   1 
HETATM 1349 O O   . HOH C 3 .   ? 18.981  5.464   -8.790  1.00 39.74 ? 2064 HOH A O   1 
HETATM 1350 O O   . HOH C 3 .   ? 16.429  1.935   0.120   1.00 30.90 ? 2065 HOH A O   1 
HETATM 1351 O O   . HOH C 3 .   ? 13.262  8.061   0.199   1.00 21.24 ? 2066 HOH A O   1 
HETATM 1352 O O   . HOH C 3 .   ? 14.068  -0.173  4.979   1.00 30.72 ? 2067 HOH A O   1 
HETATM 1353 O O   . HOH C 3 .   ? 12.163  -6.141  2.122   1.00 25.03 ? 2068 HOH A O   1 
HETATM 1354 O O   . HOH C 3 .   ? 1.965   -7.967  11.174  1.00 26.00 ? 2069 HOH A O   1 
HETATM 1355 O O   . HOH C 3 .   ? 7.293   -11.918 5.718   1.00 28.06 ? 2070 HOH A O   1 
HETATM 1356 O O   . HOH C 3 .   ? -10.534 -16.590 7.566   1.00 29.80 ? 2071 HOH A O   1 
HETATM 1357 O O   . HOH C 3 .   ? -7.875  -14.905 4.792   1.00 14.95 ? 2072 HOH A O   1 
HETATM 1358 O O   . HOH C 3 .   ? -14.815 -11.966 2.822   1.00 20.76 ? 2073 HOH A O   1 
HETATM 1359 O O   . HOH C 3 .   ? -12.614 -18.390 -0.171  1.00 33.60 ? 2074 HOH A O   1 
HETATM 1360 O O   . HOH C 3 .   ? -15.031 -17.581 8.013   1.00 34.61 ? 2075 HOH A O   1 
HETATM 1361 O O   . HOH C 3 .   ? -16.471 -19.192 2.521   1.00 35.87 ? 2076 HOH A O   1 
HETATM 1362 O O   . HOH C 3 .   ? -12.225 -15.976 -0.873  1.00 34.33 ? 2077 HOH A O   1 
HETATM 1363 O O   . HOH C 3 .   ? -5.478  -14.090 0.779   1.00 32.03 ? 2078 HOH A O   1 
HETATM 1364 O O   . HOH C 3 .   ? -7.754  -9.072  -2.802  1.00 48.61 ? 2079 HOH A O   1 
HETATM 1365 O O   . HOH C 3 .   ? -5.128  -7.493  -3.290  1.00 28.70 ? 2080 HOH A O   1 
HETATM 1366 O O   . HOH C 3 .   ? 10.709  8.395   3.061   1.00 38.29 ? 2081 HOH A O   1 
HETATM 1367 O O   . HOH C 3 .   ? 11.701  13.121  -5.578  1.00 36.57 ? 2082 HOH A O   1 
HETATM 1368 O O   . HOH C 3 .   ? 13.530  12.000  -14.832 1.00 31.53 ? 2083 HOH A O   1 
HETATM 1369 O O   . HOH C 3 .   ? 12.706  8.755   -15.391 1.00 37.08 ? 2084 HOH A O   1 
HETATM 1370 O O   . HOH C 3 .   ? 6.960   14.042  -9.669  1.00 29.33 ? 2085 HOH A O   1 
HETATM 1371 O O   . HOH C 3 .   ? 0.354   12.250  -15.493 1.00 28.71 ? 2086 HOH A O   1 
HETATM 1372 O O   . HOH C 3 .   ? -3.196  10.138  -15.956 1.00 18.71 ? 2087 HOH A O   1 
HETATM 1373 O O   . HOH C 3 .   ? -8.211  5.957   -20.226 1.00 37.32 ? 2088 HOH A O   1 
HETATM 1374 O O   . HOH C 3 .   ? -2.755  15.479  -9.596  1.00 25.60 ? 2089 HOH A O   1 
HETATM 1375 O O   . HOH C 3 .   ? 2.555   15.317  -11.530 1.00 30.59 ? 2090 HOH A O   1 
HETATM 1376 O O   . HOH C 3 .   ? 4.892   15.584  -10.524 1.00 32.69 ? 2091 HOH A O   1 
HETATM 1377 O O   . HOH C 3 .   ? -5.520  17.269  -2.946  1.00 19.90 ? 2092 HOH A O   1 
HETATM 1378 O O   . HOH C 3 .   ? -2.357  16.453  7.247   1.00 34.40 ? 2093 HOH A O   1 
HETATM 1379 O O   . HOH C 3 .   ? -7.026  22.161  1.405   1.00 24.10 ? 2094 HOH A O   1 
HETATM 1380 O O   . HOH C 3 .   ? -5.917  20.673  -0.271  1.00 49.00 ? 2095 HOH A O   1 
HETATM 1381 O O   . HOH C 3 .   ? -4.083  21.629  1.153   1.00 33.52 ? 2096 HOH A O   1 
HETATM 1382 O O   . HOH C 3 .   ? -9.523  13.521  -1.324  1.00 15.37 ? 2097 HOH A O   1 
HETATM 1383 O O   . HOH C 3 .   ? -9.828  4.268   4.276   1.00 9.43  ? 2098 HOH A O   1 
HETATM 1384 O O   . HOH C 3 .   ? -13.044 2.914   2.934   1.00 26.07 ? 2099 HOH A O   1 
HETATM 1385 O O   . HOH C 3 .   ? -15.321 4.411   -2.831  1.00 37.64 ? 2100 HOH A O   1 
HETATM 1386 O O   . HOH C 3 .   ? -5.995  -2.999  -4.483  1.00 20.85 ? 2101 HOH A O   1 
HETATM 1387 O O   . HOH C 3 .   ? -12.259 2.469   7.503   1.00 19.36 ? 2102 HOH A O   1 
HETATM 1388 O O   . HOH C 3 .   ? -8.008  8.038   8.972   1.00 23.99 ? 2103 HOH A O   1 
HETATM 1389 O O   . HOH C 3 .   ? -4.678  4.774   13.999  1.00 23.63 ? 2104 HOH A O   1 
HETATM 1390 O O   . HOH C 3 .   ? -13.830 0.776   9.331   1.00 20.71 ? 2105 HOH A O   1 
HETATM 1391 O O   . HOH C 3 .   ? 6.345   7.483   7.146   1.00 35.66 ? 2106 HOH A O   1 
HETATM 1392 O O   . HOH C 3 .   ? 7.113   5.746   9.120   1.00 26.59 ? 2107 HOH A O   1 
HETATM 1393 O O   . HOH C 3 .   ? 1.833   4.479   18.781  1.00 51.16 ? 2108 HOH A O   1 
HETATM 1394 O O   . HOH C 3 .   ? 8.083   3.603   15.156  1.00 27.84 ? 2109 HOH A O   1 
HETATM 1395 O O   . HOH C 3 .   ? 5.085   -7.732  16.537  1.00 30.63 ? 2110 HOH A O   1 
HETATM 1396 O O   . HOH C 3 .   ? -9.961  -12.012 13.896  1.00 19.62 ? 2111 HOH A O   1 
HETATM 1397 O O   . HOH C 3 .   ? -10.553 -15.469 13.538  1.00 31.54 ? 2112 HOH A O   1 
HETATM 1398 O O   . HOH C 3 .   ? -17.629 -5.547  2.692   1.00 26.58 ? 2113 HOH A O   1 
HETATM 1399 O O   . HOH C 3 .   ? -20.516 -13.143 6.272   1.00 28.96 ? 2114 HOH A O   1 
HETATM 1400 O O   . HOH C 3 .   ? -19.933 -9.342  8.185   1.00 22.71 ? 2115 HOH A O   1 
HETATM 1401 O O   . HOH C 3 .   ? -17.299 -6.530  -0.465  1.00 33.97 ? 2116 HOH A O   1 
HETATM 1402 O O   . HOH C 3 .   ? -10.057 -4.860  -6.241  1.00 28.56 ? 2117 HOH A O   1 
HETATM 1403 O O   . HOH C 3 .   ? -20.966 -6.132  5.252   1.00 41.38 ? 2118 HOH A O   1 
HETATM 1404 O O   . HOH C 3 .   ? -15.240 -1.192  8.171   1.00 20.34 ? 2119 HOH A O   1 
HETATM 1405 O O   . HOH C 3 .   ? -9.351  -7.187  18.822  1.00 23.81 ? 2120 HOH A O   1 
HETATM 1406 O O   . HOH C 3 .   ? -6.993  -8.423  16.316  1.00 17.11 ? 2121 HOH A O   1 
HETATM 1407 O O   . HOH C 3 .   ? -9.409  -11.103 17.871  1.00 16.56 ? 2122 HOH A O   1 
HETATM 1408 O O   . HOH C 3 .   ? -7.008  -5.432  19.019  1.00 25.57 ? 2123 HOH A O   1 
HETATM 1409 O O   . HOH C 3 .   ? -5.448  0.985   17.363  1.00 31.70 ? 2124 HOH A O   1 
HETATM 1410 O O   . HOH C 3 .   ? -4.914  -8.177  19.491  1.00 27.69 ? 2125 HOH A O   1 
HETATM 1411 O O   . HOH C 3 .   ? -4.807  -1.816  17.802  1.00 14.64 ? 2126 HOH A O   1 
HETATM 1412 O O   . HOH C 3 .   ? -2.652  -0.628  19.570  1.00 19.18 ? 2127 HOH A O   1 
HETATM 1413 O O   . HOH C 3 .   ? 9.431   -2.466  19.017  1.00 28.60 ? 2128 HOH A O   1 
# 
